data_3C5K
# 
_entry.id   3C5K 
# 
_audit_conform.dict_name       mmcif_pdbx.dic 
_audit_conform.dict_version    5.387 
_audit_conform.dict_location   http://mmcif.pdb.org/dictionaries/ascii/mmcif_pdbx.dic 
# 
loop_
_database_2.database_id 
_database_2.database_code 
_database_2.pdbx_database_accession 
_database_2.pdbx_DOI 
PDB   3C5K         pdb_00003c5k 10.2210/pdb3c5k/pdb 
RCSB  RCSB046368   ?            ?                   
WWPDB D_1000046368 ?            ?                   
# 
loop_
_pdbx_audit_revision_history.ordinal 
_pdbx_audit_revision_history.data_content_type 
_pdbx_audit_revision_history.major_revision 
_pdbx_audit_revision_history.minor_revision 
_pdbx_audit_revision_history.revision_date 
1 'Structure model' 1 0 2008-02-19 
2 'Structure model' 1 1 2011-07-13 
3 'Structure model' 1 2 2024-02-21 
# 
_pdbx_audit_revision_details.ordinal             1 
_pdbx_audit_revision_details.revision_ordinal    1 
_pdbx_audit_revision_details.data_content_type   'Structure model' 
_pdbx_audit_revision_details.provider            repository 
_pdbx_audit_revision_details.type                'Initial release' 
_pdbx_audit_revision_details.description         ? 
_pdbx_audit_revision_details.details             ? 
# 
loop_
_pdbx_audit_revision_group.ordinal 
_pdbx_audit_revision_group.revision_ordinal 
_pdbx_audit_revision_group.data_content_type 
_pdbx_audit_revision_group.group 
1 2 'Structure model' 'Version format compliance' 
2 3 'Structure model' 'Data collection'           
3 3 'Structure model' 'Database references'       
4 3 'Structure model' 'Derived calculations'      
# 
loop_
_pdbx_audit_revision_category.ordinal 
_pdbx_audit_revision_category.revision_ordinal 
_pdbx_audit_revision_category.data_content_type 
_pdbx_audit_revision_category.category 
1 3 'Structure model' chem_comp_atom     
2 3 'Structure model' chem_comp_bond     
3 3 'Structure model' database_2         
4 3 'Structure model' struct_ref_seq_dif 
5 3 'Structure model' struct_site        
# 
loop_
_pdbx_audit_revision_item.ordinal 
_pdbx_audit_revision_item.revision_ordinal 
_pdbx_audit_revision_item.data_content_type 
_pdbx_audit_revision_item.item 
1 3 'Structure model' '_database_2.pdbx_DOI'                
2 3 'Structure model' '_database_2.pdbx_database_accession' 
3 3 'Structure model' '_struct_ref_seq_dif.details'         
4 3 'Structure model' '_struct_site.pdbx_auth_asym_id'      
5 3 'Structure model' '_struct_site.pdbx_auth_comp_id'      
6 3 'Structure model' '_struct_site.pdbx_auth_seq_id'       
# 
_pdbx_database_status.status_code                     REL 
_pdbx_database_status.entry_id                        3C5K 
_pdbx_database_status.recvd_initial_deposition_date   2008-01-31 
_pdbx_database_status.deposit_site                    RCSB 
_pdbx_database_status.process_site                    RCSB 
_pdbx_database_status.status_code_sf                  REL 
_pdbx_database_status.status_code_mr                  ? 
_pdbx_database_status.SG_entry                        Y 
_pdbx_database_status.pdb_format_compatible           Y 
_pdbx_database_status.status_code_cs                  ? 
_pdbx_database_status.status_code_nmr_data            ? 
_pdbx_database_status.methods_development_category    ? 
# 
loop_
_audit_author.name 
_audit_author.pdbx_ordinal 
'Dong, A.'                             1  
'Ravichandran, M.'                     2  
'Schuetz, A.'                          3  
'Loppnau, P.'                          4  
'Li, Y.'                               5  
'MacKenzie, F.'                        6  
'Kozieradzki, I.'                      7  
'Edwards, A.M.'                        8  
'Arrowsmith, C.H.'                     9  
'Weigelt, J.'                          10 
'Bountra, C.'                          11 
'Bochkarev, A.'                        12 
'Dhe-Paganon, S.'                      13 
'Min, J.'                              14 
'Ouyang, H.'                           15 
'Structural Genomics Consortium (SGC)' 16 
# 
_citation.id                        primary 
_citation.title                     'Crystal Structure of Human HDAC6 zinc finger domain.' 
_citation.journal_abbrev            'To be Published' 
_citation.journal_volume            ? 
_citation.page_first                ? 
_citation.page_last                 ? 
_citation.year                      ? 
_citation.journal_id_ASTM           ? 
_citation.country                   ? 
_citation.journal_id_ISSN           ? 
_citation.journal_id_CSD            0353 
_citation.book_publisher            ? 
_citation.pdbx_database_id_PubMed   ? 
_citation.pdbx_database_id_DOI      ? 
# 
loop_
_citation_author.citation_id 
_citation_author.name 
_citation_author.ordinal 
_citation_author.identifier_ORCID 
primary 'Dong, A.'         1  ? 
primary 'Ravichandran, M.' 2  ? 
primary 'Schuetz, A.'      3  ? 
primary 'Loppnau, P.'      4  ? 
primary 'Li, Y.'           5  ? 
primary 'MacKenzie, F.'    6  ? 
primary 'Kozieradzki, I.'  7  ? 
primary 'Edwards, A.M.'    8  ? 
primary 'Arrowsmith, C.H.' 9  ? 
primary 'Weigelt, J.'      10 ? 
primary 'Bountra, C.'      11 ? 
primary 'Bochkarev, A.'    12 ? 
primary 'Dhe-Paganon, S.'  13 ? 
primary 'Min, J.'          14 ? 
primary 'Ouyang, H.'       15 ? 
# 
loop_
_entity.id 
_entity.type 
_entity.src_method 
_entity.pdbx_description 
_entity.formula_weight 
_entity.pdbx_number_of_molecules 
_entity.pdbx_ec 
_entity.pdbx_mutation 
_entity.pdbx_fragment 
_entity.details 
1 polymer     man 'Histone deacetylase 6' 12167.869 1   ? ? 'Residues 1109-1215' ? 
2 non-polymer syn 'ZINC ION'              65.409    3   ? ? ?                    ? 
3 water       nat water                   18.015    156 ? ? ?                    ? 
# 
_entity_name_com.entity_id   1 
_entity_name_com.name        HD6 
# 
_entity_poly.entity_id                      1 
_entity_poly.type                           'polypeptide(L)' 
_entity_poly.nstd_linkage                   no 
_entity_poly.nstd_monomer                   no 
_entity_poly.pdbx_seq_one_letter_code       
;GSPLPWCPHLVAVCPIPAAGLDVTQPCGDCGTIQENWVCLSCYQVYCGRYINGHMLQHHGNSGHPLVLSYIDLSAWCYYC
QAYVHHQALLDVKNIAHQNKFGEDMPHPH
;
_entity_poly.pdbx_seq_one_letter_code_can   
;GSPLPWCPHLVAVCPIPAAGLDVTQPCGDCGTIQENWVCLSCYQVYCGRYINGHMLQHHGNSGHPLVLSYIDLSAWCYYC
QAYVHHQALLDVKNIAHQNKFGEDMPHPH
;
_entity_poly.pdbx_strand_id                 A 
_entity_poly.pdbx_target_identifier         ? 
# 
loop_
_pdbx_entity_nonpoly.entity_id 
_pdbx_entity_nonpoly.name 
_pdbx_entity_nonpoly.comp_id 
2 'ZINC ION' ZN  
3 water      HOH 
# 
loop_
_entity_poly_seq.entity_id 
_entity_poly_seq.num 
_entity_poly_seq.mon_id 
_entity_poly_seq.hetero 
1 1   GLY n 
1 2   SER n 
1 3   PRO n 
1 4   LEU n 
1 5   PRO n 
1 6   TRP n 
1 7   CYS n 
1 8   PRO n 
1 9   HIS n 
1 10  LEU n 
1 11  VAL n 
1 12  ALA n 
1 13  VAL n 
1 14  CYS n 
1 15  PRO n 
1 16  ILE n 
1 17  PRO n 
1 18  ALA n 
1 19  ALA n 
1 20  GLY n 
1 21  LEU n 
1 22  ASP n 
1 23  VAL n 
1 24  THR n 
1 25  GLN n 
1 26  PRO n 
1 27  CYS n 
1 28  GLY n 
1 29  ASP n 
1 30  CYS n 
1 31  GLY n 
1 32  THR n 
1 33  ILE n 
1 34  GLN n 
1 35  GLU n 
1 36  ASN n 
1 37  TRP n 
1 38  VAL n 
1 39  CYS n 
1 40  LEU n 
1 41  SER n 
1 42  CYS n 
1 43  TYR n 
1 44  GLN n 
1 45  VAL n 
1 46  TYR n 
1 47  CYS n 
1 48  GLY n 
1 49  ARG n 
1 50  TYR n 
1 51  ILE n 
1 52  ASN n 
1 53  GLY n 
1 54  HIS n 
1 55  MET n 
1 56  LEU n 
1 57  GLN n 
1 58  HIS n 
1 59  HIS n 
1 60  GLY n 
1 61  ASN n 
1 62  SER n 
1 63  GLY n 
1 64  HIS n 
1 65  PRO n 
1 66  LEU n 
1 67  VAL n 
1 68  LEU n 
1 69  SER n 
1 70  TYR n 
1 71  ILE n 
1 72  ASP n 
1 73  LEU n 
1 74  SER n 
1 75  ALA n 
1 76  TRP n 
1 77  CYS n 
1 78  TYR n 
1 79  TYR n 
1 80  CYS n 
1 81  GLN n 
1 82  ALA n 
1 83  TYR n 
1 84  VAL n 
1 85  HIS n 
1 86  HIS n 
1 87  GLN n 
1 88  ALA n 
1 89  LEU n 
1 90  LEU n 
1 91  ASP n 
1 92  VAL n 
1 93  LYS n 
1 94  ASN n 
1 95  ILE n 
1 96  ALA n 
1 97  HIS n 
1 98  GLN n 
1 99  ASN n 
1 100 LYS n 
1 101 PHE n 
1 102 GLY n 
1 103 GLU n 
1 104 ASP n 
1 105 MET n 
1 106 PRO n 
1 107 HIS n 
1 108 PRO n 
1 109 HIS n 
# 
_entity_src_gen.entity_id                          1 
_entity_src_gen.pdbx_src_id                        1 
_entity_src_gen.pdbx_alt_source_flag               sample 
_entity_src_gen.pdbx_seq_type                      ? 
_entity_src_gen.pdbx_beg_seq_num                   ? 
_entity_src_gen.pdbx_end_seq_num                   ? 
_entity_src_gen.gene_src_common_name               human 
_entity_src_gen.gene_src_genus                     Homo 
_entity_src_gen.pdbx_gene_src_gene                 HDAC6 
_entity_src_gen.gene_src_species                   ? 
_entity_src_gen.gene_src_strain                    ? 
_entity_src_gen.gene_src_tissue                    ? 
_entity_src_gen.gene_src_tissue_fraction           ? 
_entity_src_gen.gene_src_details                   ? 
_entity_src_gen.pdbx_gene_src_fragment             ? 
_entity_src_gen.pdbx_gene_src_scientific_name      'Homo sapiens' 
_entity_src_gen.pdbx_gene_src_ncbi_taxonomy_id     9606 
_entity_src_gen.pdbx_gene_src_variant              ? 
_entity_src_gen.pdbx_gene_src_cell_line            ? 
_entity_src_gen.pdbx_gene_src_atcc                 ? 
_entity_src_gen.pdbx_gene_src_organ                ? 
_entity_src_gen.pdbx_gene_src_organelle            ? 
_entity_src_gen.pdbx_gene_src_cell                 ? 
_entity_src_gen.pdbx_gene_src_cellular_location    ? 
_entity_src_gen.host_org_common_name               ? 
_entity_src_gen.pdbx_host_org_scientific_name      'Escherichia coli' 
_entity_src_gen.pdbx_host_org_ncbi_taxonomy_id     562 
_entity_src_gen.host_org_genus                     Escherichia 
_entity_src_gen.pdbx_host_org_gene                 ? 
_entity_src_gen.pdbx_host_org_organ                ? 
_entity_src_gen.host_org_species                   ? 
_entity_src_gen.pdbx_host_org_tissue               ? 
_entity_src_gen.pdbx_host_org_tissue_fraction      ? 
_entity_src_gen.pdbx_host_org_strain               'BL21 Rosetta-R3' 
_entity_src_gen.pdbx_host_org_variant              ? 
_entity_src_gen.pdbx_host_org_cell_line            ? 
_entity_src_gen.pdbx_host_org_atcc                 ? 
_entity_src_gen.pdbx_host_org_culture_collection   ? 
_entity_src_gen.pdbx_host_org_cell                 ? 
_entity_src_gen.pdbx_host_org_organelle            ? 
_entity_src_gen.pdbx_host_org_cellular_location    ? 
_entity_src_gen.pdbx_host_org_vector_type          Plasmid 
_entity_src_gen.pdbx_host_org_vector               ? 
_entity_src_gen.host_org_details                   ? 
_entity_src_gen.expression_system_id               ? 
_entity_src_gen.plasmid_name                       pET15-MHL 
_entity_src_gen.plasmid_details                    ? 
_entity_src_gen.pdbx_description                   ? 
# 
loop_
_chem_comp.id 
_chem_comp.type 
_chem_comp.mon_nstd_flag 
_chem_comp.name 
_chem_comp.pdbx_synonyms 
_chem_comp.formula 
_chem_comp.formula_weight 
ALA 'L-peptide linking' y ALANINE         ? 'C3 H7 N O2'     89.093  
ARG 'L-peptide linking' y ARGININE        ? 'C6 H15 N4 O2 1' 175.209 
ASN 'L-peptide linking' y ASPARAGINE      ? 'C4 H8 N2 O3'    132.118 
ASP 'L-peptide linking' y 'ASPARTIC ACID' ? 'C4 H7 N O4'     133.103 
CYS 'L-peptide linking' y CYSTEINE        ? 'C3 H7 N O2 S'   121.158 
GLN 'L-peptide linking' y GLUTAMINE       ? 'C5 H10 N2 O3'   146.144 
GLU 'L-peptide linking' y 'GLUTAMIC ACID' ? 'C5 H9 N O4'     147.129 
GLY 'peptide linking'   y GLYCINE         ? 'C2 H5 N O2'     75.067  
HIS 'L-peptide linking' y HISTIDINE       ? 'C6 H10 N3 O2 1' 156.162 
HOH non-polymer         . WATER           ? 'H2 O'           18.015  
ILE 'L-peptide linking' y ISOLEUCINE      ? 'C6 H13 N O2'    131.173 
LEU 'L-peptide linking' y LEUCINE         ? 'C6 H13 N O2'    131.173 
LYS 'L-peptide linking' y LYSINE          ? 'C6 H15 N2 O2 1' 147.195 
MET 'L-peptide linking' y METHIONINE      ? 'C5 H11 N O2 S'  149.211 
PHE 'L-peptide linking' y PHENYLALANINE   ? 'C9 H11 N O2'    165.189 
PRO 'L-peptide linking' y PROLINE         ? 'C5 H9 N O2'     115.130 
SER 'L-peptide linking' y SERINE          ? 'C3 H7 N O3'     105.093 
THR 'L-peptide linking' y THREONINE       ? 'C4 H9 N O3'     119.119 
TRP 'L-peptide linking' y TRYPTOPHAN      ? 'C11 H12 N2 O2'  204.225 
TYR 'L-peptide linking' y TYROSINE        ? 'C9 H11 N O3'    181.189 
VAL 'L-peptide linking' y VALINE          ? 'C5 H11 N O2'    117.146 
ZN  non-polymer         . 'ZINC ION'      ? 'Zn 2'           65.409  
# 
loop_
_pdbx_poly_seq_scheme.asym_id 
_pdbx_poly_seq_scheme.entity_id 
_pdbx_poly_seq_scheme.seq_id 
_pdbx_poly_seq_scheme.mon_id 
_pdbx_poly_seq_scheme.ndb_seq_num 
_pdbx_poly_seq_scheme.pdb_seq_num 
_pdbx_poly_seq_scheme.auth_seq_num 
_pdbx_poly_seq_scheme.pdb_mon_id 
_pdbx_poly_seq_scheme.auth_mon_id 
_pdbx_poly_seq_scheme.pdb_strand_id 
_pdbx_poly_seq_scheme.pdb_ins_code 
_pdbx_poly_seq_scheme.hetero 
A 1 1   GLY 1   -1  ?   ?   ?   A . n 
A 1 2   SER 2   0   0   SER SER A . n 
A 1 3   PRO 3   1   1   PRO PRO A . n 
A 1 4   LEU 4   2   2   LEU LEU A . n 
A 1 5   PRO 5   3   3   PRO PRO A . n 
A 1 6   TRP 6   4   4   TRP TRP A . n 
A 1 7   CYS 7   5   5   CYS CYS A . n 
A 1 8   PRO 8   6   6   PRO PRO A . n 
A 1 9   HIS 9   7   7   HIS HIS A . n 
A 1 10  LEU 10  8   8   LEU LEU A . n 
A 1 11  VAL 11  9   9   VAL VAL A . n 
A 1 12  ALA 12  10  10  ALA ALA A . n 
A 1 13  VAL 13  11  11  VAL VAL A . n 
A 1 14  CYS 14  12  12  CYS CYS A . n 
A 1 15  PRO 15  13  13  PRO PRO A . n 
A 1 16  ILE 16  14  14  ILE ILE A . n 
A 1 17  PRO 17  15  15  PRO PRO A . n 
A 1 18  ALA 18  16  16  ALA ALA A . n 
A 1 19  ALA 19  17  17  ALA ALA A . n 
A 1 20  GLY 20  18  18  GLY GLY A . n 
A 1 21  LEU 21  19  19  LEU LEU A . n 
A 1 22  ASP 22  20  20  ASP ASP A . n 
A 1 23  VAL 23  21  21  VAL VAL A . n 
A 1 24  THR 24  22  22  THR THR A . n 
A 1 25  GLN 25  23  23  GLN GLN A . n 
A 1 26  PRO 26  24  24  PRO PRO A . n 
A 1 27  CYS 27  25  25  CYS CYS A . n 
A 1 28  GLY 28  26  26  GLY GLY A . n 
A 1 29  ASP 29  27  27  ASP ASP A . n 
A 1 30  CYS 30  28  28  CYS CYS A . n 
A 1 31  GLY 31  29  29  GLY GLY A . n 
A 1 32  THR 32  30  30  THR THR A . n 
A 1 33  ILE 33  31  31  ILE ILE A . n 
A 1 34  GLN 34  32  32  GLN GLN A . n 
A 1 35  GLU 35  33  33  GLU GLU A . n 
A 1 36  ASN 36  34  34  ASN ASN A . n 
A 1 37  TRP 37  35  35  TRP TRP A . n 
A 1 38  VAL 38  36  36  VAL VAL A . n 
A 1 39  CYS 39  37  37  CYS CYS A . n 
A 1 40  LEU 40  38  38  LEU LEU A . n 
A 1 41  SER 41  39  39  SER SER A . n 
A 1 42  CYS 42  40  40  CYS CYS A . n 
A 1 43  TYR 43  41  41  TYR TYR A . n 
A 1 44  GLN 44  42  42  GLN GLN A . n 
A 1 45  VAL 45  43  43  VAL VAL A . n 
A 1 46  TYR 46  44  44  TYR TYR A . n 
A 1 47  CYS 47  45  45  CYS CYS A . n 
A 1 48  GLY 48  46  46  GLY GLY A . n 
A 1 49  ARG 49  47  47  ARG ARG A . n 
A 1 50  TYR 50  48  48  TYR TYR A . n 
A 1 51  ILE 51  49  49  ILE ILE A . n 
A 1 52  ASN 52  50  50  ASN ASN A . n 
A 1 53  GLY 53  51  51  GLY GLY A . n 
A 1 54  HIS 54  52  52  HIS HIS A . n 
A 1 55  MET 55  53  53  MET MET A . n 
A 1 56  LEU 56  54  54  LEU LEU A . n 
A 1 57  GLN 57  55  55  GLN GLN A . n 
A 1 58  HIS 58  56  56  HIS HIS A . n 
A 1 59  HIS 59  57  57  HIS HIS A . n 
A 1 60  GLY 60  58  58  GLY GLY A . n 
A 1 61  ASN 61  59  59  ASN ASN A . n 
A 1 62  SER 62  60  60  SER SER A . n 
A 1 63  GLY 63  61  61  GLY GLY A . n 
A 1 64  HIS 64  62  62  HIS HIS A . n 
A 1 65  PRO 65  63  63  PRO PRO A . n 
A 1 66  LEU 66  64  64  LEU LEU A . n 
A 1 67  VAL 67  65  65  VAL VAL A . n 
A 1 68  LEU 68  66  66  LEU LEU A . n 
A 1 69  SER 69  67  67  SER SER A . n 
A 1 70  TYR 70  68  68  TYR TYR A . n 
A 1 71  ILE 71  69  69  ILE ILE A . n 
A 1 72  ASP 72  70  70  ASP ASP A . n 
A 1 73  LEU 73  71  71  LEU LEU A . n 
A 1 74  SER 74  72  72  SER SER A . n 
A 1 75  ALA 75  73  73  ALA ALA A . n 
A 1 76  TRP 76  74  74  TRP TRP A . n 
A 1 77  CYS 77  75  75  CYS CYS A . n 
A 1 78  TYR 78  76  76  TYR TYR A . n 
A 1 79  TYR 79  77  77  TYR TYR A . n 
A 1 80  CYS 80  78  78  CYS CYS A . n 
A 1 81  GLN 81  79  79  GLN GLN A . n 
A 1 82  ALA 82  80  80  ALA ALA A . n 
A 1 83  TYR 83  81  81  TYR TYR A . n 
A 1 84  VAL 84  82  82  VAL VAL A . n 
A 1 85  HIS 85  83  83  HIS HIS A . n 
A 1 86  HIS 86  84  84  HIS HIS A . n 
A 1 87  GLN 87  85  85  GLN GLN A . n 
A 1 88  ALA 88  86  86  ALA ALA A . n 
A 1 89  LEU 89  87  87  LEU LEU A . n 
A 1 90  LEU 90  88  88  LEU LEU A . n 
A 1 91  ASP 91  89  89  ASP ASP A . n 
A 1 92  VAL 92  90  90  VAL VAL A . n 
A 1 93  LYS 93  91  91  LYS LYS A . n 
A 1 94  ASN 94  92  92  ASN ASN A . n 
A 1 95  ILE 95  93  93  ILE ILE A . n 
A 1 96  ALA 96  94  94  ALA ALA A . n 
A 1 97  HIS 97  95  95  HIS HIS A . n 
A 1 98  GLN 98  96  96  GLN GLN A . n 
A 1 99  ASN 99  97  97  ASN ASN A . n 
A 1 100 LYS 100 98  98  LYS LYS A . n 
A 1 101 PHE 101 99  99  PHE PHE A . n 
A 1 102 GLY 102 100 100 GLY GLY A . n 
A 1 103 GLU 103 101 101 GLU GLU A . n 
A 1 104 ASP 104 102 102 ASP ASP A . n 
A 1 105 MET 105 103 103 MET MET A . n 
A 1 106 PRO 106 104 104 PRO PRO A . n 
A 1 107 HIS 107 105 105 HIS HIS A . n 
A 1 108 PRO 108 106 106 PRO PRO A . n 
A 1 109 HIS 109 107 107 HIS HIS A . n 
# 
loop_
_pdbx_nonpoly_scheme.asym_id 
_pdbx_nonpoly_scheme.entity_id 
_pdbx_nonpoly_scheme.mon_id 
_pdbx_nonpoly_scheme.ndb_seq_num 
_pdbx_nonpoly_scheme.pdb_seq_num 
_pdbx_nonpoly_scheme.auth_seq_num 
_pdbx_nonpoly_scheme.pdb_mon_id 
_pdbx_nonpoly_scheme.auth_mon_id 
_pdbx_nonpoly_scheme.pdb_strand_id 
_pdbx_nonpoly_scheme.pdb_ins_code 
B 2 ZN  1   201 1000 ZN  ZN  A . 
C 2 ZN  1   202 1001 ZN  ZN  A . 
D 2 ZN  1   203 1002 ZN  ZN  A . 
E 3 HOH 1   204 1    HOH HOH A . 
E 3 HOH 2   205 2    HOH HOH A . 
E 3 HOH 3   206 3    HOH HOH A . 
E 3 HOH 4   207 4    HOH HOH A . 
E 3 HOH 5   208 5    HOH HOH A . 
E 3 HOH 6   209 6    HOH HOH A . 
E 3 HOH 7   210 7    HOH HOH A . 
E 3 HOH 8   211 8    HOH HOH A . 
E 3 HOH 9   212 9    HOH HOH A . 
E 3 HOH 10  213 10   HOH HOH A . 
E 3 HOH 11  214 11   HOH HOH A . 
E 3 HOH 12  215 12   HOH HOH A . 
E 3 HOH 13  216 13   HOH HOH A . 
E 3 HOH 14  217 14   HOH HOH A . 
E 3 HOH 15  218 15   HOH HOH A . 
E 3 HOH 16  219 16   HOH HOH A . 
E 3 HOH 17  220 17   HOH HOH A . 
E 3 HOH 18  221 18   HOH HOH A . 
E 3 HOH 19  222 19   HOH HOH A . 
E 3 HOH 20  223 20   HOH HOH A . 
E 3 HOH 21  224 21   HOH HOH A . 
E 3 HOH 22  225 22   HOH HOH A . 
E 3 HOH 23  226 23   HOH HOH A . 
E 3 HOH 24  227 24   HOH HOH A . 
E 3 HOH 25  228 25   HOH HOH A . 
E 3 HOH 26  229 26   HOH HOH A . 
E 3 HOH 27  230 27   HOH HOH A . 
E 3 HOH 28  231 28   HOH HOH A . 
E 3 HOH 29  232 29   HOH HOH A . 
E 3 HOH 30  233 30   HOH HOH A . 
E 3 HOH 31  234 31   HOH HOH A . 
E 3 HOH 32  235 32   HOH HOH A . 
E 3 HOH 33  236 33   HOH HOH A . 
E 3 HOH 34  237 34   HOH HOH A . 
E 3 HOH 35  238 35   HOH HOH A . 
E 3 HOH 36  239 36   HOH HOH A . 
E 3 HOH 37  240 37   HOH HOH A . 
E 3 HOH 38  241 38   HOH HOH A . 
E 3 HOH 39  242 39   HOH HOH A . 
E 3 HOH 40  243 40   HOH HOH A . 
E 3 HOH 41  244 41   HOH HOH A . 
E 3 HOH 42  245 42   HOH HOH A . 
E 3 HOH 43  246 43   HOH HOH A . 
E 3 HOH 44  247 44   HOH HOH A . 
E 3 HOH 45  248 45   HOH HOH A . 
E 3 HOH 46  249 46   HOH HOH A . 
E 3 HOH 47  250 47   HOH HOH A . 
E 3 HOH 48  251 48   HOH HOH A . 
E 3 HOH 49  252 49   HOH HOH A . 
E 3 HOH 50  253 50   HOH HOH A . 
E 3 HOH 51  254 51   HOH HOH A . 
E 3 HOH 52  255 52   HOH HOH A . 
E 3 HOH 53  256 53   HOH HOH A . 
E 3 HOH 54  257 54   HOH HOH A . 
E 3 HOH 55  258 55   HOH HOH A . 
E 3 HOH 56  259 56   HOH HOH A . 
E 3 HOH 57  260 57   HOH HOH A . 
E 3 HOH 58  261 58   HOH HOH A . 
E 3 HOH 59  262 59   HOH HOH A . 
E 3 HOH 60  263 60   HOH HOH A . 
E 3 HOH 61  264 61   HOH HOH A . 
E 3 HOH 62  265 62   HOH HOH A . 
E 3 HOH 63  266 63   HOH HOH A . 
E 3 HOH 64  267 64   HOH HOH A . 
E 3 HOH 65  268 65   HOH HOH A . 
E 3 HOH 66  269 66   HOH HOH A . 
E 3 HOH 67  270 67   HOH HOH A . 
E 3 HOH 68  271 68   HOH HOH A . 
E 3 HOH 69  272 69   HOH HOH A . 
E 3 HOH 70  273 70   HOH HOH A . 
E 3 HOH 71  274 71   HOH HOH A . 
E 3 HOH 72  275 72   HOH HOH A . 
E 3 HOH 73  276 73   HOH HOH A . 
E 3 HOH 74  277 74   HOH HOH A . 
E 3 HOH 75  278 75   HOH HOH A . 
E 3 HOH 76  279 76   HOH HOH A . 
E 3 HOH 77  280 77   HOH HOH A . 
E 3 HOH 78  281 78   HOH HOH A . 
E 3 HOH 79  282 79   HOH HOH A . 
E 3 HOH 80  283 80   HOH HOH A . 
E 3 HOH 81  284 81   HOH HOH A . 
E 3 HOH 82  285 82   HOH HOH A . 
E 3 HOH 83  286 83   HOH HOH A . 
E 3 HOH 84  287 84   HOH HOH A . 
E 3 HOH 85  288 85   HOH HOH A . 
E 3 HOH 86  289 86   HOH HOH A . 
E 3 HOH 87  290 87   HOH HOH A . 
E 3 HOH 88  291 89   HOH HOH A . 
E 3 HOH 89  292 90   HOH HOH A . 
E 3 HOH 90  293 91   HOH HOH A . 
E 3 HOH 91  294 92   HOH HOH A . 
E 3 HOH 92  295 93   HOH HOH A . 
E 3 HOH 93  296 94   HOH HOH A . 
E 3 HOH 94  297 95   HOH HOH A . 
E 3 HOH 95  298 96   HOH HOH A . 
E 3 HOH 96  299 97   HOH HOH A . 
E 3 HOH 97  300 98   HOH HOH A . 
E 3 HOH 98  301 99   HOH HOH A . 
E 3 HOH 99  302 100  HOH HOH A . 
E 3 HOH 100 303 101  HOH HOH A . 
E 3 HOH 101 304 103  HOH HOH A . 
E 3 HOH 102 305 104  HOH HOH A . 
E 3 HOH 103 306 105  HOH HOH A . 
E 3 HOH 104 307 106  HOH HOH A . 
E 3 HOH 105 308 107  HOH HOH A . 
E 3 HOH 106 309 108  HOH HOH A . 
E 3 HOH 107 310 109  HOH HOH A . 
E 3 HOH 108 311 110  HOH HOH A . 
E 3 HOH 109 312 111  HOH HOH A . 
E 3 HOH 110 313 112  HOH HOH A . 
E 3 HOH 111 314 113  HOH HOH A . 
E 3 HOH 112 315 114  HOH HOH A . 
E 3 HOH 113 316 115  HOH HOH A . 
E 3 HOH 114 317 116  HOH HOH A . 
E 3 HOH 115 318 117  HOH HOH A . 
E 3 HOH 116 319 118  HOH HOH A . 
E 3 HOH 117 320 119  HOH HOH A . 
E 3 HOH 118 321 120  HOH HOH A . 
E 3 HOH 119 322 121  HOH HOH A . 
E 3 HOH 120 323 122  HOH HOH A . 
E 3 HOH 121 324 123  HOH HOH A . 
E 3 HOH 122 325 125  HOH HOH A . 
E 3 HOH 123 326 126  HOH HOH A . 
E 3 HOH 124 327 127  HOH HOH A . 
E 3 HOH 125 328 128  HOH HOH A . 
E 3 HOH 126 329 129  HOH HOH A . 
E 3 HOH 127 330 130  HOH HOH A . 
E 3 HOH 128 331 131  HOH HOH A . 
E 3 HOH 129 332 132  HOH HOH A . 
E 3 HOH 130 333 133  HOH HOH A . 
E 3 HOH 131 334 134  HOH HOH A . 
E 3 HOH 132 335 135  HOH HOH A . 
E 3 HOH 133 336 136  HOH HOH A . 
E 3 HOH 134 337 137  HOH HOH A . 
E 3 HOH 135 338 138  HOH HOH A . 
E 3 HOH 136 339 139  HOH HOH A . 
E 3 HOH 137 340 140  HOH HOH A . 
E 3 HOH 138 341 141  HOH HOH A . 
E 3 HOH 139 342 142  HOH HOH A . 
E 3 HOH 140 343 143  HOH HOH A . 
E 3 HOH 141 344 144  HOH HOH A . 
E 3 HOH 142 345 145  HOH HOH A . 
E 3 HOH 143 346 146  HOH HOH A . 
E 3 HOH 144 347 147  HOH HOH A . 
E 3 HOH 145 348 148  HOH HOH A . 
E 3 HOH 146 349 149  HOH HOH A . 
E 3 HOH 147 350 150  HOH HOH A . 
E 3 HOH 148 351 151  HOH HOH A . 
E 3 HOH 149 352 152  HOH HOH A . 
E 3 HOH 150 353 153  HOH HOH A . 
E 3 HOH 151 354 154  HOH HOH A . 
E 3 HOH 152 355 156  HOH HOH A . 
E 3 HOH 153 356 159  HOH HOH A . 
E 3 HOH 154 357 160  HOH HOH A . 
E 3 HOH 155 358 161  HOH HOH A . 
E 3 HOH 156 359 162  HOH HOH A . 
# 
loop_
_pdbx_unobs_or_zero_occ_atoms.id 
_pdbx_unobs_or_zero_occ_atoms.PDB_model_num 
_pdbx_unobs_or_zero_occ_atoms.polymer_flag 
_pdbx_unobs_or_zero_occ_atoms.occupancy_flag 
_pdbx_unobs_or_zero_occ_atoms.auth_asym_id 
_pdbx_unobs_or_zero_occ_atoms.auth_comp_id 
_pdbx_unobs_or_zero_occ_atoms.auth_seq_id 
_pdbx_unobs_or_zero_occ_atoms.PDB_ins_code 
_pdbx_unobs_or_zero_occ_atoms.auth_atom_id 
_pdbx_unobs_or_zero_occ_atoms.label_alt_id 
_pdbx_unobs_or_zero_occ_atoms.label_asym_id 
_pdbx_unobs_or_zero_occ_atoms.label_comp_id 
_pdbx_unobs_or_zero_occ_atoms.label_seq_id 
_pdbx_unobs_or_zero_occ_atoms.label_atom_id 
1 1 Y 1 A ILE 14  ? CD1 ? A ILE 16  CD1 
2 1 Y 1 A GLN 85  ? CD  ? A GLN 87  CD  
3 1 Y 1 A GLN 85  ? OE1 ? A GLN 87  OE1 
4 1 Y 1 A GLN 85  ? NE2 ? A GLN 87  NE2 
5 1 Y 1 A GLU 101 ? CD  ? A GLU 103 CD  
6 1 Y 1 A GLU 101 ? OE1 ? A GLU 103 OE1 
7 1 Y 1 A GLU 101 ? OE2 ? A GLU 103 OE2 
# 
loop_
_software.name 
_software.classification 
_software.version 
_software.citation_id 
_software.pdbx_ordinal 
REFMAC   refinement        5.2.0019 ? 1 
CBASS    'data collection' .        ? 2 
HKL-2000 'data reduction'  .        ? 3 
HKL-2000 'data scaling'    .        ? 4 
SOLVE    phasing           .        ? 5 
# 
_cell.entry_id           3C5K 
_cell.length_a           40.500 
_cell.length_b           45.109 
_cell.length_c           55.759 
_cell.angle_alpha        90.00 
_cell.angle_beta         90.00 
_cell.angle_gamma        90.00 
_cell.Z_PDB              4 
_cell.pdbx_unique_axis   ? 
_cell.length_a_esd       ? 
_cell.length_b_esd       ? 
_cell.length_c_esd       ? 
_cell.angle_alpha_esd    ? 
_cell.angle_beta_esd     ? 
_cell.angle_gamma_esd    ? 
# 
_symmetry.entry_id                         3C5K 
_symmetry.space_group_name_H-M             'P 21 21 21' 
_symmetry.pdbx_full_space_group_name_H-M   ? 
_symmetry.cell_setting                     ? 
_symmetry.Int_Tables_number                19 
_symmetry.space_group_name_Hall            ? 
# 
_exptl.entry_id          3C5K 
_exptl.method            'X-RAY DIFFRACTION' 
_exptl.crystals_number   1 
# 
_exptl_crystal.id                    1 
_exptl_crystal.density_meas          ? 
_exptl_crystal.density_Matthews      2.09 
_exptl_crystal.density_percent_sol   41.23 
_exptl_crystal.description           ? 
_exptl_crystal.F_000                 ? 
_exptl_crystal.preparation           ? 
# 
_exptl_crystal_grow.crystal_id      1 
_exptl_crystal_grow.method          'VAPOR DIFFUSION, SITTING DROP' 
_exptl_crystal_grow.temp            297 
_exptl_crystal_grow.temp_details    ? 
_exptl_crystal_grow.pH              7.0 
_exptl_crystal_grow.pdbx_details    
'3.5M Na formate, 100mM Bis-tris propane pH 7.0, VAPOR DIFFUSION, SITTING DROP, temperature 297K' 
_exptl_crystal_grow.pdbx_pH_range   . 
# 
_diffrn.id                     1 
_diffrn.ambient_temp           100 
_diffrn.ambient_temp_details   ? 
_diffrn.crystal_id             1 
# 
_diffrn_detector.diffrn_id              1 
_diffrn_detector.detector               CCD 
_diffrn_detector.type                   'ADSC QUANTUM 315' 
_diffrn_detector.pdbx_collection_date   2008-01-26 
_diffrn_detector.details                'Si(111)' 
# 
_diffrn_radiation.diffrn_id                        1 
_diffrn_radiation.wavelength_id                    1 
_diffrn_radiation.pdbx_monochromatic_or_laue_m_l   M 
_diffrn_radiation.monochromator                    ? 
_diffrn_radiation.pdbx_diffrn_protocol             'SINGLE WAVELENGTH' 
_diffrn_radiation.pdbx_scattering_type             x-ray 
# 
_diffrn_radiation_wavelength.id           1 
_diffrn_radiation_wavelength.wavelength   1.26000 
_diffrn_radiation_wavelength.wt           1.0 
# 
_diffrn_source.diffrn_id                   1 
_diffrn_source.source                      SYNCHROTRON 
_diffrn_source.type                        'NSLS BEAMLINE X29A' 
_diffrn_source.pdbx_synchrotron_site       NSLS 
_diffrn_source.pdbx_synchrotron_beamline   X29A 
_diffrn_source.pdbx_wavelength             ? 
_diffrn_source.pdbx_wavelength_list        1.26000 
# 
_reflns.entry_id                     3C5K 
_reflns.observed_criterion_sigma_F   0 
_reflns.observed_criterion_sigma_I   0 
_reflns.d_resolution_high            1.55 
_reflns.d_resolution_low             100 
_reflns.number_all                   15138 
_reflns.number_obs                   15138 
_reflns.percent_possible_obs         98.0 
_reflns.pdbx_Rmerge_I_obs            0.071 
_reflns.pdbx_Rsym_value              0.071 
_reflns.pdbx_netI_over_sigmaI        13.3 
_reflns.B_iso_Wilson_estimate        12.3 
_reflns.pdbx_redundancy              10.8 
_reflns.R_free_details               ? 
_reflns.limit_h_max                  ? 
_reflns.limit_h_min                  ? 
_reflns.limit_k_max                  ? 
_reflns.limit_k_min                  ? 
_reflns.limit_l_max                  ? 
_reflns.limit_l_min                  ? 
_reflns.observed_criterion_F_max     ? 
_reflns.observed_criterion_F_min     ? 
_reflns.pdbx_chi_squared             ? 
_reflns.pdbx_scaling_rejects         ? 
_reflns.pdbx_diffrn_id               1 
_reflns.pdbx_ordinal                 1 
# 
_reflns_shell.d_res_high             1.55 
_reflns_shell.d_res_low              1.61 
_reflns_shell.percent_possible_all   80.5 
_reflns_shell.Rmerge_I_obs           0.201 
_reflns_shell.pdbx_Rsym_value        0.201 
_reflns_shell.meanI_over_sigI_obs    5.84 
_reflns_shell.pdbx_redundancy        6.0 
_reflns_shell.percent_possible_obs   ? 
_reflns_shell.number_unique_all      1206 
_reflns_shell.number_measured_all    ? 
_reflns_shell.number_measured_obs    ? 
_reflns_shell.number_unique_obs      ? 
_reflns_shell.pdbx_chi_squared       ? 
_reflns_shell.pdbx_diffrn_id         ? 
_reflns_shell.pdbx_ordinal           1 
# 
_refine.entry_id                                 3C5K 
_refine.ls_number_reflns_obs                     9546 
_refine.ls_number_reflns_all                     9546 
_refine.pdbx_ls_sigma_I                          0 
_refine.pdbx_ls_sigma_F                          0 
_refine.pdbx_data_cutoff_high_absF               ? 
_refine.pdbx_data_cutoff_low_absF                ? 
_refine.pdbx_data_cutoff_high_rms_absF           ? 
_refine.ls_d_res_low                             35.07 
_refine.ls_d_res_high                            1.55 
_refine.ls_percent_reflns_obs                    65.18 
_refine.ls_R_factor_obs                          0.1759 
_refine.ls_R_factor_all                          0.1759 
_refine.ls_R_factor_R_work                       0.17332 
_refine.ls_R_factor_R_free                       0.22663 
_refine.ls_R_factor_R_free_error                 ? 
_refine.ls_R_factor_R_free_error_details         ? 
_refine.ls_percent_reflns_R_free                 4.8 
_refine.ls_number_reflns_R_free                  486 
_refine.ls_number_parameters                     ? 
_refine.ls_number_restraints                     ? 
_refine.occupancy_min                            ? 
_refine.occupancy_max                            ? 
_refine.correlation_coeff_Fo_to_Fc               0.956 
_refine.correlation_coeff_Fo_to_Fc_free          0.938 
_refine.B_iso_mean                               10.927 
_refine.aniso_B[1][1]                            -2.01 
_refine.aniso_B[2][2]                            1.68 
_refine.aniso_B[3][3]                            0.33 
_refine.aniso_B[1][2]                            0.00 
_refine.aniso_B[1][3]                            0.00 
_refine.aniso_B[2][3]                            0.00 
_refine.solvent_model_details                    MASK 
_refine.solvent_model_param_ksol                 ? 
_refine.solvent_model_param_bsol                 ? 
_refine.pdbx_solvent_vdw_probe_radii             1.40 
_refine.pdbx_solvent_ion_probe_radii             0.80 
_refine.pdbx_solvent_shrinkage_radii             0.80 
_refine.pdbx_ls_cross_valid_method               THROUGHOUT 
_refine.details                                  
;The Friedel pairs were used in phasing. HYDROGENS HAVE BEEN ADDED IN THE RIDING POSITIONS. Programs ARP/wARP 6.1.1, COOT 0.3.3 have also been used in refinement
;
_refine.pdbx_starting_model                      ? 
_refine.pdbx_method_to_determine_struct          SAD 
_refine.pdbx_isotropic_thermal_model             ? 
_refine.pdbx_stereochemistry_target_values       'MAXIMUM LIKELIHOOD' 
_refine.pdbx_stereochem_target_val_spec_case     ? 
_refine.pdbx_R_Free_selection_details            RANDOM 
_refine.pdbx_overall_ESU_R                       0.134 
_refine.pdbx_overall_ESU_R_Free                  0.133 
_refine.overall_SU_ML                            0.054 
_refine.overall_SU_B                             1.422 
_refine.ls_redundancy_reflns_obs                 ? 
_refine.B_iso_min                                ? 
_refine.B_iso_max                                ? 
_refine.overall_SU_R_Cruickshank_DPI             ? 
_refine.overall_SU_R_free                        ? 
_refine.ls_wR_factor_R_free                      ? 
_refine.ls_wR_factor_R_work                      ? 
_refine.overall_FOM_free_R_set                   ? 
_refine.overall_FOM_work_R_set                   ? 
_refine.pdbx_overall_phase_error                 ? 
_refine.pdbx_refine_id                           'X-RAY DIFFRACTION' 
_refine.pdbx_diffrn_id                           1 
_refine.pdbx_TLS_residual_ADP_flag               ? 
_refine.pdbx_overall_SU_R_free_Cruickshank_DPI   ? 
_refine.pdbx_overall_SU_R_Blow_DPI               ? 
_refine.pdbx_overall_SU_R_free_Blow_DPI          ? 
# 
_refine_hist.pdbx_refine_id                   'X-RAY DIFFRACTION' 
_refine_hist.cycle_id                         LAST 
_refine_hist.pdbx_number_atoms_protein        840 
_refine_hist.pdbx_number_atoms_nucleic_acid   0 
_refine_hist.pdbx_number_atoms_ligand         3 
_refine_hist.number_atoms_solvent             156 
_refine_hist.number_atoms_total               999 
_refine_hist.d_res_high                       1.55 
_refine_hist.d_res_low                        35.07 
# 
loop_
_refine_ls_restr.type 
_refine_ls_restr.dev_ideal 
_refine_ls_restr.dev_ideal_target 
_refine_ls_restr.weight 
_refine_ls_restr.number 
_refine_ls_restr.pdbx_refine_id 
_refine_ls_restr.pdbx_restraint_function 
r_bond_refined_d             0.008  0.021  ? 872  'X-RAY DIFFRACTION' ? 
r_bond_other_d               ?      ?      ? ?    'X-RAY DIFFRACTION' ? 
r_angle_refined_deg          1.151  1.916  ? 1197 'X-RAY DIFFRACTION' ? 
r_angle_other_deg            ?      ?      ? ?    'X-RAY DIFFRACTION' ? 
r_dihedral_angle_1_deg       6.122  5.000  ? 107  'X-RAY DIFFRACTION' ? 
r_dihedral_angle_2_deg       35.236 24.103 ? 39   'X-RAY DIFFRACTION' ? 
r_dihedral_angle_3_deg       11.759 15.000 ? 117  'X-RAY DIFFRACTION' ? 
r_dihedral_angle_4_deg       7.831  15.000 ? 1    'X-RAY DIFFRACTION' ? 
r_chiral_restr               0.099  0.200  ? 125  'X-RAY DIFFRACTION' ? 
r_gen_planes_refined         0.005  0.020  ? 690  'X-RAY DIFFRACTION' ? 
r_gen_planes_other           ?      ?      ? ?    'X-RAY DIFFRACTION' ? 
r_nbd_refined                0.187  0.200  ? 407  'X-RAY DIFFRACTION' ? 
r_nbd_other                  ?      ?      ? ?    'X-RAY DIFFRACTION' ? 
r_nbtor_refined              0.302  0.200  ? 595  'X-RAY DIFFRACTION' ? 
r_nbtor_other                ?      ?      ? ?    'X-RAY DIFFRACTION' ? 
r_xyhbond_nbd_refined        0.109  0.200  ? 96   'X-RAY DIFFRACTION' ? 
r_xyhbond_nbd_other          ?      ?      ? ?    'X-RAY DIFFRACTION' ? 
r_metal_ion_refined          0.023  0.200  ? 1    'X-RAY DIFFRACTION' ? 
r_metal_ion_other            ?      ?      ? ?    'X-RAY DIFFRACTION' ? 
r_symmetry_vdw_refined       0.159  0.200  ? 60   'X-RAY DIFFRACTION' ? 
r_symmetry_vdw_other         ?      ?      ? ?    'X-RAY DIFFRACTION' ? 
r_symmetry_hbond_refined     0.130  0.200  ? 20   'X-RAY DIFFRACTION' ? 
r_symmetry_hbond_other       ?      ?      ? ?    'X-RAY DIFFRACTION' ? 
r_symmetry_metal_ion_refined ?      ?      ? ?    'X-RAY DIFFRACTION' ? 
r_symmetry_metal_ion_other   ?      ?      ? ?    'X-RAY DIFFRACTION' ? 
r_mcbond_it                  0.604  1.500  ? 548  'X-RAY DIFFRACTION' ? 
r_mcbond_other               ?      ?      ? ?    'X-RAY DIFFRACTION' ? 
r_mcangle_it                 1.043  2.000  ? 872  'X-RAY DIFFRACTION' ? 
r_scbond_it                  1.500  3.000  ? 375  'X-RAY DIFFRACTION' ? 
r_scangle_it                 2.257  4.500  ? 325  'X-RAY DIFFRACTION' ? 
r_rigid_bond_restr           ?      ?      ? ?    'X-RAY DIFFRACTION' ? 
r_sphericity_free            ?      ?      ? ?    'X-RAY DIFFRACTION' ? 
r_sphericity_bonded          ?      ?      ? ?    'X-RAY DIFFRACTION' ? 
# 
_refine_ls_shell.pdbx_total_number_of_bins_used   20 
_refine_ls_shell.d_res_high                       1.55 
_refine_ls_shell.d_res_low                        1.59 
_refine_ls_shell.number_reflns_R_work             386 
_refine_ls_shell.R_factor_R_work                  0.199 
_refine_ls_shell.percent_reflns_obs               37.32 
_refine_ls_shell.R_factor_R_free                  0.186 
_refine_ls_shell.R_factor_R_free_error            ? 
_refine_ls_shell.percent_reflns_R_free            ? 
_refine_ls_shell.number_reflns_R_free             23 
_refine_ls_shell.number_reflns_all                ? 
_refine_ls_shell.R_factor_all                     ? 
_refine_ls_shell.number_reflns_obs                ? 
_refine_ls_shell.redundancy_reflns_obs            ? 
_refine_ls_shell.pdbx_refine_id                   'X-RAY DIFFRACTION' 
# 
_struct.entry_id                  3C5K 
_struct.title                     'Crystal structure of human HDAC6 zinc finger domain' 
_struct.pdbx_model_details        ? 
_struct.pdbx_CASP_flag            ? 
_struct.pdbx_model_type_details   ? 
# 
_struct_keywords.entry_id        3C5K 
_struct_keywords.pdbx_keywords   HYDROLASE 
_struct_keywords.text            
;HDAC6, Zinc finger, Actin-binding, Chromatin regulator, Cytoplasm, Hydrolase, Metal-binding, Nucleus, Phosphoprotein, Repressor, Transcription, Transcription regulation, Ubl conjugation, Zinc-finger, Structural Genomics, Structural Genomics Consortium, SGC
;
# 
loop_
_struct_asym.id 
_struct_asym.pdbx_blank_PDB_chainid_flag 
_struct_asym.pdbx_modified 
_struct_asym.entity_id 
_struct_asym.details 
A N N 1 ? 
B N N 2 ? 
C N N 2 ? 
D N N 2 ? 
E N N 3 ? 
# 
_struct_ref.id                         1 
_struct_ref.db_name                    UNP 
_struct_ref.db_code                    HDAC6_HUMAN 
_struct_ref.pdbx_db_accession          Q9UBN7 
_struct_ref.entity_id                  1 
_struct_ref.pdbx_seq_one_letter_code   
;PLPWCPHLVAVCPIPAAGLDVTQPCGDCGTIQENWVCLSCYQVYCGRYINGHMLQHHGNSGHPLVLSYIDLSAWCYYCQA
YVHHQALLDVKNIAHQNKFGEDMPHPH
;
_struct_ref.pdbx_align_begin           1109 
_struct_ref.pdbx_db_isoform            ? 
# 
_struct_ref_seq.align_id                      1 
_struct_ref_seq.ref_id                        1 
_struct_ref_seq.pdbx_PDB_id_code              3C5K 
_struct_ref_seq.pdbx_strand_id                A 
_struct_ref_seq.seq_align_beg                 3 
_struct_ref_seq.pdbx_seq_align_beg_ins_code   ? 
_struct_ref_seq.seq_align_end                 109 
_struct_ref_seq.pdbx_seq_align_end_ins_code   ? 
_struct_ref_seq.pdbx_db_accession             Q9UBN7 
_struct_ref_seq.db_align_beg                  1109 
_struct_ref_seq.pdbx_db_align_beg_ins_code    ? 
_struct_ref_seq.db_align_end                  1215 
_struct_ref_seq.pdbx_db_align_end_ins_code    ? 
_struct_ref_seq.pdbx_auth_seq_align_beg       1 
_struct_ref_seq.pdbx_auth_seq_align_end       107 
# 
loop_
_struct_ref_seq_dif.align_id 
_struct_ref_seq_dif.pdbx_pdb_id_code 
_struct_ref_seq_dif.mon_id 
_struct_ref_seq_dif.pdbx_pdb_strand_id 
_struct_ref_seq_dif.seq_num 
_struct_ref_seq_dif.pdbx_pdb_ins_code 
_struct_ref_seq_dif.pdbx_seq_db_name 
_struct_ref_seq_dif.pdbx_seq_db_accession_code 
_struct_ref_seq_dif.db_mon_id 
_struct_ref_seq_dif.pdbx_seq_db_seq_num 
_struct_ref_seq_dif.details 
_struct_ref_seq_dif.pdbx_auth_seq_num 
_struct_ref_seq_dif.pdbx_ordinal 
1 3C5K GLY A 1 ? UNP Q9UBN7 ? ? 'expression tag' -1 1 
1 3C5K SER A 2 ? UNP Q9UBN7 ? ? 'expression tag' 0  2 
# 
_pdbx_struct_assembly.id                   1 
_pdbx_struct_assembly.details              software_defined_assembly 
_pdbx_struct_assembly.method_details       PISA 
_pdbx_struct_assembly.oligomeric_details   monomeric 
_pdbx_struct_assembly.oligomeric_count     1 
# 
_pdbx_struct_assembly_gen.assembly_id       1 
_pdbx_struct_assembly_gen.oper_expression   1 
_pdbx_struct_assembly_gen.asym_id_list      A,B,C,D,E 
# 
_pdbx_struct_oper_list.id                   1 
_pdbx_struct_oper_list.type                 'identity operation' 
_pdbx_struct_oper_list.name                 1_555 
_pdbx_struct_oper_list.symmetry_operation   x,y,z 
_pdbx_struct_oper_list.matrix[1][1]         1.0000000000 
_pdbx_struct_oper_list.matrix[1][2]         0.0000000000 
_pdbx_struct_oper_list.matrix[1][3]         0.0000000000 
_pdbx_struct_oper_list.vector[1]            0.0000000000 
_pdbx_struct_oper_list.matrix[2][1]         0.0000000000 
_pdbx_struct_oper_list.matrix[2][2]         1.0000000000 
_pdbx_struct_oper_list.matrix[2][3]         0.0000000000 
_pdbx_struct_oper_list.vector[2]            0.0000000000 
_pdbx_struct_oper_list.matrix[3][1]         0.0000000000 
_pdbx_struct_oper_list.matrix[3][2]         0.0000000000 
_pdbx_struct_oper_list.matrix[3][3]         1.0000000000 
_pdbx_struct_oper_list.vector[3]            0.0000000000 
# 
_struct_biol.id        1 
_struct_biol.details   ? 
# 
loop_
_struct_conf.conf_type_id 
_struct_conf.id 
_struct_conf.pdbx_PDB_helix_id 
_struct_conf.beg_label_comp_id 
_struct_conf.beg_label_asym_id 
_struct_conf.beg_label_seq_id 
_struct_conf.pdbx_beg_PDB_ins_code 
_struct_conf.end_label_comp_id 
_struct_conf.end_label_asym_id 
_struct_conf.end_label_seq_id 
_struct_conf.pdbx_end_PDB_ins_code 
_struct_conf.beg_auth_comp_id 
_struct_conf.beg_auth_asym_id 
_struct_conf.beg_auth_seq_id 
_struct_conf.end_auth_comp_id 
_struct_conf.end_auth_asym_id 
_struct_conf.end_auth_seq_id 
_struct_conf.pdbx_PDB_helix_class 
_struct_conf.details 
_struct_conf.pdbx_PDB_helix_length 
HELX_P HELX_P1 1 HIS A 9  ? VAL A 13  ? HIS A 7  VAL A 11  5 ? 5  
HELX_P HELX_P2 2 GLY A 53 ? GLY A 63  ? GLY A 51 GLY A 61  1 ? 11 
HELX_P HELX_P3 3 HIS A 86 ? ALA A 88  ? HIS A 84 ALA A 86  5 ? 3  
HELX_P HELX_P4 4 LEU A 89 ? GLY A 102 ? LEU A 87 GLY A 100 1 ? 14 
# 
_struct_conf_type.id          HELX_P 
_struct_conf_type.criteria    ? 
_struct_conf_type.reference   ? 
# 
loop_
_struct_conn.id 
_struct_conn.conn_type_id 
_struct_conn.pdbx_leaving_atom_flag 
_struct_conn.pdbx_PDB_id 
_struct_conn.ptnr1_label_asym_id 
_struct_conn.ptnr1_label_comp_id 
_struct_conn.ptnr1_label_seq_id 
_struct_conn.ptnr1_label_atom_id 
_struct_conn.pdbx_ptnr1_label_alt_id 
_struct_conn.pdbx_ptnr1_PDB_ins_code 
_struct_conn.pdbx_ptnr1_standard_comp_id 
_struct_conn.ptnr1_symmetry 
_struct_conn.ptnr2_label_asym_id 
_struct_conn.ptnr2_label_comp_id 
_struct_conn.ptnr2_label_seq_id 
_struct_conn.ptnr2_label_atom_id 
_struct_conn.pdbx_ptnr2_label_alt_id 
_struct_conn.pdbx_ptnr2_PDB_ins_code 
_struct_conn.ptnr1_auth_asym_id 
_struct_conn.ptnr1_auth_comp_id 
_struct_conn.ptnr1_auth_seq_id 
_struct_conn.ptnr2_auth_asym_id 
_struct_conn.ptnr2_auth_comp_id 
_struct_conn.ptnr2_auth_seq_id 
_struct_conn.ptnr2_symmetry 
_struct_conn.pdbx_ptnr3_label_atom_id 
_struct_conn.pdbx_ptnr3_label_seq_id 
_struct_conn.pdbx_ptnr3_label_comp_id 
_struct_conn.pdbx_ptnr3_label_asym_id 
_struct_conn.pdbx_ptnr3_label_alt_id 
_struct_conn.pdbx_ptnr3_PDB_ins_code 
_struct_conn.details 
_struct_conn.pdbx_dist_value 
_struct_conn.pdbx_value_order 
_struct_conn.pdbx_role 
metalc1  metalc ? ? A CYS 7  SG  ? ? ? 1_555 D ZN . ZN ? ? A CYS 5  A ZN 203 1_555 ? ? ? ? ? ? ? 2.358 ? ? 
metalc2  metalc ? ? A HIS 9  ND1 ? ? ? 1_555 D ZN . ZN ? ? A HIS 7  A ZN 203 1_555 ? ? ? ? ? ? ? 2.127 ? ? 
metalc3  metalc ? ? A CYS 27 SG  ? ? ? 1_555 C ZN . ZN ? ? A CYS 25 A ZN 202 1_555 ? ? ? ? ? ? ? 2.392 ? ? 
metalc4  metalc ? ? A CYS 30 SG  ? ? ? 1_555 C ZN . ZN ? ? A CYS 28 A ZN 202 1_555 ? ? ? ? ? ? ? 2.309 ? ? 
metalc5  metalc ? ? A CYS 39 SG  ? ? ? 1_555 B ZN . ZN ? ? A CYS 37 A ZN 201 1_555 ? ? ? ? ? ? ? 2.303 ? ? 
metalc6  metalc ? ? A CYS 42 SG  ? ? ? 1_555 B ZN . ZN ? ? A CYS 40 A ZN 201 1_555 ? ? ? ? ? ? ? 2.375 ? ? 
metalc7  metalc ? ? A CYS 47 SG  ? ? ? 1_555 C ZN . ZN ? ? A CYS 45 A ZN 202 1_555 ? ? ? ? ? ? ? 2.215 ? ? 
metalc8  metalc ? ? A HIS 54 ND1 ? ? ? 1_555 C ZN . ZN ? ? A HIS 52 A ZN 202 1_555 ? ? ? ? ? ? ? 2.113 ? ? 
metalc9  metalc ? ? A HIS 58 NE2 ? ? ? 1_555 B ZN . ZN ? ? A HIS 56 A ZN 201 1_555 ? ? ? ? ? ? ? 2.096 ? ? 
metalc10 metalc ? ? A HIS 64 ND1 ? ? ? 1_555 B ZN . ZN ? ? A HIS 62 A ZN 201 1_555 ? ? ? ? ? ? ? 2.037 ? ? 
metalc11 metalc ? ? A CYS 77 SG  ? ? ? 1_555 D ZN . ZN ? ? A CYS 75 A ZN 203 1_555 ? ? ? ? ? ? ? 2.379 ? ? 
metalc12 metalc ? ? A CYS 80 SG  ? ? ? 1_555 D ZN . ZN ? ? A CYS 78 A ZN 203 1_555 ? ? ? ? ? ? ? 2.346 ? ? 
# 
_struct_conn_type.id          metalc 
_struct_conn_type.criteria    ? 
_struct_conn_type.reference   ? 
# 
loop_
_pdbx_struct_conn_angle.id 
_pdbx_struct_conn_angle.ptnr1_label_atom_id 
_pdbx_struct_conn_angle.ptnr1_label_alt_id 
_pdbx_struct_conn_angle.ptnr1_label_asym_id 
_pdbx_struct_conn_angle.ptnr1_label_comp_id 
_pdbx_struct_conn_angle.ptnr1_label_seq_id 
_pdbx_struct_conn_angle.ptnr1_auth_atom_id 
_pdbx_struct_conn_angle.ptnr1_auth_asym_id 
_pdbx_struct_conn_angle.ptnr1_auth_comp_id 
_pdbx_struct_conn_angle.ptnr1_auth_seq_id 
_pdbx_struct_conn_angle.ptnr1_PDB_ins_code 
_pdbx_struct_conn_angle.ptnr1_symmetry 
_pdbx_struct_conn_angle.ptnr2_label_atom_id 
_pdbx_struct_conn_angle.ptnr2_label_alt_id 
_pdbx_struct_conn_angle.ptnr2_label_asym_id 
_pdbx_struct_conn_angle.ptnr2_label_comp_id 
_pdbx_struct_conn_angle.ptnr2_label_seq_id 
_pdbx_struct_conn_angle.ptnr2_auth_atom_id 
_pdbx_struct_conn_angle.ptnr2_auth_asym_id 
_pdbx_struct_conn_angle.ptnr2_auth_comp_id 
_pdbx_struct_conn_angle.ptnr2_auth_seq_id 
_pdbx_struct_conn_angle.ptnr2_PDB_ins_code 
_pdbx_struct_conn_angle.ptnr2_symmetry 
_pdbx_struct_conn_angle.ptnr3_label_atom_id 
_pdbx_struct_conn_angle.ptnr3_label_alt_id 
_pdbx_struct_conn_angle.ptnr3_label_asym_id 
_pdbx_struct_conn_angle.ptnr3_label_comp_id 
_pdbx_struct_conn_angle.ptnr3_label_seq_id 
_pdbx_struct_conn_angle.ptnr3_auth_atom_id 
_pdbx_struct_conn_angle.ptnr3_auth_asym_id 
_pdbx_struct_conn_angle.ptnr3_auth_comp_id 
_pdbx_struct_conn_angle.ptnr3_auth_seq_id 
_pdbx_struct_conn_angle.ptnr3_PDB_ins_code 
_pdbx_struct_conn_angle.ptnr3_symmetry 
_pdbx_struct_conn_angle.value 
_pdbx_struct_conn_angle.value_esd 
1  SG  ? A CYS 7  ? A CYS 5  ? 1_555 ZN ? D ZN . ? A ZN 203 ? 1_555 ND1 ? A HIS 9  ? A HIS 7  ? 1_555 109.3 ? 
2  SG  ? A CYS 7  ? A CYS 5  ? 1_555 ZN ? D ZN . ? A ZN 203 ? 1_555 SG  ? A CYS 77 ? A CYS 75 ? 1_555 114.1 ? 
3  ND1 ? A HIS 9  ? A HIS 7  ? 1_555 ZN ? D ZN . ? A ZN 203 ? 1_555 SG  ? A CYS 77 ? A CYS 75 ? 1_555 99.1  ? 
4  SG  ? A CYS 7  ? A CYS 5  ? 1_555 ZN ? D ZN . ? A ZN 203 ? 1_555 SG  ? A CYS 80 ? A CYS 78 ? 1_555 114.5 ? 
5  ND1 ? A HIS 9  ? A HIS 7  ? 1_555 ZN ? D ZN . ? A ZN 203 ? 1_555 SG  ? A CYS 80 ? A CYS 78 ? 1_555 103.7 ? 
6  SG  ? A CYS 77 ? A CYS 75 ? 1_555 ZN ? D ZN . ? A ZN 203 ? 1_555 SG  ? A CYS 80 ? A CYS 78 ? 1_555 114.2 ? 
7  SG  ? A CYS 27 ? A CYS 25 ? 1_555 ZN ? C ZN . ? A ZN 202 ? 1_555 SG  ? A CYS 30 ? A CYS 28 ? 1_555 111.0 ? 
8  SG  ? A CYS 27 ? A CYS 25 ? 1_555 ZN ? C ZN . ? A ZN 202 ? 1_555 SG  ? A CYS 47 ? A CYS 45 ? 1_555 114.6 ? 
9  SG  ? A CYS 30 ? A CYS 28 ? 1_555 ZN ? C ZN . ? A ZN 202 ? 1_555 SG  ? A CYS 47 ? A CYS 45 ? 1_555 114.1 ? 
10 SG  ? A CYS 27 ? A CYS 25 ? 1_555 ZN ? C ZN . ? A ZN 202 ? 1_555 ND1 ? A HIS 54 ? A HIS 52 ? 1_555 104.2 ? 
11 SG  ? A CYS 30 ? A CYS 28 ? 1_555 ZN ? C ZN . ? A ZN 202 ? 1_555 ND1 ? A HIS 54 ? A HIS 52 ? 1_555 110.8 ? 
12 SG  ? A CYS 47 ? A CYS 45 ? 1_555 ZN ? C ZN . ? A ZN 202 ? 1_555 ND1 ? A HIS 54 ? A HIS 52 ? 1_555 101.2 ? 
13 SG  ? A CYS 39 ? A CYS 37 ? 1_555 ZN ? B ZN . ? A ZN 201 ? 1_555 SG  ? A CYS 42 ? A CYS 40 ? 1_555 116.9 ? 
14 SG  ? A CYS 39 ? A CYS 37 ? 1_555 ZN ? B ZN . ? A ZN 201 ? 1_555 NE2 ? A HIS 58 ? A HIS 56 ? 1_555 115.2 ? 
15 SG  ? A CYS 42 ? A CYS 40 ? 1_555 ZN ? B ZN . ? A ZN 201 ? 1_555 NE2 ? A HIS 58 ? A HIS 56 ? 1_555 98.3  ? 
16 SG  ? A CYS 39 ? A CYS 37 ? 1_555 ZN ? B ZN . ? A ZN 201 ? 1_555 ND1 ? A HIS 64 ? A HIS 62 ? 1_555 108.4 ? 
17 SG  ? A CYS 42 ? A CYS 40 ? 1_555 ZN ? B ZN . ? A ZN 201 ? 1_555 ND1 ? A HIS 64 ? A HIS 62 ? 1_555 109.4 ? 
18 NE2 ? A HIS 58 ? A HIS 56 ? 1_555 ZN ? B ZN . ? A ZN 201 ? 1_555 ND1 ? A HIS 64 ? A HIS 62 ? 1_555 108.1 ? 
# 
_struct_sheet.id               A 
_struct_sheet.type             ? 
_struct_sheet.number_strands   5 
_struct_sheet.details          ? 
# 
loop_
_struct_sheet_order.sheet_id 
_struct_sheet_order.range_id_1 
_struct_sheet_order.range_id_2 
_struct_sheet_order.offset 
_struct_sheet_order.sense 
A 1 2 ? anti-parallel 
A 2 3 ? anti-parallel 
A 3 4 ? anti-parallel 
A 4 5 ? anti-parallel 
# 
loop_
_struct_sheet_range.sheet_id 
_struct_sheet_range.id 
_struct_sheet_range.beg_label_comp_id 
_struct_sheet_range.beg_label_asym_id 
_struct_sheet_range.beg_label_seq_id 
_struct_sheet_range.pdbx_beg_PDB_ins_code 
_struct_sheet_range.end_label_comp_id 
_struct_sheet_range.end_label_asym_id 
_struct_sheet_range.end_label_seq_id 
_struct_sheet_range.pdbx_end_PDB_ins_code 
_struct_sheet_range.beg_auth_comp_id 
_struct_sheet_range.beg_auth_asym_id 
_struct_sheet_range.beg_auth_seq_id 
_struct_sheet_range.end_auth_comp_id 
_struct_sheet_range.end_auth_asym_id 
_struct_sheet_range.end_auth_seq_id 
A 1 VAL A 45 ? CYS A 47 ? VAL A 43 CYS A 45 
A 2 ASN A 36 ? CYS A 39 ? ASN A 34 CYS A 37 
A 3 LEU A 66 ? SER A 69 ? LEU A 64 SER A 67 
A 4 ALA A 75 ? CYS A 77 ? ALA A 73 CYS A 75 
A 5 ALA A 82 ? TYR A 83 ? ALA A 80 TYR A 81 
# 
loop_
_pdbx_struct_sheet_hbond.sheet_id 
_pdbx_struct_sheet_hbond.range_id_1 
_pdbx_struct_sheet_hbond.range_id_2 
_pdbx_struct_sheet_hbond.range_1_label_atom_id 
_pdbx_struct_sheet_hbond.range_1_label_comp_id 
_pdbx_struct_sheet_hbond.range_1_label_asym_id 
_pdbx_struct_sheet_hbond.range_1_label_seq_id 
_pdbx_struct_sheet_hbond.range_1_PDB_ins_code 
_pdbx_struct_sheet_hbond.range_1_auth_atom_id 
_pdbx_struct_sheet_hbond.range_1_auth_comp_id 
_pdbx_struct_sheet_hbond.range_1_auth_asym_id 
_pdbx_struct_sheet_hbond.range_1_auth_seq_id 
_pdbx_struct_sheet_hbond.range_2_label_atom_id 
_pdbx_struct_sheet_hbond.range_2_label_comp_id 
_pdbx_struct_sheet_hbond.range_2_label_asym_id 
_pdbx_struct_sheet_hbond.range_2_label_seq_id 
_pdbx_struct_sheet_hbond.range_2_PDB_ins_code 
_pdbx_struct_sheet_hbond.range_2_auth_atom_id 
_pdbx_struct_sheet_hbond.range_2_auth_comp_id 
_pdbx_struct_sheet_hbond.range_2_auth_asym_id 
_pdbx_struct_sheet_hbond.range_2_auth_seq_id 
A 1 2 O TYR A 46 ? O TYR A 44 N TRP A 37 ? N TRP A 35 
A 2 3 N VAL A 38 ? N VAL A 36 O LEU A 68 ? O LEU A 66 
A 3 4 N VAL A 67 ? N VAL A 65 O TRP A 76 ? O TRP A 74 
A 4 5 N CYS A 77 ? N CYS A 75 O ALA A 82 ? O ALA A 80 
# 
loop_
_struct_site.id 
_struct_site.pdbx_evidence_code 
_struct_site.pdbx_auth_asym_id 
_struct_site.pdbx_auth_comp_id 
_struct_site.pdbx_auth_seq_id 
_struct_site.pdbx_auth_ins_code 
_struct_site.pdbx_num_residues 
_struct_site.details 
AC1 Software A ZN 201 ? 4 'BINDING SITE FOR RESIDUE ZN A 201' 
AC2 Software A ZN 202 ? 4 'BINDING SITE FOR RESIDUE ZN A 202' 
AC3 Software A ZN 203 ? 4 'BINDING SITE FOR RESIDUE ZN A 203' 
# 
loop_
_struct_site_gen.id 
_struct_site_gen.site_id 
_struct_site_gen.pdbx_num_res 
_struct_site_gen.label_comp_id 
_struct_site_gen.label_asym_id 
_struct_site_gen.label_seq_id 
_struct_site_gen.pdbx_auth_ins_code 
_struct_site_gen.auth_comp_id 
_struct_site_gen.auth_asym_id 
_struct_site_gen.auth_seq_id 
_struct_site_gen.label_atom_id 
_struct_site_gen.label_alt_id 
_struct_site_gen.symmetry 
_struct_site_gen.details 
1  AC1 4 CYS A 39 ? CYS A 37 . ? 1_555 ? 
2  AC1 4 CYS A 42 ? CYS A 40 . ? 1_555 ? 
3  AC1 4 HIS A 58 ? HIS A 56 . ? 1_555 ? 
4  AC1 4 HIS A 64 ? HIS A 62 . ? 1_555 ? 
5  AC2 4 CYS A 27 ? CYS A 25 . ? 1_555 ? 
6  AC2 4 CYS A 30 ? CYS A 28 . ? 1_555 ? 
7  AC2 4 CYS A 47 ? CYS A 45 . ? 1_555 ? 
8  AC2 4 HIS A 54 ? HIS A 52 . ? 1_555 ? 
9  AC3 4 CYS A 7  ? CYS A 5  . ? 1_555 ? 
10 AC3 4 HIS A 9  ? HIS A 7  . ? 1_555 ? 
11 AC3 4 CYS A 77 ? CYS A 75 . ? 1_555 ? 
12 AC3 4 CYS A 80 ? CYS A 78 . ? 1_555 ? 
# 
loop_
_pdbx_validate_torsion.id 
_pdbx_validate_torsion.PDB_model_num 
_pdbx_validate_torsion.auth_comp_id 
_pdbx_validate_torsion.auth_asym_id 
_pdbx_validate_torsion.auth_seq_id 
_pdbx_validate_torsion.PDB_ins_code 
_pdbx_validate_torsion.label_alt_id 
_pdbx_validate_torsion.phi 
_pdbx_validate_torsion.psi 
1 1 ASP A 27 ? ? -91.42 -66.13  
2 1 ILE A 49 ? ? -92.71 -102.22 
# 
_pdbx_SG_project.id                    1 
_pdbx_SG_project.project_name          ? 
_pdbx_SG_project.full_name_of_center   'Structural Genomics Consortium' 
_pdbx_SG_project.initial_of_center     SGC 
# 
_pdbx_unobs_or_zero_occ_residues.id               1 
_pdbx_unobs_or_zero_occ_residues.PDB_model_num    1 
_pdbx_unobs_or_zero_occ_residues.polymer_flag     Y 
_pdbx_unobs_or_zero_occ_residues.occupancy_flag   1 
_pdbx_unobs_or_zero_occ_residues.auth_asym_id     A 
_pdbx_unobs_or_zero_occ_residues.auth_comp_id     GLY 
_pdbx_unobs_or_zero_occ_residues.auth_seq_id      -1 
_pdbx_unobs_or_zero_occ_residues.PDB_ins_code     ? 
_pdbx_unobs_or_zero_occ_residues.label_asym_id    A 
_pdbx_unobs_or_zero_occ_residues.label_comp_id    GLY 
_pdbx_unobs_or_zero_occ_residues.label_seq_id     1 
# 
loop_
_chem_comp_atom.comp_id 
_chem_comp_atom.atom_id 
_chem_comp_atom.type_symbol 
_chem_comp_atom.pdbx_aromatic_flag 
_chem_comp_atom.pdbx_stereo_config 
_chem_comp_atom.pdbx_ordinal 
ALA N    N  N N 1   
ALA CA   C  N S 2   
ALA C    C  N N 3   
ALA O    O  N N 4   
ALA CB   C  N N 5   
ALA OXT  O  N N 6   
ALA H    H  N N 7   
ALA H2   H  N N 8   
ALA HA   H  N N 9   
ALA HB1  H  N N 10  
ALA HB2  H  N N 11  
ALA HB3  H  N N 12  
ALA HXT  H  N N 13  
ARG N    N  N N 14  
ARG CA   C  N S 15  
ARG C    C  N N 16  
ARG O    O  N N 17  
ARG CB   C  N N 18  
ARG CG   C  N N 19  
ARG CD   C  N N 20  
ARG NE   N  N N 21  
ARG CZ   C  N N 22  
ARG NH1  N  N N 23  
ARG NH2  N  N N 24  
ARG OXT  O  N N 25  
ARG H    H  N N 26  
ARG H2   H  N N 27  
ARG HA   H  N N 28  
ARG HB2  H  N N 29  
ARG HB3  H  N N 30  
ARG HG2  H  N N 31  
ARG HG3  H  N N 32  
ARG HD2  H  N N 33  
ARG HD3  H  N N 34  
ARG HE   H  N N 35  
ARG HH11 H  N N 36  
ARG HH12 H  N N 37  
ARG HH21 H  N N 38  
ARG HH22 H  N N 39  
ARG HXT  H  N N 40  
ASN N    N  N N 41  
ASN CA   C  N S 42  
ASN C    C  N N 43  
ASN O    O  N N 44  
ASN CB   C  N N 45  
ASN CG   C  N N 46  
ASN OD1  O  N N 47  
ASN ND2  N  N N 48  
ASN OXT  O  N N 49  
ASN H    H  N N 50  
ASN H2   H  N N 51  
ASN HA   H  N N 52  
ASN HB2  H  N N 53  
ASN HB3  H  N N 54  
ASN HD21 H  N N 55  
ASN HD22 H  N N 56  
ASN HXT  H  N N 57  
ASP N    N  N N 58  
ASP CA   C  N S 59  
ASP C    C  N N 60  
ASP O    O  N N 61  
ASP CB   C  N N 62  
ASP CG   C  N N 63  
ASP OD1  O  N N 64  
ASP OD2  O  N N 65  
ASP OXT  O  N N 66  
ASP H    H  N N 67  
ASP H2   H  N N 68  
ASP HA   H  N N 69  
ASP HB2  H  N N 70  
ASP HB3  H  N N 71  
ASP HD2  H  N N 72  
ASP HXT  H  N N 73  
CYS N    N  N N 74  
CYS CA   C  N R 75  
CYS C    C  N N 76  
CYS O    O  N N 77  
CYS CB   C  N N 78  
CYS SG   S  N N 79  
CYS OXT  O  N N 80  
CYS H    H  N N 81  
CYS H2   H  N N 82  
CYS HA   H  N N 83  
CYS HB2  H  N N 84  
CYS HB3  H  N N 85  
CYS HG   H  N N 86  
CYS HXT  H  N N 87  
GLN N    N  N N 88  
GLN CA   C  N S 89  
GLN C    C  N N 90  
GLN O    O  N N 91  
GLN CB   C  N N 92  
GLN CG   C  N N 93  
GLN CD   C  N N 94  
GLN OE1  O  N N 95  
GLN NE2  N  N N 96  
GLN OXT  O  N N 97  
GLN H    H  N N 98  
GLN H2   H  N N 99  
GLN HA   H  N N 100 
GLN HB2  H  N N 101 
GLN HB3  H  N N 102 
GLN HG2  H  N N 103 
GLN HG3  H  N N 104 
GLN HE21 H  N N 105 
GLN HE22 H  N N 106 
GLN HXT  H  N N 107 
GLU N    N  N N 108 
GLU CA   C  N S 109 
GLU C    C  N N 110 
GLU O    O  N N 111 
GLU CB   C  N N 112 
GLU CG   C  N N 113 
GLU CD   C  N N 114 
GLU OE1  O  N N 115 
GLU OE2  O  N N 116 
GLU OXT  O  N N 117 
GLU H    H  N N 118 
GLU H2   H  N N 119 
GLU HA   H  N N 120 
GLU HB2  H  N N 121 
GLU HB3  H  N N 122 
GLU HG2  H  N N 123 
GLU HG3  H  N N 124 
GLU HE2  H  N N 125 
GLU HXT  H  N N 126 
GLY N    N  N N 127 
GLY CA   C  N N 128 
GLY C    C  N N 129 
GLY O    O  N N 130 
GLY OXT  O  N N 131 
GLY H    H  N N 132 
GLY H2   H  N N 133 
GLY HA2  H  N N 134 
GLY HA3  H  N N 135 
GLY HXT  H  N N 136 
HIS N    N  N N 137 
HIS CA   C  N S 138 
HIS C    C  N N 139 
HIS O    O  N N 140 
HIS CB   C  N N 141 
HIS CG   C  Y N 142 
HIS ND1  N  Y N 143 
HIS CD2  C  Y N 144 
HIS CE1  C  Y N 145 
HIS NE2  N  Y N 146 
HIS OXT  O  N N 147 
HIS H    H  N N 148 
HIS H2   H  N N 149 
HIS HA   H  N N 150 
HIS HB2  H  N N 151 
HIS HB3  H  N N 152 
HIS HD1  H  N N 153 
HIS HD2  H  N N 154 
HIS HE1  H  N N 155 
HIS HE2  H  N N 156 
HIS HXT  H  N N 157 
HOH O    O  N N 158 
HOH H1   H  N N 159 
HOH H2   H  N N 160 
ILE N    N  N N 161 
ILE CA   C  N S 162 
ILE C    C  N N 163 
ILE O    O  N N 164 
ILE CB   C  N S 165 
ILE CG1  C  N N 166 
ILE CG2  C  N N 167 
ILE CD1  C  N N 168 
ILE OXT  O  N N 169 
ILE H    H  N N 170 
ILE H2   H  N N 171 
ILE HA   H  N N 172 
ILE HB   H  N N 173 
ILE HG12 H  N N 174 
ILE HG13 H  N N 175 
ILE HG21 H  N N 176 
ILE HG22 H  N N 177 
ILE HG23 H  N N 178 
ILE HD11 H  N N 179 
ILE HD12 H  N N 180 
ILE HD13 H  N N 181 
ILE HXT  H  N N 182 
LEU N    N  N N 183 
LEU CA   C  N S 184 
LEU C    C  N N 185 
LEU O    O  N N 186 
LEU CB   C  N N 187 
LEU CG   C  N N 188 
LEU CD1  C  N N 189 
LEU CD2  C  N N 190 
LEU OXT  O  N N 191 
LEU H    H  N N 192 
LEU H2   H  N N 193 
LEU HA   H  N N 194 
LEU HB2  H  N N 195 
LEU HB3  H  N N 196 
LEU HG   H  N N 197 
LEU HD11 H  N N 198 
LEU HD12 H  N N 199 
LEU HD13 H  N N 200 
LEU HD21 H  N N 201 
LEU HD22 H  N N 202 
LEU HD23 H  N N 203 
LEU HXT  H  N N 204 
LYS N    N  N N 205 
LYS CA   C  N S 206 
LYS C    C  N N 207 
LYS O    O  N N 208 
LYS CB   C  N N 209 
LYS CG   C  N N 210 
LYS CD   C  N N 211 
LYS CE   C  N N 212 
LYS NZ   N  N N 213 
LYS OXT  O  N N 214 
LYS H    H  N N 215 
LYS H2   H  N N 216 
LYS HA   H  N N 217 
LYS HB2  H  N N 218 
LYS HB3  H  N N 219 
LYS HG2  H  N N 220 
LYS HG3  H  N N 221 
LYS HD2  H  N N 222 
LYS HD3  H  N N 223 
LYS HE2  H  N N 224 
LYS HE3  H  N N 225 
LYS HZ1  H  N N 226 
LYS HZ2  H  N N 227 
LYS HZ3  H  N N 228 
LYS HXT  H  N N 229 
MET N    N  N N 230 
MET CA   C  N S 231 
MET C    C  N N 232 
MET O    O  N N 233 
MET CB   C  N N 234 
MET CG   C  N N 235 
MET SD   S  N N 236 
MET CE   C  N N 237 
MET OXT  O  N N 238 
MET H    H  N N 239 
MET H2   H  N N 240 
MET HA   H  N N 241 
MET HB2  H  N N 242 
MET HB3  H  N N 243 
MET HG2  H  N N 244 
MET HG3  H  N N 245 
MET HE1  H  N N 246 
MET HE2  H  N N 247 
MET HE3  H  N N 248 
MET HXT  H  N N 249 
PHE N    N  N N 250 
PHE CA   C  N S 251 
PHE C    C  N N 252 
PHE O    O  N N 253 
PHE CB   C  N N 254 
PHE CG   C  Y N 255 
PHE CD1  C  Y N 256 
PHE CD2  C  Y N 257 
PHE CE1  C  Y N 258 
PHE CE2  C  Y N 259 
PHE CZ   C  Y N 260 
PHE OXT  O  N N 261 
PHE H    H  N N 262 
PHE H2   H  N N 263 
PHE HA   H  N N 264 
PHE HB2  H  N N 265 
PHE HB3  H  N N 266 
PHE HD1  H  N N 267 
PHE HD2  H  N N 268 
PHE HE1  H  N N 269 
PHE HE2  H  N N 270 
PHE HZ   H  N N 271 
PHE HXT  H  N N 272 
PRO N    N  N N 273 
PRO CA   C  N S 274 
PRO C    C  N N 275 
PRO O    O  N N 276 
PRO CB   C  N N 277 
PRO CG   C  N N 278 
PRO CD   C  N N 279 
PRO OXT  O  N N 280 
PRO H    H  N N 281 
PRO HA   H  N N 282 
PRO HB2  H  N N 283 
PRO HB3  H  N N 284 
PRO HG2  H  N N 285 
PRO HG3  H  N N 286 
PRO HD2  H  N N 287 
PRO HD3  H  N N 288 
PRO HXT  H  N N 289 
SER N    N  N N 290 
SER CA   C  N S 291 
SER C    C  N N 292 
SER O    O  N N 293 
SER CB   C  N N 294 
SER OG   O  N N 295 
SER OXT  O  N N 296 
SER H    H  N N 297 
SER H2   H  N N 298 
SER HA   H  N N 299 
SER HB2  H  N N 300 
SER HB3  H  N N 301 
SER HG   H  N N 302 
SER HXT  H  N N 303 
THR N    N  N N 304 
THR CA   C  N S 305 
THR C    C  N N 306 
THR O    O  N N 307 
THR CB   C  N R 308 
THR OG1  O  N N 309 
THR CG2  C  N N 310 
THR OXT  O  N N 311 
THR H    H  N N 312 
THR H2   H  N N 313 
THR HA   H  N N 314 
THR HB   H  N N 315 
THR HG1  H  N N 316 
THR HG21 H  N N 317 
THR HG22 H  N N 318 
THR HG23 H  N N 319 
THR HXT  H  N N 320 
TRP N    N  N N 321 
TRP CA   C  N S 322 
TRP C    C  N N 323 
TRP O    O  N N 324 
TRP CB   C  N N 325 
TRP CG   C  Y N 326 
TRP CD1  C  Y N 327 
TRP CD2  C  Y N 328 
TRP NE1  N  Y N 329 
TRP CE2  C  Y N 330 
TRP CE3  C  Y N 331 
TRP CZ2  C  Y N 332 
TRP CZ3  C  Y N 333 
TRP CH2  C  Y N 334 
TRP OXT  O  N N 335 
TRP H    H  N N 336 
TRP H2   H  N N 337 
TRP HA   H  N N 338 
TRP HB2  H  N N 339 
TRP HB3  H  N N 340 
TRP HD1  H  N N 341 
TRP HE1  H  N N 342 
TRP HE3  H  N N 343 
TRP HZ2  H  N N 344 
TRP HZ3  H  N N 345 
TRP HH2  H  N N 346 
TRP HXT  H  N N 347 
TYR N    N  N N 348 
TYR CA   C  N S 349 
TYR C    C  N N 350 
TYR O    O  N N 351 
TYR CB   C  N N 352 
TYR CG   C  Y N 353 
TYR CD1  C  Y N 354 
TYR CD2  C  Y N 355 
TYR CE1  C  Y N 356 
TYR CE2  C  Y N 357 
TYR CZ   C  Y N 358 
TYR OH   O  N N 359 
TYR OXT  O  N N 360 
TYR H    H  N N 361 
TYR H2   H  N N 362 
TYR HA   H  N N 363 
TYR HB2  H  N N 364 
TYR HB3  H  N N 365 
TYR HD1  H  N N 366 
TYR HD2  H  N N 367 
TYR HE1  H  N N 368 
TYR HE2  H  N N 369 
TYR HH   H  N N 370 
TYR HXT  H  N N 371 
VAL N    N  N N 372 
VAL CA   C  N S 373 
VAL C    C  N N 374 
VAL O    O  N N 375 
VAL CB   C  N N 376 
VAL CG1  C  N N 377 
VAL CG2  C  N N 378 
VAL OXT  O  N N 379 
VAL H    H  N N 380 
VAL H2   H  N N 381 
VAL HA   H  N N 382 
VAL HB   H  N N 383 
VAL HG11 H  N N 384 
VAL HG12 H  N N 385 
VAL HG13 H  N N 386 
VAL HG21 H  N N 387 
VAL HG22 H  N N 388 
VAL HG23 H  N N 389 
VAL HXT  H  N N 390 
ZN  ZN   ZN N N 391 
# 
loop_
_chem_comp_bond.comp_id 
_chem_comp_bond.atom_id_1 
_chem_comp_bond.atom_id_2 
_chem_comp_bond.value_order 
_chem_comp_bond.pdbx_aromatic_flag 
_chem_comp_bond.pdbx_stereo_config 
_chem_comp_bond.pdbx_ordinal 
ALA N   CA   sing N N 1   
ALA N   H    sing N N 2   
ALA N   H2   sing N N 3   
ALA CA  C    sing N N 4   
ALA CA  CB   sing N N 5   
ALA CA  HA   sing N N 6   
ALA C   O    doub N N 7   
ALA C   OXT  sing N N 8   
ALA CB  HB1  sing N N 9   
ALA CB  HB2  sing N N 10  
ALA CB  HB3  sing N N 11  
ALA OXT HXT  sing N N 12  
ARG N   CA   sing N N 13  
ARG N   H    sing N N 14  
ARG N   H2   sing N N 15  
ARG CA  C    sing N N 16  
ARG CA  CB   sing N N 17  
ARG CA  HA   sing N N 18  
ARG C   O    doub N N 19  
ARG C   OXT  sing N N 20  
ARG CB  CG   sing N N 21  
ARG CB  HB2  sing N N 22  
ARG CB  HB3  sing N N 23  
ARG CG  CD   sing N N 24  
ARG CG  HG2  sing N N 25  
ARG CG  HG3  sing N N 26  
ARG CD  NE   sing N N 27  
ARG CD  HD2  sing N N 28  
ARG CD  HD3  sing N N 29  
ARG NE  CZ   sing N N 30  
ARG NE  HE   sing N N 31  
ARG CZ  NH1  sing N N 32  
ARG CZ  NH2  doub N N 33  
ARG NH1 HH11 sing N N 34  
ARG NH1 HH12 sing N N 35  
ARG NH2 HH21 sing N N 36  
ARG NH2 HH22 sing N N 37  
ARG OXT HXT  sing N N 38  
ASN N   CA   sing N N 39  
ASN N   H    sing N N 40  
ASN N   H2   sing N N 41  
ASN CA  C    sing N N 42  
ASN CA  CB   sing N N 43  
ASN CA  HA   sing N N 44  
ASN C   O    doub N N 45  
ASN C   OXT  sing N N 46  
ASN CB  CG   sing N N 47  
ASN CB  HB2  sing N N 48  
ASN CB  HB3  sing N N 49  
ASN CG  OD1  doub N N 50  
ASN CG  ND2  sing N N 51  
ASN ND2 HD21 sing N N 52  
ASN ND2 HD22 sing N N 53  
ASN OXT HXT  sing N N 54  
ASP N   CA   sing N N 55  
ASP N   H    sing N N 56  
ASP N   H2   sing N N 57  
ASP CA  C    sing N N 58  
ASP CA  CB   sing N N 59  
ASP CA  HA   sing N N 60  
ASP C   O    doub N N 61  
ASP C   OXT  sing N N 62  
ASP CB  CG   sing N N 63  
ASP CB  HB2  sing N N 64  
ASP CB  HB3  sing N N 65  
ASP CG  OD1  doub N N 66  
ASP CG  OD2  sing N N 67  
ASP OD2 HD2  sing N N 68  
ASP OXT HXT  sing N N 69  
CYS N   CA   sing N N 70  
CYS N   H    sing N N 71  
CYS N   H2   sing N N 72  
CYS CA  C    sing N N 73  
CYS CA  CB   sing N N 74  
CYS CA  HA   sing N N 75  
CYS C   O    doub N N 76  
CYS C   OXT  sing N N 77  
CYS CB  SG   sing N N 78  
CYS CB  HB2  sing N N 79  
CYS CB  HB3  sing N N 80  
CYS SG  HG   sing N N 81  
CYS OXT HXT  sing N N 82  
GLN N   CA   sing N N 83  
GLN N   H    sing N N 84  
GLN N   H2   sing N N 85  
GLN CA  C    sing N N 86  
GLN CA  CB   sing N N 87  
GLN CA  HA   sing N N 88  
GLN C   O    doub N N 89  
GLN C   OXT  sing N N 90  
GLN CB  CG   sing N N 91  
GLN CB  HB2  sing N N 92  
GLN CB  HB3  sing N N 93  
GLN CG  CD   sing N N 94  
GLN CG  HG2  sing N N 95  
GLN CG  HG3  sing N N 96  
GLN CD  OE1  doub N N 97  
GLN CD  NE2  sing N N 98  
GLN NE2 HE21 sing N N 99  
GLN NE2 HE22 sing N N 100 
GLN OXT HXT  sing N N 101 
GLU N   CA   sing N N 102 
GLU N   H    sing N N 103 
GLU N   H2   sing N N 104 
GLU CA  C    sing N N 105 
GLU CA  CB   sing N N 106 
GLU CA  HA   sing N N 107 
GLU C   O    doub N N 108 
GLU C   OXT  sing N N 109 
GLU CB  CG   sing N N 110 
GLU CB  HB2  sing N N 111 
GLU CB  HB3  sing N N 112 
GLU CG  CD   sing N N 113 
GLU CG  HG2  sing N N 114 
GLU CG  HG3  sing N N 115 
GLU CD  OE1  doub N N 116 
GLU CD  OE2  sing N N 117 
GLU OE2 HE2  sing N N 118 
GLU OXT HXT  sing N N 119 
GLY N   CA   sing N N 120 
GLY N   H    sing N N 121 
GLY N   H2   sing N N 122 
GLY CA  C    sing N N 123 
GLY CA  HA2  sing N N 124 
GLY CA  HA3  sing N N 125 
GLY C   O    doub N N 126 
GLY C   OXT  sing N N 127 
GLY OXT HXT  sing N N 128 
HIS N   CA   sing N N 129 
HIS N   H    sing N N 130 
HIS N   H2   sing N N 131 
HIS CA  C    sing N N 132 
HIS CA  CB   sing N N 133 
HIS CA  HA   sing N N 134 
HIS C   O    doub N N 135 
HIS C   OXT  sing N N 136 
HIS CB  CG   sing N N 137 
HIS CB  HB2  sing N N 138 
HIS CB  HB3  sing N N 139 
HIS CG  ND1  sing Y N 140 
HIS CG  CD2  doub Y N 141 
HIS ND1 CE1  doub Y N 142 
HIS ND1 HD1  sing N N 143 
HIS CD2 NE2  sing Y N 144 
HIS CD2 HD2  sing N N 145 
HIS CE1 NE2  sing Y N 146 
HIS CE1 HE1  sing N N 147 
HIS NE2 HE2  sing N N 148 
HIS OXT HXT  sing N N 149 
HOH O   H1   sing N N 150 
HOH O   H2   sing N N 151 
ILE N   CA   sing N N 152 
ILE N   H    sing N N 153 
ILE N   H2   sing N N 154 
ILE CA  C    sing N N 155 
ILE CA  CB   sing N N 156 
ILE CA  HA   sing N N 157 
ILE C   O    doub N N 158 
ILE C   OXT  sing N N 159 
ILE CB  CG1  sing N N 160 
ILE CB  CG2  sing N N 161 
ILE CB  HB   sing N N 162 
ILE CG1 CD1  sing N N 163 
ILE CG1 HG12 sing N N 164 
ILE CG1 HG13 sing N N 165 
ILE CG2 HG21 sing N N 166 
ILE CG2 HG22 sing N N 167 
ILE CG2 HG23 sing N N 168 
ILE CD1 HD11 sing N N 169 
ILE CD1 HD12 sing N N 170 
ILE CD1 HD13 sing N N 171 
ILE OXT HXT  sing N N 172 
LEU N   CA   sing N N 173 
LEU N   H    sing N N 174 
LEU N   H2   sing N N 175 
LEU CA  C    sing N N 176 
LEU CA  CB   sing N N 177 
LEU CA  HA   sing N N 178 
LEU C   O    doub N N 179 
LEU C   OXT  sing N N 180 
LEU CB  CG   sing N N 181 
LEU CB  HB2  sing N N 182 
LEU CB  HB3  sing N N 183 
LEU CG  CD1  sing N N 184 
LEU CG  CD2  sing N N 185 
LEU CG  HG   sing N N 186 
LEU CD1 HD11 sing N N 187 
LEU CD1 HD12 sing N N 188 
LEU CD1 HD13 sing N N 189 
LEU CD2 HD21 sing N N 190 
LEU CD2 HD22 sing N N 191 
LEU CD2 HD23 sing N N 192 
LEU OXT HXT  sing N N 193 
LYS N   CA   sing N N 194 
LYS N   H    sing N N 195 
LYS N   H2   sing N N 196 
LYS CA  C    sing N N 197 
LYS CA  CB   sing N N 198 
LYS CA  HA   sing N N 199 
LYS C   O    doub N N 200 
LYS C   OXT  sing N N 201 
LYS CB  CG   sing N N 202 
LYS CB  HB2  sing N N 203 
LYS CB  HB3  sing N N 204 
LYS CG  CD   sing N N 205 
LYS CG  HG2  sing N N 206 
LYS CG  HG3  sing N N 207 
LYS CD  CE   sing N N 208 
LYS CD  HD2  sing N N 209 
LYS CD  HD3  sing N N 210 
LYS CE  NZ   sing N N 211 
LYS CE  HE2  sing N N 212 
LYS CE  HE3  sing N N 213 
LYS NZ  HZ1  sing N N 214 
LYS NZ  HZ2  sing N N 215 
LYS NZ  HZ3  sing N N 216 
LYS OXT HXT  sing N N 217 
MET N   CA   sing N N 218 
MET N   H    sing N N 219 
MET N   H2   sing N N 220 
MET CA  C    sing N N 221 
MET CA  CB   sing N N 222 
MET CA  HA   sing N N 223 
MET C   O    doub N N 224 
MET C   OXT  sing N N 225 
MET CB  CG   sing N N 226 
MET CB  HB2  sing N N 227 
MET CB  HB3  sing N N 228 
MET CG  SD   sing N N 229 
MET CG  HG2  sing N N 230 
MET CG  HG3  sing N N 231 
MET SD  CE   sing N N 232 
MET CE  HE1  sing N N 233 
MET CE  HE2  sing N N 234 
MET CE  HE3  sing N N 235 
MET OXT HXT  sing N N 236 
PHE N   CA   sing N N 237 
PHE N   H    sing N N 238 
PHE N   H2   sing N N 239 
PHE CA  C    sing N N 240 
PHE CA  CB   sing N N 241 
PHE CA  HA   sing N N 242 
PHE C   O    doub N N 243 
PHE C   OXT  sing N N 244 
PHE CB  CG   sing N N 245 
PHE CB  HB2  sing N N 246 
PHE CB  HB3  sing N N 247 
PHE CG  CD1  doub Y N 248 
PHE CG  CD2  sing Y N 249 
PHE CD1 CE1  sing Y N 250 
PHE CD1 HD1  sing N N 251 
PHE CD2 CE2  doub Y N 252 
PHE CD2 HD2  sing N N 253 
PHE CE1 CZ   doub Y N 254 
PHE CE1 HE1  sing N N 255 
PHE CE2 CZ   sing Y N 256 
PHE CE2 HE2  sing N N 257 
PHE CZ  HZ   sing N N 258 
PHE OXT HXT  sing N N 259 
PRO N   CA   sing N N 260 
PRO N   CD   sing N N 261 
PRO N   H    sing N N 262 
PRO CA  C    sing N N 263 
PRO CA  CB   sing N N 264 
PRO CA  HA   sing N N 265 
PRO C   O    doub N N 266 
PRO C   OXT  sing N N 267 
PRO CB  CG   sing N N 268 
PRO CB  HB2  sing N N 269 
PRO CB  HB3  sing N N 270 
PRO CG  CD   sing N N 271 
PRO CG  HG2  sing N N 272 
PRO CG  HG3  sing N N 273 
PRO CD  HD2  sing N N 274 
PRO CD  HD3  sing N N 275 
PRO OXT HXT  sing N N 276 
SER N   CA   sing N N 277 
SER N   H    sing N N 278 
SER N   H2   sing N N 279 
SER CA  C    sing N N 280 
SER CA  CB   sing N N 281 
SER CA  HA   sing N N 282 
SER C   O    doub N N 283 
SER C   OXT  sing N N 284 
SER CB  OG   sing N N 285 
SER CB  HB2  sing N N 286 
SER CB  HB3  sing N N 287 
SER OG  HG   sing N N 288 
SER OXT HXT  sing N N 289 
THR N   CA   sing N N 290 
THR N   H    sing N N 291 
THR N   H2   sing N N 292 
THR CA  C    sing N N 293 
THR CA  CB   sing N N 294 
THR CA  HA   sing N N 295 
THR C   O    doub N N 296 
THR C   OXT  sing N N 297 
THR CB  OG1  sing N N 298 
THR CB  CG2  sing N N 299 
THR CB  HB   sing N N 300 
THR OG1 HG1  sing N N 301 
THR CG2 HG21 sing N N 302 
THR CG2 HG22 sing N N 303 
THR CG2 HG23 sing N N 304 
THR OXT HXT  sing N N 305 
TRP N   CA   sing N N 306 
TRP N   H    sing N N 307 
TRP N   H2   sing N N 308 
TRP CA  C    sing N N 309 
TRP CA  CB   sing N N 310 
TRP CA  HA   sing N N 311 
TRP C   O    doub N N 312 
TRP C   OXT  sing N N 313 
TRP CB  CG   sing N N 314 
TRP CB  HB2  sing N N 315 
TRP CB  HB3  sing N N 316 
TRP CG  CD1  doub Y N 317 
TRP CG  CD2  sing Y N 318 
TRP CD1 NE1  sing Y N 319 
TRP CD1 HD1  sing N N 320 
TRP CD2 CE2  doub Y N 321 
TRP CD2 CE3  sing Y N 322 
TRP NE1 CE2  sing Y N 323 
TRP NE1 HE1  sing N N 324 
TRP CE2 CZ2  sing Y N 325 
TRP CE3 CZ3  doub Y N 326 
TRP CE3 HE3  sing N N 327 
TRP CZ2 CH2  doub Y N 328 
TRP CZ2 HZ2  sing N N 329 
TRP CZ3 CH2  sing Y N 330 
TRP CZ3 HZ3  sing N N 331 
TRP CH2 HH2  sing N N 332 
TRP OXT HXT  sing N N 333 
TYR N   CA   sing N N 334 
TYR N   H    sing N N 335 
TYR N   H2   sing N N 336 
TYR CA  C    sing N N 337 
TYR CA  CB   sing N N 338 
TYR CA  HA   sing N N 339 
TYR C   O    doub N N 340 
TYR C   OXT  sing N N 341 
TYR CB  CG   sing N N 342 
TYR CB  HB2  sing N N 343 
TYR CB  HB3  sing N N 344 
TYR CG  CD1  doub Y N 345 
TYR CG  CD2  sing Y N 346 
TYR CD1 CE1  sing Y N 347 
TYR CD1 HD1  sing N N 348 
TYR CD2 CE2  doub Y N 349 
TYR CD2 HD2  sing N N 350 
TYR CE1 CZ   doub Y N 351 
TYR CE1 HE1  sing N N 352 
TYR CE2 CZ   sing Y N 353 
TYR CE2 HE2  sing N N 354 
TYR CZ  OH   sing N N 355 
TYR OH  HH   sing N N 356 
TYR OXT HXT  sing N N 357 
VAL N   CA   sing N N 358 
VAL N   H    sing N N 359 
VAL N   H2   sing N N 360 
VAL CA  C    sing N N 361 
VAL CA  CB   sing N N 362 
VAL CA  HA   sing N N 363 
VAL C   O    doub N N 364 
VAL C   OXT  sing N N 365 
VAL CB  CG1  sing N N 366 
VAL CB  CG2  sing N N 367 
VAL CB  HB   sing N N 368 
VAL CG1 HG11 sing N N 369 
VAL CG1 HG12 sing N N 370 
VAL CG1 HG13 sing N N 371 
VAL CG2 HG21 sing N N 372 
VAL CG2 HG22 sing N N 373 
VAL CG2 HG23 sing N N 374 
VAL OXT HXT  sing N N 375 
# 
_atom_sites.entry_id                    3C5K 
_atom_sites.fract_transf_matrix[1][1]   0.01224136 
_atom_sites.fract_transf_matrix[1][2]   0.01082902 
_atom_sites.fract_transf_matrix[1][3]   0.01850748 
_atom_sites.fract_transf_matrix[2][1]   -0.01880440 
_atom_sites.fract_transf_matrix[2][2]   0.00131682 
_atom_sites.fract_transf_matrix[2][3]   0.01166726 
_atom_sites.fract_transf_matrix[3][1]   0.00334104 
_atom_sites.fract_transf_matrix[3][2]   -0.01608189 
_atom_sites.fract_transf_matrix[3][3]   0.00719991 
_atom_sites.fract_transf_vector[1]      0.181619 
_atom_sites.fract_transf_vector[2]      -0.118946 
_atom_sites.fract_transf_vector[3]      0.175400 
# 
loop_
_atom_type.symbol 
C  
N  
O  
S  
ZN 
# 
loop_
_atom_site.group_PDB 
_atom_site.id 
_atom_site.type_symbol 
_atom_site.label_atom_id 
_atom_site.label_alt_id 
_atom_site.label_comp_id 
_atom_site.label_asym_id 
_atom_site.label_entity_id 
_atom_site.label_seq_id 
_atom_site.pdbx_PDB_ins_code 
_atom_site.Cartn_x 
_atom_site.Cartn_y 
_atom_site.Cartn_z 
_atom_site.occupancy 
_atom_site.B_iso_or_equiv 
_atom_site.pdbx_formal_charge 
_atom_site.auth_seq_id 
_atom_site.auth_comp_id 
_atom_site.auth_asym_id 
_atom_site.auth_atom_id 
_atom_site.pdbx_PDB_model_num 
ATOM   1   N  N   . SER A 1 2   ? -3.887  -7.509  -15.931 1.00 16.47 ? 0   SER A N   1 
ATOM   2   C  CA  . SER A 1 2   ? -5.221  -7.353  -15.276 1.00 15.66 ? 0   SER A CA  1 
ATOM   3   C  C   . SER A 1 2   ? -5.385  -6.070  -14.432 1.00 14.13 ? 0   SER A C   1 
ATOM   4   O  O   . SER A 1 2   ? -6.452  -5.472  -14.471 1.00 14.73 ? 0   SER A O   1 
ATOM   5   C  CB  . SER A 1 2   ? -5.601  -8.596  -14.473 1.00 16.46 ? 0   SER A CB  1 
ATOM   6   O  OG  . SER A 1 2   ? -6.945  -8.519  -14.019 1.00 18.42 ? 0   SER A OG  1 
ATOM   7   N  N   . PRO A 1 3   ? -4.352  -5.665  -13.650 1.00 12.21 ? 1   PRO A N   1 
ATOM   8   C  CA  . PRO A 1 3   ? -4.393  -4.288  -13.145 1.00 10.82 ? 1   PRO A CA  1 
ATOM   9   C  C   . PRO A 1 3   ? -4.057  -3.325  -14.280 1.00 9.32  ? 1   PRO A C   1 
ATOM   10  O  O   . PRO A 1 3   ? -3.609  -3.758  -15.341 1.00 9.11  ? 1   PRO A O   1 
ATOM   11  C  CB  . PRO A 1 3   ? -3.262  -4.252  -12.125 1.00 10.54 ? 1   PRO A CB  1 
ATOM   12  C  CG  . PRO A 1 3   ? -2.272  -5.287  -12.631 1.00 11.75 ? 1   PRO A CG  1 
ATOM   13  C  CD  . PRO A 1 3   ? -3.148  -6.384  -13.188 1.00 12.33 ? 1   PRO A CD  1 
ATOM   14  N  N   . LEU A 1 4   ? -4.258  -2.030  -14.060 1.00 7.96  ? 2   LEU A N   1 
ATOM   15  C  CA  . LEU A 1 4   ? -3.810  -1.040  -15.039 1.00 7.40  ? 2   LEU A CA  1 
ATOM   16  C  C   . LEU A 1 4   ? -2.288  -0.985  -15.065 1.00 6.97  ? 2   LEU A C   1 
ATOM   17  O  O   . LEU A 1 4   ? -1.663  -1.015  -14.003 1.00 6.64  ? 2   LEU A O   1 
ATOM   18  C  CB  . LEU A 1 4   ? -4.321  0.344   -14.674 1.00 7.15  ? 2   LEU A CB  1 
ATOM   19  C  CG  . LEU A 1 4   ? -5.824  0.609   -14.732 1.00 8.16  ? 2   LEU A CG  1 
ATOM   20  C  CD1 . LEU A 1 4   ? -6.087  2.003   -14.211 1.00 9.37  ? 2   LEU A CD1 1 
ATOM   21  C  CD2 . LEU A 1 4   ? -6.409  0.418   -16.134 1.00 8.32  ? 2   LEU A CD2 1 
ATOM   22  N  N   . PRO A 1 5   ? -1.686  -0.892  -16.273 1.00 6.70  ? 3   PRO A N   1 
ATOM   23  C  CA  . PRO A 1 5   ? -0.228  -0.691  -16.385 1.00 6.42  ? 3   PRO A CA  1 
ATOM   24  C  C   . PRO A 1 5   ? 0.291   0.701   -16.001 1.00 6.25  ? 3   PRO A C   1 
ATOM   25  O  O   . PRO A 1 5   ? 1.500   0.903   -15.917 1.00 6.62  ? 3   PRO A O   1 
ATOM   26  C  CB  . PRO A 1 5   ? 0.061   -0.982  -17.864 1.00 6.56  ? 3   PRO A CB  1 
ATOM   27  C  CG  . PRO A 1 5   ? -1.238  -0.671  -18.566 1.00 6.71  ? 3   PRO A CG  1 
ATOM   28  C  CD  . PRO A 1 5   ? -2.325  -1.059  -17.593 1.00 6.81  ? 3   PRO A CD  1 
ATOM   29  N  N   . TRP A 1 6   ? -0.608  1.656   -15.779 1.00 5.62  ? 4   TRP A N   1 
ATOM   30  C  CA  . TRP A 1 6   ? -0.217  3.030   -15.483 1.00 4.67  ? 4   TRP A CA  1 
ATOM   31  C  C   . TRP A 1 6   ? -1.451  3.726   -14.950 1.00 4.69  ? 4   TRP A C   1 
ATOM   32  O  O   . TRP A 1 6   ? -2.560  3.342   -15.289 1.00 4.49  ? 4   TRP A O   1 
ATOM   33  C  CB  . TRP A 1 6   ? 0.249   3.741   -16.768 1.00 5.22  ? 4   TRP A CB  1 
ATOM   34  C  CG  . TRP A 1 6   ? 0.802   5.132   -16.581 1.00 5.16  ? 4   TRP A CG  1 
ATOM   35  C  CD1 . TRP A 1 6   ? 2.085   5.470   -16.258 1.00 5.49  ? 4   TRP A CD1 1 
ATOM   36  C  CD2 . TRP A 1 6   ? 0.092   6.376   -16.744 1.00 3.77  ? 4   TRP A CD2 1 
ATOM   37  N  NE1 . TRP A 1 6   ? 2.220   6.840   -16.195 1.00 6.00  ? 4   TRP A NE1 1 
ATOM   38  C  CE2 . TRP A 1 6   ? 1.014   7.420   -16.482 1.00 5.05  ? 4   TRP A CE2 1 
ATOM   39  C  CE3 . TRP A 1 6   ? -1.229  6.706   -17.075 1.00 5.78  ? 4   TRP A CE3 1 
ATOM   40  C  CZ2 . TRP A 1 6   ? 0.657   8.777   -16.551 1.00 4.85  ? 4   TRP A CZ2 1 
ATOM   41  C  CZ3 . TRP A 1 6   ? -1.586  8.057   -17.134 1.00 5.83  ? 4   TRP A CZ3 1 
ATOM   42  C  CH2 . TRP A 1 6   ? -0.640  9.073   -16.878 1.00 5.54  ? 4   TRP A CH2 1 
ATOM   43  N  N   . CYS A 1 7   ? -1.259  4.736   -14.116 1.00 4.25  ? 5   CYS A N   1 
ATOM   44  C  CA  . CYS A 1 7   ? -2.344  5.697   -13.841 1.00 4.25  ? 5   CYS A CA  1 
ATOM   45  C  C   . CYS A 1 7   ? -1.718  7.077   -13.655 1.00 4.66  ? 5   CYS A C   1 
ATOM   46  O  O   . CYS A 1 7   ? -0.501  7.178   -13.415 1.00 4.82  ? 5   CYS A O   1 
ATOM   47  C  CB  . CYS A 1 7   ? -3.260  5.269   -12.658 1.00 4.23  ? 5   CYS A CB  1 
ATOM   48  S  SG  . CYS A 1 7   ? -2.823  5.935   -11.032 1.00 4.31  ? 5   CYS A SG  1 
ATOM   49  N  N   . PRO A 1 8   ? -2.527  8.146   -13.816 1.00 4.65  ? 6   PRO A N   1 
ATOM   50  C  CA  . PRO A 1 8   ? -1.977  9.500   -13.704 1.00 4.67  ? 6   PRO A CA  1 
ATOM   51  C  C   . PRO A 1 8   ? -1.537  9.924   -12.303 1.00 4.88  ? 6   PRO A C   1 
ATOM   52  O  O   . PRO A 1 8   ? -1.027  11.038  -12.135 1.00 5.22  ? 6   PRO A O   1 
ATOM   53  C  CB  . PRO A 1 8   ? -3.102  10.389  -14.230 1.00 4.55  ? 6   PRO A CB  1 
ATOM   54  C  CG  . PRO A 1 8   ? -4.346  9.579   -14.068 1.00 4.86  ? 6   PRO A CG  1 
ATOM   55  C  CD  . PRO A 1 8   ? -3.954  8.143   -14.183 1.00 4.88  ? 6   PRO A CD  1 
ATOM   56  N  N   . HIS A 1 9   ? -1.708  9.045   -11.314 1.00 4.45  ? 7   HIS A N   1 
ATOM   57  C  CA  . HIS A 1 9   ? -1.372  9.386   -9.935  1.00 4.15  ? 7   HIS A CA  1 
ATOM   58  C  C   . HIS A 1 9   ? -0.084  8.745   -9.448  1.00 3.91  ? 7   HIS A C   1 
ATOM   59  O  O   . HIS A 1 9   ? 0.327   8.976   -8.312  1.00 4.25  ? 7   HIS A O   1 
ATOM   60  C  CB  . HIS A 1 9   ? -2.540  9.036   -9.005  1.00 3.46  ? 7   HIS A CB  1 
ATOM   61  C  CG  . HIS A 1 9   ? -3.830  9.639   -9.450  1.00 3.65  ? 7   HIS A CG  1 
ATOM   62  N  ND1 . HIS A 1 9   ? -4.732  8.956   -10.236 1.00 3.75  ? 7   HIS A ND1 1 
ATOM   63  C  CD2 . HIS A 1 9   ? -4.317  10.897  -9.318  1.00 4.98  ? 7   HIS A CD2 1 
ATOM   64  C  CE1 . HIS A 1 9   ? -5.735  9.758   -10.546 1.00 4.24  ? 7   HIS A CE1 1 
ATOM   65  N  NE2 . HIS A 1 9   ? -5.507  10.940  -10.000 1.00 4.76  ? 7   HIS A NE2 1 
ATOM   66  N  N   . LEU A 1 10  ? 0.571   7.968   -10.311 1.00 4.16  ? 8   LEU A N   1 
ATOM   67  C  CA  . LEU A 1 10  ? 1.858   7.379   -9.955  1.00 5.00  ? 8   LEU A CA  1 
ATOM   68  C  C   . LEU A 1 10  ? 2.911   8.394   -9.577  1.00 5.23  ? 8   LEU A C   1 
ATOM   69  O  O   . LEU A 1 10  ? 3.815   8.087   -8.800  1.00 6.05  ? 8   LEU A O   1 
ATOM   70  C  CB  . LEU A 1 10  ? 2.360   6.417   -11.026 1.00 5.03  ? 8   LEU A CB  1 
ATOM   71  C  CG  . LEU A 1 10  ? 1.533   5.150   -11.238 1.00 5.58  ? 8   LEU A CG  1 
ATOM   72  C  CD1 . LEU A 1 10  ? 1.916   4.518   -12.549 1.00 5.64  ? 8   LEU A CD1 1 
ATOM   73  C  CD2 . LEU A 1 10  ? 1.696   4.123   -10.076 1.00 5.11  ? 8   LEU A CD2 1 
ATOM   74  N  N   . VAL A 1 11  ? 2.775   9.603   -10.116 1.00 5.55  ? 9   VAL A N   1 
ATOM   75  C  CA  . VAL A 1 11  ? 3.674   10.711  -9.783  1.00 6.38  ? 9   VAL A CA  1 
ATOM   76  C  C   . VAL A 1 11  ? 3.673   11.060  -8.294  1.00 6.32  ? 9   VAL A C   1 
ATOM   77  O  O   . VAL A 1 11  ? 4.618   11.664  -7.794  1.00 6.83  ? 9   VAL A O   1 
ATOM   78  C  CB  . VAL A 1 11  ? 3.384   11.969  -10.642 1.00 6.39  ? 9   VAL A CB  1 
ATOM   79  C  CG1 . VAL A 1 11  ? 3.757   11.698  -12.097 1.00 7.59  ? 9   VAL A CG1 1 
ATOM   80  C  CG2 . VAL A 1 11  ? 1.915   12.415  -10.505 1.00 6.35  ? 9   VAL A CG2 1 
ATOM   81  N  N   . ALA A 1 12  ? 2.624   10.641  -7.585  1.00 6.12  ? 10  ALA A N   1 
ATOM   82  C  CA  . ALA A 1 12  ? 2.490   10.928  -6.162  1.00 5.89  ? 10  ALA A CA  1 
ATOM   83  C  C   . ALA A 1 12  ? 3.029   9.794   -5.283  1.00 5.71  ? 10  ALA A C   1 
ATOM   84  O  O   . ALA A 1 12  ? 3.020   9.900   -4.054  1.00 5.86  ? 10  ALA A O   1 
ATOM   85  C  CB  . ALA A 1 12  ? 1.037   11.236  -5.818  1.00 6.57  ? 10  ALA A CB  1 
ATOM   86  N  N   . VAL A 1 13  ? 3.499   8.715   -5.907  1.00 5.08  ? 11  VAL A N   1 
ATOM   87  C  CA  . VAL A 1 13  ? 4.156   7.637   -5.160  1.00 5.92  ? 11  VAL A CA  1 
ATOM   88  C  C   . VAL A 1 13  ? 5.533   8.124   -4.718  1.00 6.44  ? 11  VAL A C   1 
ATOM   89  O  O   . VAL A 1 13  ? 6.363   8.536   -5.553  1.00 7.12  ? 11  VAL A O   1 
ATOM   90  C  CB  . VAL A 1 13  ? 4.294   6.343   -5.989  1.00 5.48  ? 11  VAL A CB  1 
ATOM   91  C  CG1 . VAL A 1 13  ? 5.128   5.287   -5.238  1.00 5.39  ? 11  VAL A CG1 1 
ATOM   92  C  CG2 . VAL A 1 13  ? 2.934   5.781   -6.329  1.00 5.62  ? 11  VAL A CG2 1 
ATOM   93  N  N   . CYS A 1 14  ? 5.766   8.079   -3.410  1.00 6.81  ? 12  CYS A N   1 
ATOM   94  C  CA  . CYS A 1 14  ? 6.978   8.621   -2.811  1.00 7.65  ? 12  CYS A CA  1 
ATOM   95  C  C   . CYS A 1 14  ? 8.014   7.548   -2.445  1.00 8.50  ? 12  CYS A C   1 
ATOM   96  O  O   . CYS A 1 14  ? 7.680   6.370   -2.309  1.00 8.41  ? 12  CYS A O   1 
ATOM   97  C  CB  . CYS A 1 14  ? 6.618   9.468   -1.591  1.00 7.46  ? 12  CYS A CB  1 
ATOM   98  S  SG  . CYS A 1 14  ? 5.634   10.929  -2.031  1.00 6.92  ? 12  CYS A SG  1 
ATOM   99  N  N   . PRO A 1 15  ? 9.277   7.958   -2.290  1.00 9.76  ? 13  PRO A N   1 
ATOM   100 C  CA  . PRO A 1 15  ? 10.317  6.992   -1.974  1.00 11.05 ? 13  PRO A CA  1 
ATOM   101 C  C   . PRO A 1 15  ? 10.010  6.215   -0.706  1.00 12.19 ? 13  PRO A C   1 
ATOM   102 O  O   . PRO A 1 15  ? 9.466   6.762   0.264   1.00 12.16 ? 13  PRO A O   1 
ATOM   103 C  CB  . PRO A 1 15  ? 11.557  7.871   -1.796  1.00 11.24 ? 13  PRO A CB  1 
ATOM   104 C  CG  . PRO A 1 15  ? 11.290  9.018   -2.687  1.00 10.48 ? 13  PRO A CG  1 
ATOM   105 C  CD  . PRO A 1 15  ? 9.842   9.311   -2.437  1.00 9.92  ? 13  PRO A CD  1 
ATOM   106 N  N   . ILE A 1 16  ? 10.336  4.929   -0.737  1.00 13.84 ? 14  ILE A N   1 
ATOM   107 C  CA  . ILE A 1 16  ? 10.177  4.092   0.429   1.00 15.17 ? 14  ILE A CA  1 
ATOM   108 C  C   . ILE A 1 16  ? 11.153  4.588   1.492   1.00 15.72 ? 14  ILE A C   1 
ATOM   109 O  O   . ILE A 1 16  ? 12.313  4.886   1.181   1.00 16.36 ? 14  ILE A O   1 
ATOM   110 C  CB  . ILE A 1 16  ? 10.378  2.580   0.095   1.00 14.94 ? 14  ILE A CB  1 
ATOM   111 C  CG1 . ILE A 1 16  ? 10.003  1.707   1.294   1.00 16.33 ? 14  ILE A CG1 1 
ATOM   112 C  CG2 . ILE A 1 16  ? 11.801  2.282   -0.405  1.00 15.99 ? 14  ILE A CG2 1 
ATOM   113 N  N   . PRO A 1 17  ? 10.682  4.719   2.738   1.00 16.21 ? 15  PRO A N   1 
ATOM   114 C  CA  . PRO A 1 17  ? 11.635  5.010   3.813   1.00 16.86 ? 15  PRO A CA  1 
ATOM   115 C  C   . PRO A 1 17  ? 12.715  3.931   3.912   1.00 17.30 ? 15  PRO A C   1 
ATOM   116 O  O   . PRO A 1 17  ? 12.448  2.750   3.646   1.00 17.34 ? 15  PRO A O   1 
ATOM   117 C  CB  . PRO A 1 17  ? 10.779  4.996   5.085   1.00 16.54 ? 15  PRO A CB  1 
ATOM   118 C  CG  . PRO A 1 17  ? 9.384   4.879   4.663   1.00 16.63 ? 15  PRO A CG  1 
ATOM   119 C  CD  . PRO A 1 17  ? 9.296   4.581   3.216   1.00 16.05 ? 15  PRO A CD  1 
ATOM   120 N  N   . ALA A 1 18  ? 13.924  4.340   4.286   1.00 17.53 ? 16  ALA A N   1 
ATOM   121 C  CA  . ALA A 1 18  ? 15.018  3.398   4.513   1.00 17.74 ? 16  ALA A CA  1 
ATOM   122 C  C   . ALA A 1 18  ? 14.726  2.513   5.737   1.00 17.84 ? 16  ALA A C   1 
ATOM   123 O  O   . ALA A 1 18  ? 15.265  1.397   5.850   1.00 18.74 ? 16  ALA A O   1 
ATOM   124 C  CB  . ALA A 1 18  ? 16.337  4.138   4.668   1.00 17.71 ? 16  ALA A CB  1 
ATOM   125 N  N   . ALA A 1 19  ? 13.870  3.016   6.629   1.00 17.90 ? 17  ALA A N   1 
ATOM   126 C  CA  . ALA A 1 19  ? 13.281  2.248   7.738   1.00 17.64 ? 17  ALA A CA  1 
ATOM   127 C  C   . ALA A 1 19  ? 12.544  1.010   7.220   1.00 17.14 ? 17  ALA A C   1 
ATOM   128 O  O   . ALA A 1 19  ? 12.428  -0.005  7.923   1.00 17.33 ? 17  ALA A O   1 
ATOM   129 C  CB  . ALA A 1 19  ? 12.325  3.130   8.525   1.00 18.01 ? 17  ALA A CB  1 
ATOM   130 N  N   . GLY A 1 20  ? 12.067  1.093   5.982   1.00 15.84 ? 18  GLY A N   1 
ATOM   131 C  CA  . GLY A 1 20  ? 11.384  -0.017  5.347   1.00 14.81 ? 18  GLY A CA  1 
ATOM   132 C  C   . GLY A 1 20  ? 9.926   -0.064  5.750   1.00 14.09 ? 18  GLY A C   1 
ATOM   133 O  O   . GLY A 1 20  ? 9.376   0.906   6.302   1.00 14.74 ? 18  GLY A O   1 
ATOM   134 N  N   . LEU A 1 21  ? 9.295   -1.196  5.462   1.00 12.56 ? 19  LEU A N   1 
ATOM   135 C  CA  . LEU A 1 21  ? 7.873   -1.362  5.703   1.00 11.52 ? 19  LEU A CA  1 
ATOM   136 C  C   . LEU A 1 21  ? 7.662   -2.459  6.721   1.00 10.81 ? 19  LEU A C   1 
ATOM   137 O  O   . LEU A 1 21  ? 8.436   -3.414  6.764   1.00 11.28 ? 19  LEU A O   1 
ATOM   138 C  CB  . LEU A 1 21  ? 7.157   -1.730  4.405   1.00 11.38 ? 19  LEU A CB  1 
ATOM   139 C  CG  . LEU A 1 21  ? 7.180   -0.683  3.285   1.00 11.42 ? 19  LEU A CG  1 
ATOM   140 C  CD1 . LEU A 1 21  ? 6.618   -1.286  2.004   1.00 11.70 ? 19  LEU A CD1 1 
ATOM   141 C  CD2 . LEU A 1 21  ? 6.426   0.587   3.678   1.00 10.45 ? 19  LEU A CD2 1 
ATOM   142 N  N   . ASP A 1 22  ? 6.623   -2.309  7.536   1.00 9.54  ? 20  ASP A N   1 
ATOM   143 C  CA  . ASP A 1 22  ? 6.233   -3.342  8.498   1.00 8.89  ? 20  ASP A CA  1 
ATOM   144 C  C   . ASP A 1 22  ? 4.814   -3.775  8.181   1.00 7.96  ? 20  ASP A C   1 
ATOM   145 O  O   . ASP A 1 22  ? 3.851   -3.070  8.536   1.00 6.92  ? 20  ASP A O   1 
ATOM   146 C  CB  . ASP A 1 22  ? 6.341   -2.808  9.927   1.00 9.55  ? 20  ASP A CB  1 
ATOM   147 C  CG  . ASP A 1 22  ? 5.968   -3.845  10.984  1.00 12.08 ? 20  ASP A CG  1 
ATOM   148 O  OD1 . ASP A 1 22  ? 5.473   -4.940  10.640  1.00 12.42 ? 20  ASP A OD1 1 
ATOM   149 O  OD2 . ASP A 1 22  ? 6.157   -3.553  12.182  1.00 16.73 ? 20  ASP A OD2 1 
ATOM   150 N  N   . VAL A 1 23  ? 4.680   -4.924  7.515   1.00 6.56  ? 21  VAL A N   1 
ATOM   151 C  CA  . VAL A 1 23  ? 3.376   -5.370  7.036   1.00 6.29  ? 21  VAL A CA  1 
ATOM   152 C  C   . VAL A 1 23  ? 2.445   -5.771  8.185   1.00 5.77  ? 21  VAL A C   1 
ATOM   153 O  O   . VAL A 1 23  ? 1.265   -5.991  7.953   1.00 5.92  ? 21  VAL A O   1 
ATOM   154 C  CB  . VAL A 1 23  ? 3.439   -6.530  6.002   1.00 6.55  ? 21  VAL A CB  1 
ATOM   155 C  CG1 . VAL A 1 23  ? 4.299   -6.153  4.806   1.00 6.57  ? 21  VAL A CG1 1 
ATOM   156 C  CG2 . VAL A 1 23  ? 3.921   -7.820  6.650   1.00 6.76  ? 21  VAL A CG2 1 
ATOM   157 N  N   . THR A 1 24  ? 2.985   -5.880  9.402   1.00 6.11  ? 22  THR A N   1 
ATOM   158 C  CA  . THR A 1 24  ? 2.165   -6.175  10.588  1.00 6.35  ? 22  THR A CA  1 
ATOM   159 C  C   . THR A 1 24  ? 1.848   -4.918  11.406  1.00 5.93  ? 22  THR A C   1 
ATOM   160 O  O   . THR A 1 24  ? 1.302   -5.007  12.511  1.00 5.95  ? 22  THR A O   1 
ATOM   161 C  CB  . THR A 1 24  ? 2.791   -7.254  11.507  1.00 6.63  ? 22  THR A CB  1 
ATOM   162 O  OG1 . THR A 1 24  ? 3.967   -6.738  12.141  1.00 7.18  ? 22  THR A OG1 1 
ATOM   163 C  CG2 . THR A 1 24  ? 3.132   -8.497  10.716  1.00 7.11  ? 22  THR A CG2 1 
ATOM   164 N  N   . GLN A 1 25  ? 2.173   -3.747  10.856  1.00 6.17  ? 23  GLN A N   1 
ATOM   165 C  CA  . GLN A 1 25  ? 1.811   -2.482  11.497  1.00 6.46  ? 23  GLN A CA  1 
ATOM   166 C  C   . GLN A 1 25  ? 0.285   -2.336  11.567  1.00 6.60  ? 23  GLN A C   1 
ATOM   167 O  O   . GLN A 1 25  ? -0.410  -2.558  10.562  1.00 7.00  ? 23  GLN A O   1 
ATOM   168 C  CB  . GLN A 1 25  ? 2.425   -1.296  10.742  1.00 6.23  ? 23  GLN A CB  1 
ATOM   169 C  CG  . GLN A 1 25  ? 2.227   0.051   11.426  1.00 7.02  ? 23  GLN A CG  1 
ATOM   170 C  CD  . GLN A 1 25  ? 3.053   1.144   10.770  1.00 7.23  ? 23  GLN A CD  1 
ATOM   171 O  OE1 . GLN A 1 25  ? 4.091   0.870   10.177  1.00 8.45  ? 23  GLN A OE1 1 
ATOM   172 N  NE2 . GLN A 1 25  ? 2.591   2.388   10.875  1.00 9.28  ? 23  GLN A NE2 1 
ATOM   173 N  N   . PRO A 1 26  ? -0.241  -1.994  12.757  1.00 6.29  ? 24  PRO A N   1 
ATOM   174 C  CA  . PRO A 1 26  ? -1.689  -1.874  12.920  1.00 6.01  ? 24  PRO A CA  1 
ATOM   175 C  C   . PRO A 1 26  ? -2.227  -0.542  12.414  1.00 6.11  ? 24  PRO A C   1 
ATOM   176 O  O   . PRO A 1 26  ? -1.456  0.383   12.143  1.00 6.35  ? 24  PRO A O   1 
ATOM   177 C  CB  . PRO A 1 26  ? -1.875  -1.958  14.436  1.00 6.28  ? 24  PRO A CB  1 
ATOM   178 C  CG  . PRO A 1 26  ? -0.635  -1.352  14.994  1.00 6.76  ? 24  PRO A CG  1 
ATOM   179 C  CD  . PRO A 1 26  ? 0.479   -1.711  14.019  1.00 6.23  ? 24  PRO A CD  1 
ATOM   180 N  N   . CYS A 1 27  ? -3.548  -0.447  12.315  1.00 5.38  ? 25  CYS A N   1 
ATOM   181 C  CA  . CYS A 1 27  ? -4.171  0.778   11.817  1.00 5.89  ? 25  CYS A CA  1 
ATOM   182 C  C   . CYS A 1 27  ? -3.835  1.937   12.746  1.00 6.49  ? 25  CYS A C   1 
ATOM   183 O  O   . CYS A 1 27  ? -3.990  1.832   13.957  1.00 6.84  ? 25  CYS A O   1 
ATOM   184 C  CB  . CYS A 1 27  ? -5.679  0.606   11.714  1.00 5.69  ? 25  CYS A CB  1 
ATOM   185 S  SG  . CYS A 1 27  ? -6.548  2.138   11.291  1.00 5.08  ? 25  CYS A SG  1 
ATOM   186 N  N   . GLY A 1 28  ? -3.398  3.059   12.179  1.00 7.21  ? 26  GLY A N   1 
ATOM   187 C  CA  . GLY A 1 28  ? -3.033  4.211   13.001  1.00 8.29  ? 26  GLY A CA  1 
ATOM   188 C  C   . GLY A 1 28  ? -4.177  4.863   13.764  1.00 9.05  ? 26  GLY A C   1 
ATOM   189 O  O   . GLY A 1 28  ? -3.941  5.574   14.746  1.00 10.03 ? 26  GLY A O   1 
ATOM   190 N  N   . ASP A 1 29  ? -5.409  4.637   13.316  1.00 8.78  ? 27  ASP A N   1 
ATOM   191 C  CA  . ASP A 1 29  ? -6.588  5.157   14.013  1.00 10.22 ? 27  ASP A CA  1 
ATOM   192 C  C   . ASP A 1 29  ? -7.129  4.155   15.037  1.00 9.90  ? 27  ASP A C   1 
ATOM   193 O  O   . ASP A 1 29  ? -7.073  4.410   16.247  1.00 10.54 ? 27  ASP A O   1 
ATOM   194 C  CB  . ASP A 1 29  ? -7.677  5.576   13.020  1.00 10.07 ? 27  ASP A CB  1 
ATOM   195 C  CG  . ASP A 1 29  ? -7.357  6.880   12.307  1.00 13.48 ? 27  ASP A CG  1 
ATOM   196 O  OD1 . ASP A 1 29  ? -6.557  7.696   12.832  1.00 14.75 ? 27  ASP A OD1 1 
ATOM   197 O  OD2 . ASP A 1 29  ? -7.933  7.089   11.219  1.00 15.67 ? 27  ASP A OD2 1 
ATOM   198 N  N   . CYS A 1 30  ? -7.636  3.015   14.564  1.00 9.63  ? 28  CYS A N   1 
ATOM   199 C  CA  . CYS A 1 30  ? -8.298  2.061   15.464  1.00 8.59  ? 28  CYS A CA  1 
ATOM   200 C  C   . CYS A 1 30  ? -7.412  0.957   16.039  1.00 8.55  ? 28  CYS A C   1 
ATOM   201 O  O   . CYS A 1 30  ? -7.816  0.276   16.982  1.00 8.66  ? 28  CYS A O   1 
ATOM   202 C  CB  . CYS A 1 30  ? -9.538  1.459   14.805  1.00 8.80  ? 28  CYS A CB  1 
ATOM   203 S  SG  . CYS A 1 30  ? -9.209  0.343   13.460  1.00 6.27  ? 28  CYS A SG  1 
ATOM   204 N  N   . GLY A 1 31  ? -6.221  0.763   15.474  1.00 7.89  ? 29  GLY A N   1 
ATOM   205 C  CA  . GLY A 1 31  ? -5.289  -0.240  15.994  1.00 7.79  ? 29  GLY A CA  1 
ATOM   206 C  C   . GLY A 1 31  ? -5.534  -1.675  15.566  1.00 7.33  ? 29  GLY A C   1 
ATOM   207 O  O   . GLY A 1 31  ? -4.813  -2.585  15.998  1.00 7.13  ? 29  GLY A O   1 
ATOM   208 N  N   . THR A 1 32  ? -6.520  -1.897  14.701  1.00 7.46  ? 30  THR A N   1 
ATOM   209 C  CA  . THR A 1 32  ? -6.775  -3.249  14.192  1.00 7.51  ? 30  THR A CA  1 
ATOM   210 C  C   . THR A 1 32  ? -5.557  -3.834  13.486  1.00 8.06  ? 30  THR A C   1 
ATOM   211 O  O   . THR A 1 32  ? -4.784  -3.118  12.840  1.00 6.65  ? 30  THR A O   1 
ATOM   212 C  CB  . THR A 1 32  ? -7.999  -3.319  13.262  1.00 7.62  ? 30  THR A CB  1 
ATOM   213 O  OG1 . THR A 1 32  ? -8.258  -4.684  12.918  1.00 8.86  ? 30  THR A OG1 1 
ATOM   214 C  CG2 . THR A 1 32  ? -7.778  -2.515  11.973  1.00 7.61  ? 30  THR A CG2 1 
ATOM   215 N  N   . ILE A 1 33  ? -5.382  -5.142  13.620  1.00 7.68  ? 31  ILE A N   1 
ATOM   216 C  CA  . ILE A 1 33  ? -4.304  -5.831  12.930  1.00 8.55  ? 31  ILE A CA  1 
ATOM   217 C  C   . ILE A 1 33  ? -4.761  -6.335  11.562  1.00 8.36  ? 31  ILE A C   1 
ATOM   218 O  O   . ILE A 1 33  ? -3.948  -6.837  10.783  1.00 9.40  ? 31  ILE A O   1 
ATOM   219 C  CB  . ILE A 1 33  ? -3.781  -7.018  13.771  1.00 8.65  ? 31  ILE A CB  1 
ATOM   220 C  CG1 . ILE A 1 33  ? -4.852  -8.106  13.892  1.00 8.83  ? 31  ILE A CG1 1 
ATOM   221 C  CG2 . ILE A 1 33  ? -3.316  -6.538  15.149  1.00 10.18 ? 31  ILE A CG2 1 
ATOM   222 C  CD1 . ILE A 1 33  ? -4.347  -9.394  14.505  1.00 8.18  ? 31  ILE A CD1 1 
ATOM   223 N  N   . GLN A 1 34  ? -6.052  -6.172  11.265  1.00 8.09  ? 32  GLN A N   1 
ATOM   224 C  CA  . GLN A 1 34  ? -6.651  -6.762  10.066  1.00 7.93  ? 32  GLN A CA  1 
ATOM   225 C  C   . GLN A 1 34  ? -6.774  -5.796  8.896   1.00 7.81  ? 32  GLN A C   1 
ATOM   226 O  O   . GLN A 1 34  ? -7.093  -4.608  9.084   1.00 8.09  ? 32  GLN A O   1 
ATOM   227 C  CB  . GLN A 1 34  ? -8.055  -7.280  10.377  1.00 7.83  ? 32  GLN A CB  1 
ATOM   228 C  CG  . GLN A 1 34  ? -8.116  -8.451  11.333  1.00 8.73  ? 32  GLN A CG  1 
ATOM   229 C  CD  . GLN A 1 34  ? -9.549  -8.866  11.599  1.00 9.10  ? 32  GLN A CD  1 
ATOM   230 O  OE1 . GLN A 1 34  ? -10.274 -9.272  10.680  1.00 11.79 ? 32  GLN A OE1 1 
ATOM   231 N  NE2 . GLN A 1 34  ? -9.972  -8.753  12.848  1.00 9.25  ? 32  GLN A NE2 1 
ATOM   232 N  N   . GLU A 1 35  ? -6.573  -6.333  7.690   1.00 7.74  ? 33  GLU A N   1 
ATOM   233 C  CA  . GLU A 1 35  ? -6.927  -5.648  6.433   1.00 7.92  ? 33  GLU A CA  1 
ATOM   234 C  C   . GLU A 1 35  ? -6.281  -4.271  6.284   1.00 7.21  ? 33  GLU A C   1 
ATOM   235 O  O   . GLU A 1 35  ? -6.890  -3.342  5.730   1.00 7.58  ? 33  GLU A O   1 
ATOM   236 C  CB  . GLU A 1 35  ? -8.455  -5.516  6.296   1.00 8.92  ? 33  GLU A CB  1 
ATOM   237 C  CG  . GLU A 1 35  ? -9.189  -6.840  6.189   1.00 10.53 ? 33  GLU A CG  1 
ATOM   238 C  CD  . GLU A 1 35  ? -9.321  -7.345  4.762   1.00 13.13 ? 33  GLU A CD  1 
ATOM   239 O  OE1 . GLU A 1 35  ? -9.508  -6.518  3.848   1.00 15.88 ? 33  GLU A OE1 1 
ATOM   240 O  OE2 . GLU A 1 35  ? -9.247  -8.580  4.559   1.00 15.28 ? 33  GLU A OE2 1 
ATOM   241 N  N   . ASN A 1 36  ? -5.052  -4.129  6.771   1.00 6.62  ? 34  ASN A N   1 
ATOM   242 C  CA  . ASN A 1 36  ? -4.384  -2.835  6.658   1.00 5.62  ? 34  ASN A CA  1 
ATOM   243 C  C   . ASN A 1 36  ? -3.740  -2.573  5.309   1.00 5.19  ? 34  ASN A C   1 
ATOM   244 O  O   . ASN A 1 36  ? -3.355  -3.494  4.570   1.00 4.87  ? 34  ASN A O   1 
ATOM   245 C  CB  . ASN A 1 36  ? -3.407  -2.600  7.804   1.00 5.94  ? 34  ASN A CB  1 
ATOM   246 C  CG  . ASN A 1 36  ? -4.108  -2.427  9.128   1.00 6.48  ? 34  ASN A CG  1 
ATOM   247 O  OD1 . ASN A 1 36  ? -4.880  -1.483  9.323   1.00 6.62  ? 34  ASN A OD1 1 
ATOM   248 N  ND2 . ASN A 1 36  ? -3.854  -3.354  10.056  1.00 7.90  ? 34  ASN A ND2 1 
ATOM   249 N  N   . TRP A 1 37  ? -3.658  -1.282  5.005   1.00 4.06  ? 35  TRP A N   1 
ATOM   250 C  CA  . TRP A 1 37  ? -3.012  -0.767  3.802   1.00 3.90  ? 35  TRP A CA  1 
ATOM   251 C  C   . TRP A 1 37  ? -1.991  0.263   4.243   1.00 3.78  ? 35  TRP A C   1 
ATOM   252 O  O   . TRP A 1 37  ? -2.122  0.851   5.319   1.00 3.93  ? 35  TRP A O   1 
ATOM   253 C  CB  . TRP A 1 37  ? -4.044  -0.073  2.913   1.00 4.13  ? 35  TRP A CB  1 
ATOM   254 C  CG  . TRP A 1 37  ? -5.129  -0.960  2.396   1.00 3.43  ? 35  TRP A CG  1 
ATOM   255 C  CD1 . TRP A 1 37  ? -6.161  -1.502  3.110   1.00 3.77  ? 35  TRP A CD1 1 
ATOM   256 C  CD2 . TRP A 1 37  ? -5.304  -1.391  1.046   1.00 3.36  ? 35  TRP A CD2 1 
ATOM   257 N  NE1 . TRP A 1 37  ? -6.963  -2.256  2.285   1.00 5.62  ? 35  TRP A NE1 1 
ATOM   258 C  CE2 . TRP A 1 37  ? -6.458  -2.203  1.012   1.00 3.84  ? 35  TRP A CE2 1 
ATOM   259 C  CE3 . TRP A 1 37  ? -4.593  -1.176  -0.142  1.00 4.16  ? 35  TRP A CE3 1 
ATOM   260 C  CZ2 . TRP A 1 37  ? -6.921  -2.797  -0.172  1.00 4.51  ? 35  TRP A CZ2 1 
ATOM   261 C  CZ3 . TRP A 1 37  ? -5.053  -1.765  -1.313  1.00 4.30  ? 35  TRP A CZ3 1 
ATOM   262 C  CH2 . TRP A 1 37  ? -6.198  -2.560  -1.320  1.00 3.55  ? 35  TRP A CH2 1 
ATOM   263 N  N   . VAL A 1 38  ? -0.985  0.485   3.407   1.00 4.14  ? 36  VAL A N   1 
ATOM   264 C  CA  . VAL A 1 38  ? -0.027  1.574   3.622   1.00 4.37  ? 36  VAL A CA  1 
ATOM   265 C  C   . VAL A 1 38  ? -0.152  2.604   2.494   1.00 4.52  ? 36  VAL A C   1 
ATOM   266 O  O   . VAL A 1 38  ? -0.276  2.242   1.326   1.00 4.27  ? 36  VAL A O   1 
ATOM   267 C  CB  . VAL A 1 38  ? 1.425   1.052   3.759   1.00 4.72  ? 36  VAL A CB  1 
ATOM   268 C  CG1 . VAL A 1 38  ? 1.859   0.279   2.519   1.00 3.82  ? 36  VAL A CG1 1 
ATOM   269 C  CG2 . VAL A 1 38  ? 2.393   2.181   4.085   1.00 5.17  ? 36  VAL A CG2 1 
ATOM   270 N  N   . CYS A 1 39  ? -0.132  3.879   2.869   1.00 4.64  ? 37  CYS A N   1 
ATOM   271 C  CA  . CYS A 1 39  ? -0.271  4.956   1.902   1.00 4.75  ? 37  CYS A CA  1 
ATOM   272 C  C   . CYS A 1 39  ? 1.053   5.176   1.200   1.00 5.06  ? 37  CYS A C   1 
ATOM   273 O  O   . CYS A 1 39  ? 2.081   5.404   1.847   1.00 5.25  ? 37  CYS A O   1 
ATOM   274 C  CB  . CYS A 1 39  ? -0.705  6.231   2.589   1.00 4.36  ? 37  CYS A CB  1 
ATOM   275 S  SG  . CYS A 1 39  ? -0.858  7.572   1.413   1.00 5.29  ? 37  CYS A SG  1 
ATOM   276 N  N   . LEU A 1 40  ? 1.022   5.103   -0.126  1.00 4.86  ? 38  LEU A N   1 
ATOM   277 C  CA  . LEU A 1 40  ? 2.239   5.223   -0.920  1.00 5.50  ? 38  LEU A CA  1 
ATOM   278 C  C   . LEU A 1 40  ? 2.749   6.657   -1.079  1.00 5.50  ? 38  LEU A C   1 
ATOM   279 O  O   . LEU A 1 40  ? 3.796   6.872   -1.710  1.00 5.80  ? 38  LEU A O   1 
ATOM   280 C  CB  . LEU A 1 40  ? 2.083   4.526   -2.277  1.00 6.11  ? 38  LEU A CB  1 
ATOM   281 C  CG  . LEU A 1 40  ? 1.832   3.015   -2.194  1.00 7.04  ? 38  LEU A CG  1 
ATOM   282 C  CD1 . LEU A 1 40  ? 1.773   2.369   -3.571  1.00 6.80  ? 38  LEU A CD1 1 
ATOM   283 C  CD2 . LEU A 1 40  ? 2.865   2.313   -1.319  1.00 6.65  ? 38  LEU A CD2 1 
ATOM   284 N  N   . SER A 1 41  ? 2.028   7.624   -0.510  1.00 5.95  ? 39  SER A N   1 
ATOM   285 C  CA  . SER A 1 41  ? 2.576   8.974   -0.423  1.00 6.10  ? 39  SER A CA  1 
ATOM   286 C  C   . SER A 1 41  ? 3.283   9.208   0.918   1.00 6.41  ? 39  SER A C   1 
ATOM   287 O  O   . SER A 1 41  ? 4.483   9.510   0.930   1.00 7.26  ? 39  SER A O   1 
ATOM   288 C  CB  . SER A 1 41  ? 1.524   10.049  -0.724  1.00 6.11  ? 39  SER A CB  1 
ATOM   289 O  OG  . SER A 1 41  ? 1.028   9.902   -2.044  1.00 5.89  ? 39  SER A OG  1 
ATOM   290 N  N   . CYS A 1 42  ? 2.568   9.019   2.031   1.00 6.41  ? 40  CYS A N   1 
ATOM   291 C  CA  . CYS A 1 42  ? 3.061   9.416   3.350   1.00 6.29  ? 40  CYS A CA  1 
ATOM   292 C  C   . CYS A 1 42  ? 3.379   8.233   4.275   1.00 6.48  ? 40  CYS A C   1 
ATOM   293 O  O   . CYS A 1 42  ? 3.894   8.438   5.372   1.00 7.01  ? 40  CYS A O   1 
ATOM   294 C  CB  . CYS A 1 42  ? 2.060   10.340  4.046   1.00 6.79  ? 40  CYS A CB  1 
ATOM   295 S  SG  . CYS A 1 42  ? 0.528   9.540   4.591   1.00 7.48  ? 40  CYS A SG  1 
ATOM   296 N  N   . TYR A 1 43  ? 3.078   7.019   3.820   1.00 6.03  ? 41  TYR A N   1 
ATOM   297 C  CA  . TYR A 1 43  ? 3.475   5.769   4.522   1.00 6.02  ? 41  TYR A CA  1 
ATOM   298 C  C   . TYR A 1 43  ? 2.883   5.556   5.907   1.00 6.06  ? 41  TYR A C   1 
ATOM   299 O  O   . TYR A 1 43  ? 3.340   4.704   6.688   1.00 6.22  ? 41  TYR A O   1 
ATOM   300 C  CB  . TYR A 1 43  ? 4.997   5.576   4.474   1.00 6.32  ? 41  TYR A CB  1 
ATOM   301 C  CG  . TYR A 1 43  ? 5.422   5.270   3.064   1.00 6.33  ? 41  TYR A CG  1 
ATOM   302 C  CD1 . TYR A 1 43  ? 5.470   3.953   2.596   1.00 7.32  ? 41  TYR A CD1 1 
ATOM   303 C  CD2 . TYR A 1 43  ? 5.730   6.301   2.178   1.00 6.45  ? 41  TYR A CD2 1 
ATOM   304 C  CE1 . TYR A 1 43  ? 5.837   3.675   1.291   1.00 6.02  ? 41  TYR A CE1 1 
ATOM   305 C  CE2 . TYR A 1 43  ? 6.080   6.042   0.866   1.00 6.28  ? 41  TYR A CE2 1 
ATOM   306 C  CZ  . TYR A 1 43  ? 6.125   4.733   0.428   1.00 6.59  ? 41  TYR A CZ  1 
ATOM   307 O  OH  . TYR A 1 43  ? 6.473   4.489   -0.863  1.00 7.84  ? 41  TYR A OH  1 
ATOM   308 N  N   . GLN A 1 44  ? 1.808   6.285   6.177   1.00 5.67  ? 42  GLN A N   1 
ATOM   309 C  CA  . GLN A 1 44  ? 0.910   5.966   7.278   1.00 5.87  ? 42  GLN A CA  1 
ATOM   310 C  C   . GLN A 1 44  ? 0.085   4.727   6.923   1.00 5.64  ? 42  GLN A C   1 
ATOM   311 O  O   . GLN A 1 44  ? -0.155  4.428   5.749   1.00 4.98  ? 42  GLN A O   1 
ATOM   312 C  CB  . GLN A 1 44  ? 0.017   7.164   7.598   1.00 6.68  ? 42  GLN A CB  1 
ATOM   313 C  CG  . GLN A 1 44  ? 0.787   8.323   8.230   1.00 8.41  ? 42  GLN A CG  1 
ATOM   314 C  CD  . GLN A 1 44  ? 0.010   9.618   8.207   1.00 9.90  ? 42  GLN A CD  1 
ATOM   315 O  OE1 . GLN A 1 44  ? -1.226  9.629   8.245   1.00 11.11 ? 42  GLN A OE1 1 
ATOM   316 N  NE2 . GLN A 1 44  ? 0.734   10.732  8.141   1.00 11.37 ? 42  GLN A NE2 1 
ATOM   317 N  N   . VAL A 1 45  ? -0.320  3.987   7.954   1.00 4.59  ? 43  VAL A N   1 
ATOM   318 C  CA  . VAL A 1 45  ? -1.004  2.713   7.781   1.00 4.43  ? 43  VAL A CA  1 
ATOM   319 C  C   . VAL A 1 45  ? -2.410  2.797   8.376   1.00 3.97  ? 43  VAL A C   1 
ATOM   320 O  O   . VAL A 1 45  ? -2.572  3.256   9.505   1.00 4.41  ? 43  VAL A O   1 
ATOM   321 C  CB  . VAL A 1 45  ? -0.197  1.578   8.465   1.00 4.12  ? 43  VAL A CB  1 
ATOM   322 C  CG1 . VAL A 1 45  ? -0.987  0.276   8.511   1.00 4.39  ? 43  VAL A CG1 1 
ATOM   323 C  CG2 . VAL A 1 45  ? 1.129   1.380   7.743   1.00 4.83  ? 43  VAL A CG2 1 
ATOM   324 N  N   . TYR A 1 46  ? -3.407  2.359   7.604   1.00 3.89  ? 44  TYR A N   1 
ATOM   325 C  CA  . TYR A 1 46  ? -4.818  2.415   7.995   1.00 4.58  ? 44  TYR A CA  1 
ATOM   326 C  C   . TYR A 1 46  ? -5.622  1.237   7.446   1.00 3.99  ? 44  TYR A C   1 
ATOM   327 O  O   . TYR A 1 46  ? -5.239  0.650   6.430   1.00 3.45  ? 44  TYR A O   1 
ATOM   328 C  CB  . TYR A 1 46  ? -5.452  3.724   7.500   1.00 5.49  ? 44  TYR A CB  1 
ATOM   329 C  CG  . TYR A 1 46  ? -4.850  4.973   8.094   1.00 6.21  ? 44  TYR A CG  1 
ATOM   330 C  CD1 . TYR A 1 46  ? -5.053  5.295   9.434   1.00 7.42  ? 44  TYR A CD1 1 
ATOM   331 C  CD2 . TYR A 1 46  ? -4.083  5.840   7.310   1.00 6.51  ? 44  TYR A CD2 1 
ATOM   332 C  CE1 . TYR A 1 46  ? -4.506  6.436   9.987   1.00 8.32  ? 44  TYR A CE1 1 
ATOM   333 C  CE2 . TYR A 1 46  ? -3.530  6.989   7.855   1.00 8.20  ? 44  TYR A CE2 1 
ATOM   334 C  CZ  . TYR A 1 46  ? -3.747  7.280   9.192   1.00 9.00  ? 44  TYR A CZ  1 
ATOM   335 O  OH  . TYR A 1 46  ? -3.210  8.415   9.753   1.00 10.32 ? 44  TYR A OH  1 
ATOM   336 N  N   . CYS A 1 47  ? -6.744  0.914   8.106   1.00 4.64  ? 45  CYS A N   1 
ATOM   337 C  CA  . CYS A 1 47  ? -7.542  -0.268  7.769   1.00 4.52  ? 45  CYS A CA  1 
ATOM   338 C  C   . CYS A 1 47  ? -8.462  -0.130  6.551   1.00 5.32  ? 45  CYS A C   1 
ATOM   339 O  O   . CYS A 1 47  ? -8.907  0.980   6.172   1.00 5.55  ? 45  CYS A O   1 
ATOM   340 C  CB  . CYS A 1 47  ? -8.350  -0.762  8.989   1.00 4.69  ? 45  CYS A CB  1 
ATOM   341 S  SG  . CYS A 1 47  ? -9.611  0.385   9.685   1.00 3.17  ? 45  CYS A SG  1 
ATOM   342 N  N   . GLY A 1 48  ? -8.731  -1.284  5.949   1.00 5.77  ? 46  GLY A N   1 
ATOM   343 C  CA  . GLY A 1 48  ? -9.524  -1.406  4.738   1.00 6.94  ? 46  GLY A CA  1 
ATOM   344 C  C   . GLY A 1 48  ? -11.003 -1.237  4.994   1.00 7.97  ? 46  GLY A C   1 
ATOM   345 O  O   . GLY A 1 48  ? -11.441 -1.204  6.148   1.00 8.01  ? 46  GLY A O   1 
ATOM   346 N  N   . ARG A 1 49  ? -11.776 -1.161  3.912   1.00 8.83  ? 47  ARG A N   1 
ATOM   347 C  CA  . ARG A 1 49  ? -13.210 -0.893  3.992   1.00 10.39 ? 47  ARG A CA  1 
ATOM   348 C  C   . ARG A 1 49  ? -13.990 -1.928  4.810   1.00 10.28 ? 47  ARG A C   1 
ATOM   349 O  O   . ARG A 1 49  ? -15.020 -1.593  5.389   1.00 10.37 ? 47  ARG A O   1 
ATOM   350 C  CB  . ARG A 1 49  ? -13.818 -0.743  2.591   1.00 11.06 ? 47  ARG A CB  1 
ATOM   351 C  CG  . ARG A 1 49  ? -13.876 -2.024  1.765   1.00 14.81 ? 47  ARG A CG  1 
ATOM   352 C  CD  . ARG A 1 49  ? -13.621 -1.715  0.305   1.00 19.86 ? 47  ARG A CD  1 
ATOM   353 N  NE  . ARG A 1 49  ? -13.757 -2.863  -0.598  1.00 22.27 ? 47  ARG A NE  1 
ATOM   354 C  CZ  . ARG A 1 49  ? -14.916 -3.311  -1.081  1.00 23.60 ? 47  ARG A CZ  1 
ATOM   355 N  NH1 . ARG A 1 49  ? -14.934 -4.345  -1.911  1.00 26.04 ? 47  ARG A NH1 1 
ATOM   356 N  NH2 . ARG A 1 49  ? -16.061 -2.743  -0.731  1.00 24.77 ? 47  ARG A NH2 1 
ATOM   357 N  N   . TYR A 1 50  ? -13.486 -3.164  4.857   1.00 10.50 ? 48  TYR A N   1 
ATOM   358 C  CA  . TYR A 1 50  ? -14.160 -4.270  5.551   1.00 10.51 ? 48  TYR A CA  1 
ATOM   359 C  C   . TYR A 1 50  ? -14.050 -4.192  7.069   1.00 9.83  ? 48  TYR A C   1 
ATOM   360 O  O   . TYR A 1 50  ? -14.866 -4.781  7.795   1.00 9.80  ? 48  TYR A O   1 
ATOM   361 C  CB  . TYR A 1 50  ? -13.664 -5.626  5.038   1.00 11.71 ? 48  TYR A CB  1 
ATOM   362 C  CG  . TYR A 1 50  ? -13.998 -5.885  3.584   1.00 12.99 ? 48  TYR A CG  1 
ATOM   363 C  CD1 . TYR A 1 50  ? -15.301 -5.752  3.118   1.00 15.43 ? 48  TYR A CD1 1 
ATOM   364 C  CD2 . TYR A 1 50  ? -13.011 -6.257  2.677   1.00 14.65 ? 48  TYR A CD2 1 
ATOM   365 C  CE1 . TYR A 1 50  ? -15.614 -5.980  1.780   1.00 16.18 ? 48  TYR A CE1 1 
ATOM   366 C  CE2 . TYR A 1 50  ? -13.313 -6.490  1.340   1.00 15.21 ? 48  TYR A CE2 1 
ATOM   367 C  CZ  . TYR A 1 50  ? -14.618 -6.355  0.905   1.00 14.97 ? 48  TYR A CZ  1 
ATOM   368 O  OH  . TYR A 1 50  ? -14.929 -6.586  -0.416  1.00 16.57 ? 48  TYR A OH  1 
ATOM   369 N  N   . ILE A 1 51  ? -13.045 -3.476  7.556   1.00 8.51  ? 49  ILE A N   1 
ATOM   370 C  CA  . ILE A 1 51  ? -12.942 -3.216  8.986   1.00 7.66  ? 49  ILE A CA  1 
ATOM   371 C  C   . ILE A 1 51  ? -13.639 -1.876  9.286   1.00 7.61  ? 49  ILE A C   1 
ATOM   372 O  O   . ILE A 1 51  ? -14.871 -1.823  9.309   1.00 7.40  ? 49  ILE A O   1 
ATOM   373 C  CB  . ILE A 1 51  ? -11.477 -3.325  9.513   1.00 7.91  ? 49  ILE A CB  1 
ATOM   374 C  CG1 . ILE A 1 51  ? -10.794 -4.592  8.969   1.00 7.17  ? 49  ILE A CG1 1 
ATOM   375 C  CG2 . ILE A 1 51  ? -11.453 -3.334  11.043  1.00 7.61  ? 49  ILE A CG2 1 
ATOM   376 C  CD1 . ILE A 1 51  ? -11.477 -5.925  9.376   1.00 8.13  ? 49  ILE A CD1 1 
ATOM   377 N  N   . ASN A 1 52  ? -12.872 -0.801  9.477   1.00 7.40  ? 50  ASN A N   1 
ATOM   378 C  CA  . ASN A 1 52  ? -13.452 0.494   9.836   1.00 6.89  ? 50  ASN A CA  1 
ATOM   379 C  C   . ASN A 1 52  ? -13.265 1.570   8.770   1.00 6.38  ? 50  ASN A C   1 
ATOM   380 O  O   . ASN A 1 52  ? -13.682 2.723   8.963   1.00 6.79  ? 50  ASN A O   1 
ATOM   381 C  CB  . ASN A 1 52  ? -12.910 0.965   11.186  1.00 6.95  ? 50  ASN A CB  1 
ATOM   382 C  CG  . ASN A 1 52  ? -13.345 0.060   12.330  1.00 8.06  ? 50  ASN A CG  1 
ATOM   383 O  OD1 . ASN A 1 52  ? -14.536 -0.215  12.499  1.00 10.38 ? 50  ASN A OD1 1 
ATOM   384 N  ND2 . ASN A 1 52  ? -12.381 -0.416  13.109  1.00 8.93  ? 50  ASN A ND2 1 
ATOM   385 N  N   . GLY A 1 53  ? -12.660 1.181   7.650   1.00 6.06  ? 51  GLY A N   1 
ATOM   386 C  CA  . GLY A 1 53  ? -12.500 2.088   6.498   1.00 5.64  ? 51  GLY A CA  1 
ATOM   387 C  C   . GLY A 1 53  ? -11.651 3.317   6.761   1.00 5.71  ? 51  GLY A C   1 
ATOM   388 O  O   . GLY A 1 53  ? -11.897 4.394   6.187   1.00 5.98  ? 51  GLY A O   1 
ATOM   389 N  N   . HIS A 1 54  ? -10.630 3.176   7.601   1.00 5.08  ? 52  HIS A N   1 
ATOM   390 C  CA  . HIS A 1 54  ? -9.769  4.318   7.899   1.00 5.17  ? 52  HIS A CA  1 
ATOM   391 C  C   . HIS A 1 54  ? -8.837  4.750   6.766   1.00 5.28  ? 52  HIS A C   1 
ATOM   392 O  O   . HIS A 1 54  ? -8.511  5.937   6.693   1.00 5.53  ? 52  HIS A O   1 
ATOM   393 C  CB  . HIS A 1 54  ? -9.021  4.154   9.211   1.00 5.46  ? 52  HIS A CB  1 
ATOM   394 C  CG  . HIS A 1 54  ? -9.916  4.216   10.404  1.00 5.24  ? 52  HIS A CG  1 
ATOM   395 N  ND1 . HIS A 1 54  ? -9.929  3.247   11.386  1.00 5.51  ? 52  HIS A ND1 1 
ATOM   396 C  CD2 . HIS A 1 54  ? -10.851 5.126   10.756  1.00 6.92  ? 52  HIS A CD2 1 
ATOM   397 C  CE1 . HIS A 1 54  ? -10.826 3.568   12.299  1.00 5.43  ? 52  HIS A CE1 1 
ATOM   398 N  NE2 . HIS A 1 54  ? -11.404 4.701   11.938  1.00 7.16  ? 52  HIS A NE2 1 
ATOM   399 N  N   . MET A 1 55  ? -8.425  3.829   5.885   1.00 5.04  ? 53  MET A N   1 
ATOM   400 C  CA  . MET A 1 55  ? -7.622  4.257   4.715   1.00 4.70  ? 53  MET A CA  1 
ATOM   401 C  C   . MET A 1 55  ? -8.449  5.098   3.750   1.00 5.30  ? 53  MET A C   1 
ATOM   402 O  O   . MET A 1 55  ? -7.943  6.073   3.206   1.00 5.59  ? 53  MET A O   1 
ATOM   403 C  CB  . MET A 1 55  ? -6.946  3.110   3.949   1.00 4.90  ? 53  MET A CB  1 
ATOM   404 C  CG  . MET A 1 55  ? -5.957  3.641   2.906   1.00 4.60  ? 53  MET A CG  1 
ATOM   405 S  SD  . MET A 1 55  ? -4.685  4.705   3.633   1.00 4.54  ? 53  MET A SD  1 
ATOM   406 C  CE  . MET A 1 55  ? -3.534  3.465   4.255   1.00 5.39  ? 53  MET A CE  1 
ATOM   407 N  N   . LEU A 1 56  ? -9.714  4.729   3.553   1.00 5.83  ? 54  LEU A N   1 
ATOM   408 C  CA  . LEU A 1 56  ? -10.598 5.510   2.692   1.00 6.70  ? 54  LEU A CA  1 
ATOM   409 C  C   . LEU A 1 56  ? -10.789 6.901   3.292   1.00 6.70  ? 54  LEU A C   1 
ATOM   410 O  O   . LEU A 1 56  ? -10.805 7.912   2.559   1.00 6.25  ? 54  LEU A O   1 
ATOM   411 C  CB  . LEU A 1 56  ? -11.938 4.803   2.450   1.00 6.98  ? 54  LEU A CB  1 
ATOM   412 C  CG  . LEU A 1 56  ? -12.954 5.512   1.539   1.00 8.97  ? 54  LEU A CG  1 
ATOM   413 C  CD1 . LEU A 1 56  ? -12.414 5.720   0.123   1.00 11.38 ? 54  LEU A CD1 1 
ATOM   414 C  CD2 . LEU A 1 56  ? -14.268 4.735   1.524   1.00 8.56  ? 54  LEU A CD2 1 
ATOM   415 N  N   . GLN A 1 57  ? -10.891 6.960   4.619   1.00 6.35  ? 55  GLN A N   1 
ATOM   416 C  CA  . GLN A 1 57  ? -10.965 8.233   5.337   1.00 7.28  ? 55  GLN A CA  1 
ATOM   417 C  C   . GLN A 1 57  ? -9.683  9.048   5.125   1.00 6.10  ? 55  GLN A C   1 
ATOM   418 O  O   . GLN A 1 57  ? -9.735  10.268  4.898   1.00 5.85  ? 55  GLN A O   1 
ATOM   419 C  CB  . GLN A 1 57  ? -11.239 7.996   6.826   1.00 7.56  ? 55  GLN A CB  1 
ATOM   420 C  CG  . GLN A 1 57  ? -11.382 9.252   7.677   1.00 10.02 ? 55  GLN A CG  1 
ATOM   421 C  CD  . GLN A 1 57  ? -11.860 8.957   9.096   1.00 10.57 ? 55  GLN A CD  1 
ATOM   422 O  OE1 . GLN A 1 57  ? -12.353 7.861   9.397   1.00 12.18 ? 55  GLN A OE1 1 
ATOM   423 N  NE2 . GLN A 1 57  ? -11.728 9.945   9.975   1.00 16.47 ? 55  GLN A NE2 1 
ATOM   424 N  N   . HIS A 1 58  ? -8.535  8.377   5.180   1.00 5.51  ? 56  HIS A N   1 
ATOM   425 C  CA  . HIS A 1 58  ? -7.264  9.050   4.961   1.00 5.10  ? 56  HIS A CA  1 
ATOM   426 C  C   . HIS A 1 58  ? -7.196  9.610   3.549   1.00 5.13  ? 56  HIS A C   1 
ATOM   427 O  O   . HIS A 1 58  ? -6.745  10.738  3.353   1.00 4.98  ? 56  HIS A O   1 
ATOM   428 C  CB  . HIS A 1 58  ? -6.092  8.101   5.206   1.00 5.33  ? 56  HIS A CB  1 
ATOM   429 C  CG  . HIS A 1 58  ? -4.756  8.703   4.893   1.00 4.33  ? 56  HIS A CG  1 
ATOM   430 N  ND1 . HIS A 1 58  ? -4.162  9.661   5.688   1.00 5.39  ? 56  HIS A ND1 1 
ATOM   431 C  CD2 . HIS A 1 58  ? -3.898  8.475   3.872   1.00 4.18  ? 56  HIS A CD2 1 
ATOM   432 C  CE1 . HIS A 1 58  ? -2.987  9.988   5.173   1.00 5.14  ? 56  HIS A CE1 1 
ATOM   433 N  NE2 . HIS A 1 58  ? -2.809  9.294   4.065   1.00 5.35  ? 56  HIS A NE2 1 
ATOM   434 N  N   . HIS A 1 59  ? -7.640  8.827   2.562   1.00 5.24  ? 57  HIS A N   1 
ATOM   435 C  CA  . HIS A 1 59  ? -7.697  9.315   1.188   1.00 4.74  ? 57  HIS A CA  1 
ATOM   436 C  C   . HIS A 1 59  ? -8.538  10.600  1.118   1.00 4.74  ? 57  HIS A C   1 
ATOM   437 O  O   . HIS A 1 59  ? -8.152  11.580  0.465   1.00 5.03  ? 57  HIS A O   1 
ATOM   438 C  CB  . HIS A 1 59  ? -8.306  8.280   0.238   1.00 4.68  ? 57  HIS A CB  1 
ATOM   439 C  CG  . HIS A 1 59  ? -8.697  8.864   -1.085  1.00 4.21  ? 57  HIS A CG  1 
ATOM   440 N  ND1 . HIS A 1 59  ? -7.763  9.304   -2.001  1.00 3.28  ? 57  HIS A ND1 1 
ATOM   441 C  CD2 . HIS A 1 59  ? -9.911  9.127   -1.631  1.00 4.10  ? 57  HIS A CD2 1 
ATOM   442 C  CE1 . HIS A 1 59  ? -8.384  9.807   -3.054  1.00 5.26  ? 57  HIS A CE1 1 
ATOM   443 N  NE2 . HIS A 1 59  ? -9.685  9.716   -2.857  1.00 4.39  ? 57  HIS A NE2 1 
ATOM   444 N  N   . GLY A 1 60  ? -9.691  10.576  1.787   1.00 4.84  ? 58  GLY A N   1 
ATOM   445 C  CA  . GLY A 1 60  ? -10.601 11.719  1.777   1.00 5.10  ? 58  GLY A CA  1 
ATOM   446 C  C   . GLY A 1 60  ? -10.008 12.972  2.380   1.00 5.80  ? 58  GLY A C   1 
ATOM   447 O  O   . GLY A 1 60  ? -10.231 14.077  1.855   1.00 5.55  ? 58  GLY A O   1 
ATOM   448 N  N   . ASN A 1 61  ? -9.260  12.819  3.472   1.00 6.05  ? 59  ASN A N   1 
ATOM   449 C  CA  . ASN A 1 61  ? -8.717  13.976  4.194   1.00 7.11  ? 59  ASN A CA  1 
ATOM   450 C  C   . ASN A 1 61  ? -7.309  14.431  3.799   1.00 6.89  ? 59  ASN A C   1 
ATOM   451 O  O   . ASN A 1 61  ? -6.850  15.482  4.265   1.00 7.62  ? 59  ASN A O   1 
ATOM   452 C  CB  . ASN A 1 61  ? -8.861  13.819  5.719   1.00 7.73  ? 59  ASN A CB  1 
ATOM   453 C  CG  . ASN A 1 61  ? -7.916  12.784  6.310   1.00 9.64  ? 59  ASN A CG  1 
ATOM   454 O  OD1 . ASN A 1 61  ? -6.717  12.788  6.037   1.00 12.45 ? 59  ASN A OD1 1 
ATOM   455 N  ND2 . ASN A 1 61  ? -8.452  11.919  7.171   1.00 13.32 ? 59  ASN A ND2 1 
ATOM   456 N  N   . SER A 1 62  ? -6.649  13.652  2.939   1.00 6.02  ? 60  SER A N   1 
ATOM   457 C  CA  . SER A 1 62  ? -5.308  13.977  2.429   1.00 5.86  ? 60  SER A CA  1 
ATOM   458 C  C   . SER A 1 62  ? -5.276  14.146  0.911   1.00 5.67  ? 60  SER A C   1 
ATOM   459 O  O   . SER A 1 62  ? -4.424  14.860  0.374   1.00 6.68  ? 60  SER A O   1 
ATOM   460 C  CB  . SER A 1 62  ? -4.315  12.874  2.822   1.00 6.41  ? 60  SER A CB  1 
ATOM   461 O  OG  . SER A 1 62  ? -4.517  11.710  2.036   1.00 4.81  ? 60  SER A OG  1 
ATOM   462 N  N   . GLY A 1 63  ? -6.180  13.453  0.225   1.00 5.22  ? 61  GLY A N   1 
ATOM   463 C  CA  . GLY A 1 63  ? -6.142  13.353  -1.226  1.00 5.30  ? 61  GLY A CA  1 
ATOM   464 C  C   . GLY A 1 63  ? -5.082  12.406  -1.765  1.00 4.67  ? 61  GLY A C   1 
ATOM   465 O  O   . GLY A 1 63  ? -4.896  12.308  -2.979  1.00 4.94  ? 61  GLY A O   1 
ATOM   466 N  N   . HIS A 1 64  ? -4.386  11.686  -0.880  1.00 4.29  ? 62  HIS A N   1 
ATOM   467 C  CA  . HIS A 1 64  ? -3.351  10.750  -1.329  1.00 3.95  ? 62  HIS A CA  1 
ATOM   468 C  C   . HIS A 1 64  ? -3.987  9.609   -2.134  1.00 3.63  ? 62  HIS A C   1 
ATOM   469 O  O   . HIS A 1 64  ? -4.998  9.048   -1.708  1.00 4.61  ? 62  HIS A O   1 
ATOM   470 C  CB  . HIS A 1 64  ? -2.509  10.219  -0.160  1.00 4.04  ? 62  HIS A CB  1 
ATOM   471 C  CG  . HIS A 1 64  ? -1.714  11.273  0.545   1.00 4.54  ? 62  HIS A CG  1 
ATOM   472 N  ND1 . HIS A 1 64  ? -1.131  11.066  1.777   1.00 3.49  ? 62  HIS A ND1 1 
ATOM   473 C  CD2 . HIS A 1 64  ? -1.425  12.553  0.203   1.00 4.47  ? 62  HIS A CD2 1 
ATOM   474 C  CE1 . HIS A 1 64  ? -0.505  12.164  2.160   1.00 5.53  ? 62  HIS A CE1 1 
ATOM   475 N  NE2 . HIS A 1 64  ? -0.678  13.087  1.227   1.00 6.38  ? 62  HIS A NE2 1 
ATOM   476 N  N   . PRO A 1 65  ? -3.438  9.325   -3.332  1.00 3.25  ? 63  PRO A N   1 
ATOM   477 C  CA  . PRO A 1 65  ? -4.107  8.467   -4.300  1.00 2.85  ? 63  PRO A CA  1 
ATOM   478 C  C   . PRO A 1 65  ? -3.937  6.957   -4.137  1.00 2.61  ? 63  PRO A C   1 
ATOM   479 O  O   . PRO A 1 65  ? -4.899  6.222   -4.311  1.00 2.42  ? 63  PRO A O   1 
ATOM   480 C  CB  . PRO A 1 65  ? -3.473  8.897   -5.631  1.00 2.90  ? 63  PRO A CB  1 
ATOM   481 C  CG  . PRO A 1 65  ? -2.110  9.339   -5.284  1.00 3.45  ? 63  PRO A CG  1 
ATOM   482 C  CD  . PRO A 1 65  ? -2.206  9.930   -3.895  1.00 3.08  ? 63  PRO A CD  1 
ATOM   483 N  N   . LEU A 1 66  ? -2.717  6.506   -3.851  1.00 2.68  ? 64  LEU A N   1 
ATOM   484 C  CA  . LEU A 1 66  ? -2.358  5.101   -4.066  1.00 3.30  ? 64  LEU A CA  1 
ATOM   485 C  C   . LEU A 1 66  ? -1.967  4.448   -2.765  1.00 3.36  ? 64  LEU A C   1 
ATOM   486 O  O   . LEU A 1 66  ? -1.202  5.017   -1.974  1.00 3.96  ? 64  LEU A O   1 
ATOM   487 C  CB  . LEU A 1 66  ? -1.218  4.989   -5.093  1.00 3.15  ? 64  LEU A CB  1 
ATOM   488 C  CG  . LEU A 1 66  ? -1.643  5.028   -6.571  1.00 4.49  ? 64  LEU A CG  1 
ATOM   489 C  CD1 . LEU A 1 66  ? -0.606  5.732   -7.459  1.00 5.85  ? 64  LEU A CD1 1 
ATOM   490 C  CD2 . LEU A 1 66  ? -1.950  3.623   -7.080  1.00 4.42  ? 64  LEU A CD2 1 
ATOM   491 N  N   . VAL A 1 67  ? -2.514  3.255   -2.544  1.00 3.40  ? 65  VAL A N   1 
ATOM   492 C  CA  . VAL A 1 67  ? -2.280  2.518   -1.308  1.00 3.37  ? 65  VAL A CA  1 
ATOM   493 C  C   . VAL A 1 67  ? -1.938  1.064   -1.602  1.00 3.80  ? 65  VAL A C   1 
ATOM   494 O  O   . VAL A 1 67  ? -2.419  0.488   -2.589  1.00 4.22  ? 65  VAL A O   1 
ATOM   495 C  CB  . VAL A 1 67  ? -3.488  2.620   -0.349  1.00 3.77  ? 65  VAL A CB  1 
ATOM   496 C  CG1 . VAL A 1 67  ? -3.647  4.062   0.153   1.00 3.16  ? 65  VAL A CG1 1 
ATOM   497 C  CG2 . VAL A 1 67  ? -4.779  2.172   -1.032  1.00 4.35  ? 65  VAL A CG2 1 
ATOM   498 N  N   . LEU A 1 68  ? -1.102  0.487   -0.748  1.00 4.11  ? 66  LEU A N   1 
ATOM   499 C  CA  . LEU A 1 68  ? -0.672  -0.894  -0.916  1.00 3.94  ? 66  LEU A CA  1 
ATOM   500 C  C   . LEU A 1 68  ? -1.250  -1.784  0.182   1.00 4.09  ? 66  LEU A C   1 
ATOM   501 O  O   . LEU A 1 68  ? -1.117  -1.468  1.365   1.00 3.38  ? 66  LEU A O   1 
ATOM   502 C  CB  . LEU A 1 68  ? 0.857   -0.978  -0.890  1.00 4.25  ? 66  LEU A CB  1 
ATOM   503 C  CG  . LEU A 1 68  ? 1.472   -2.364  -1.040  1.00 5.55  ? 66  LEU A CG  1 
ATOM   504 C  CD1 . LEU A 1 68  ? 1.416   -2.822  -2.485  1.00 7.16  ? 66  LEU A CD1 1 
ATOM   505 C  CD2 . LEU A 1 68  ? 2.893   -2.311  -0.538  1.00 6.78  ? 66  LEU A CD2 1 
ATOM   506 N  N   . SER A 1 69  ? -1.881  -2.882  -0.234  1.00 4.04  ? 67  SER A N   1 
ATOM   507 C  CA  . SER A 1 69  ? -2.475  -3.860  0.681   1.00 4.78  ? 67  SER A CA  1 
ATOM   508 C  C   . SER A 1 69  ? -1.415  -4.705  1.350   1.00 5.32  ? 67  SER A C   1 
ATOM   509 O  O   . SER A 1 69  ? -0.560  -5.297  0.688   1.00 5.11  ? 67  SER A O   1 
ATOM   510 C  CB  . SER A 1 69  ? -3.447  -4.765  -0.072  1.00 5.14  ? 67  SER A CB  1 
ATOM   511 O  OG  . SER A 1 69  ? -3.890  -5.839  0.746   1.00 5.60  ? 67  SER A OG  1 
ATOM   512 N  N   . TYR A 1 70  ? -1.497  -4.767  2.670   1.00 5.96  ? 68  TYR A N   1 
ATOM   513 C  CA  . TYR A 1 70  ? -0.623  -5.643  3.432   1.00 6.55  ? 68  TYR A CA  1 
ATOM   514 C  C   . TYR A 1 70  ? -1.096  -7.091  3.439   1.00 7.56  ? 68  TYR A C   1 
ATOM   515 O  O   . TYR A 1 70  ? -0.412  -7.958  3.993   1.00 7.56  ? 68  TYR A O   1 
ATOM   516 C  CB  . TYR A 1 70  ? -0.423  -5.101  4.838   1.00 6.23  ? 68  TYR A CB  1 
ATOM   517 C  CG  . TYR A 1 70  ? 0.625   -4.015  4.949   1.00 5.48  ? 68  TYR A CG  1 
ATOM   518 C  CD1 . TYR A 1 70  ? 1.608   -3.843  3.959   1.00 5.79  ? 68  TYR A CD1 1 
ATOM   519 C  CD2 . TYR A 1 70  ? 0.663   -3.185  6.075   1.00 5.13  ? 68  TYR A CD2 1 
ATOM   520 C  CE1 . TYR A 1 70  ? 2.589   -2.857  4.081   1.00 4.90  ? 68  TYR A CE1 1 
ATOM   521 C  CE2 . TYR A 1 70  ? 1.638   -2.217  6.215   1.00 5.97  ? 68  TYR A CE2 1 
ATOM   522 C  CZ  . TYR A 1 70  ? 2.598   -2.055  5.212   1.00 6.15  ? 68  TYR A CZ  1 
ATOM   523 O  OH  . TYR A 1 70  ? 3.567   -1.101  5.357   1.00 5.64  ? 68  TYR A OH  1 
ATOM   524 N  N   . ILE A 1 71  ? -2.227  -7.368  2.795   1.00 8.06  ? 69  ILE A N   1 
ATOM   525 C  CA  . ILE A 1 71  ? -2.673  -8.754  2.604   1.00 8.87  ? 69  ILE A CA  1 
ATOM   526 C  C   . ILE A 1 71  ? -2.140  -9.419  1.333   1.00 9.32  ? 69  ILE A C   1 
ATOM   527 O  O   . ILE A 1 71  ? -1.524  -10.483 1.405   1.00 9.46  ? 69  ILE A O   1 
ATOM   528 C  CB  . ILE A 1 71  ? -4.203  -8.883  2.664   1.00 9.31  ? 69  ILE A CB  1 
ATOM   529 C  CG1 . ILE A 1 71  ? -4.699  -8.393  4.021   1.00 10.23 ? 69  ILE A CG1 1 
ATOM   530 C  CG2 . ILE A 1 71  ? -4.627  -10.339 2.399   1.00 9.91  ? 69  ILE A CG2 1 
ATOM   531 C  CD1 . ILE A 1 71  ? -6.179  -8.402  4.156   1.00 11.84 ? 69  ILE A CD1 1 
ATOM   532 N  N   . ASP A 1 72  ? -2.373  -8.799  0.176   1.00 8.53  ? 70  ASP A N   1 
ATOM   533 C  CA  . ASP A 1 72  ? -2.024  -9.421  -1.102  1.00 8.93  ? 70  ASP A CA  1 
ATOM   534 C  C   . ASP A 1 72  ? -1.046  -8.592  -1.943  1.00 8.05  ? 70  ASP A C   1 
ATOM   535 O  O   . ASP A 1 72  ? -0.780  -8.938  -3.095  1.00 8.51  ? 70  ASP A O   1 
ATOM   536 C  CB  . ASP A 1 72  ? -3.294  -9.744  -1.907  1.00 9.45  ? 70  ASP A CB  1 
ATOM   537 C  CG  . ASP A 1 72  ? -4.004  -8.503  -2.417  1.00 11.87 ? 70  ASP A CG  1 
ATOM   538 O  OD1 . ASP A 1 72  ? -3.613  -7.381  -2.038  1.00 11.75 ? 70  ASP A OD1 1 
ATOM   539 O  OD2 . ASP A 1 72  ? -4.967  -8.646  -3.202  1.00 16.35 ? 70  ASP A OD2 1 
ATOM   540 N  N   . LEU A 1 73  ? -0.521  -7.515  -1.352  1.00 7.73  ? 71  LEU A N   1 
ATOM   541 C  CA  . LEU A 1 73  ? 0.469   -6.619  -1.987  1.00 7.66  ? 71  LEU A CA  1 
ATOM   542 C  C   . LEU A 1 73  ? -0.004  -5.984  -3.297  1.00 7.50  ? 71  LEU A C   1 
ATOM   543 O  O   . LEU A 1 73  ? 0.805   -5.694  -4.180  1.00 8.33  ? 71  LEU A O   1 
ATOM   544 C  CB  . LEU A 1 73  ? 1.823   -7.326  -2.183  1.00 7.94  ? 71  LEU A CB  1 
ATOM   545 C  CG  . LEU A 1 73  ? 2.397   -8.004  -0.935  1.00 8.28  ? 71  LEU A CG  1 
ATOM   546 C  CD1 . LEU A 1 73  ? 3.752   -8.594  -1.271  1.00 10.37 ? 71  LEU A CD1 1 
ATOM   547 C  CD2 . LEU A 1 73  ? 2.513   -7.031  0.238   1.00 8.33  ? 71  LEU A CD2 1 
ATOM   548 N  N   . SER A 1 74  ? -1.313  -5.800  -3.425  1.00 7.47  ? 72  SER A N   1 
ATOM   549 C  CA  . SER A 1 74  ? -1.864  -5.099  -4.574  1.00 6.80  ? 72  SER A CA  1 
ATOM   550 C  C   . SER A 1 74  ? -1.875  -3.600  -4.275  1.00 6.14  ? 72  SER A C   1 
ATOM   551 O  O   . SER A 1 74  ? -1.955  -3.189  -3.116  1.00 6.18  ? 72  SER A O   1 
ATOM   552 C  CB  . SER A 1 74  ? -3.279  -5.589  -4.875  1.00 7.68  ? 72  SER A CB  1 
ATOM   553 O  OG  . SER A 1 74  ? -4.134  -5.379  -3.765  1.00 8.96  ? 72  SER A OG  1 
ATOM   554 N  N   . ALA A 1 75  ? -1.773  -2.795  -5.327  1.00 5.14  ? 73  ALA A N   1 
ATOM   555 C  CA  . ALA A 1 75  ? -1.819  -1.342  -5.194  1.00 4.94  ? 73  ALA A CA  1 
ATOM   556 C  C   . ALA A 1 75  ? -3.111  -0.831  -5.803  1.00 4.45  ? 73  ALA A C   1 
ATOM   557 O  O   . ALA A 1 75  ? -3.453  -1.181  -6.927  1.00 4.20  ? 73  ALA A O   1 
ATOM   558 C  CB  . ALA A 1 75  ? -0.596  -0.703  -5.876  1.00 5.14  ? 73  ALA A CB  1 
ATOM   559 N  N   . TRP A 1 76  ? -3.855  -0.048  -5.022  1.00 3.86  ? 74  TRP A N   1 
ATOM   560 C  CA  . TRP A 1 76  ? -5.143  0.495   -5.447  1.00 3.72  ? 74  TRP A CA  1 
ATOM   561 C  C   . TRP A 1 76  ? -5.075  2.012   -5.519  1.00 3.18  ? 74  TRP A C   1 
ATOM   562 O  O   . TRP A 1 76  ? -4.536  2.663   -4.616  1.00 3.43  ? 74  TRP A O   1 
ATOM   563 C  CB  . TRP A 1 76  ? -6.238  0.072   -4.452  1.00 3.70  ? 74  TRP A CB  1 
ATOM   564 C  CG  . TRP A 1 76  ? -7.615  0.651   -4.693  1.00 3.90  ? 74  TRP A CG  1 
ATOM   565 C  CD1 . TRP A 1 76  ? -8.172  1.732   -4.070  1.00 4.46  ? 74  TRP A CD1 1 
ATOM   566 C  CD2 . TRP A 1 76  ? -8.616  0.146   -5.588  1.00 3.73  ? 74  TRP A CD2 1 
ATOM   567 N  NE1 . TRP A 1 76  ? -9.454  1.943   -4.532  1.00 3.81  ? 74  TRP A NE1 1 
ATOM   568 C  CE2 . TRP A 1 76  ? -9.747  0.984   -5.467  1.00 3.00  ? 74  TRP A CE2 1 
ATOM   569 C  CE3 . TRP A 1 76  ? -8.661  -0.924  -6.494  1.00 4.49  ? 74  TRP A CE3 1 
ATOM   570 C  CZ2 . TRP A 1 76  ? -10.921 0.782   -6.211  1.00 3.19  ? 74  TRP A CZ2 1 
ATOM   571 C  CZ3 . TRP A 1 76  ? -9.839  -1.130  -7.231  1.00 4.84  ? 74  TRP A CZ3 1 
ATOM   572 C  CH2 . TRP A 1 76  ? -10.947 -0.279  -7.080  1.00 4.56  ? 74  TRP A CH2 1 
ATOM   573 N  N   . CYS A 1 77  ? -5.624  2.565   -6.594  1.00 2.69  ? 75  CYS A N   1 
ATOM   574 C  CA  . CYS A 1 77  ? -5.798  4.016   -6.700  1.00 2.31  ? 75  CYS A CA  1 
ATOM   575 C  C   . CYS A 1 77  ? -7.251  4.410   -6.458  1.00 2.16  ? 75  CYS A C   1 
ATOM   576 O  O   . CYS A 1 77  ? -8.140  3.966   -7.180  1.00 2.89  ? 75  CYS A O   1 
ATOM   577 C  CB  . CYS A 1 77  ? -5.348  4.529   -8.064  1.00 2.33  ? 75  CYS A CB  1 
ATOM   578 S  SG  . CYS A 1 77  ? -5.588  6.325   -8.204  1.00 2.64  ? 75  CYS A SG  1 
ATOM   579 N  N   . TYR A 1 78  ? -7.485  5.249   -5.455  1.00 2.12  ? 76  TYR A N   1 
ATOM   580 C  CA  . TYR A 1 78  ? -8.854  5.677   -5.109  1.00 3.12  ? 76  TYR A CA  1 
ATOM   581 C  C   . TYR A 1 78  ? -9.501  6.615   -6.140  1.00 3.53  ? 76  TYR A C   1 
ATOM   582 O  O   . TYR A 1 78  ? -10.732 6.716   -6.209  1.00 3.94  ? 76  TYR A O   1 
ATOM   583 C  CB  . TYR A 1 78  ? -8.877  6.348   -3.732  1.00 4.00  ? 76  TYR A CB  1 
ATOM   584 C  CG  . TYR A 1 78  ? -8.672  5.408   -2.558  1.00 3.89  ? 76  TYR A CG  1 
ATOM   585 C  CD1 . TYR A 1 78  ? -9.669  4.503   -2.169  1.00 3.80  ? 76  TYR A CD1 1 
ATOM   586 C  CD2 . TYR A 1 78  ? -7.499  5.446   -1.812  1.00 4.56  ? 76  TYR A CD2 1 
ATOM   587 C  CE1 . TYR A 1 78  ? -9.475  3.638   -1.091  1.00 4.20  ? 76  TYR A CE1 1 
ATOM   588 C  CE2 . TYR A 1 78  ? -7.296  4.584   -0.734  1.00 4.09  ? 76  TYR A CE2 1 
ATOM   589 C  CZ  . TYR A 1 78  ? -8.297  3.697   -0.368  1.00 4.10  ? 76  TYR A CZ  1 
ATOM   590 O  OH  . TYR A 1 78  ? -8.089  2.867   0.712   1.00 5.86  ? 76  TYR A OH  1 
ATOM   591 N  N   . TYR A 1 79  ? -8.679  7.325   -6.903  1.00 3.98  ? 77  TYR A N   1 
ATOM   592 C  CA  . TYR A 1 79  ? -9.194  8.212   -7.943  1.00 3.88  ? 77  TYR A CA  1 
ATOM   593 C  C   . TYR A 1 79  ? -9.615  7.410   -9.166  1.00 4.61  ? 77  TYR A C   1 
ATOM   594 O  O   . TYR A 1 79  ? -10.740 7.564   -9.657  1.00 5.30  ? 77  TYR A O   1 
ATOM   595 C  CB  . TYR A 1 79  ? -8.133  9.221   -8.362  1.00 4.48  ? 77  TYR A CB  1 
ATOM   596 C  CG  . TYR A 1 79  ? -7.779  10.268  -7.340  1.00 4.34  ? 77  TYR A CG  1 
ATOM   597 C  CD1 . TYR A 1 79  ? -8.557  11.426  -7.194  1.00 5.73  ? 77  TYR A CD1 1 
ATOM   598 C  CD2 . TYR A 1 79  ? -6.633  10.153  -6.567  1.00 4.95  ? 77  TYR A CD2 1 
ATOM   599 C  CE1 . TYR A 1 79  ? -8.207  12.404  -6.276  1.00 6.07  ? 77  TYR A CE1 1 
ATOM   600 C  CE2 . TYR A 1 79  ? -6.276  11.133  -5.652  1.00 3.96  ? 77  TYR A CE2 1 
ATOM   601 C  CZ  . TYR A 1 79  ? -7.068  12.255  -5.514  1.00 5.90  ? 77  TYR A CZ  1 
ATOM   602 O  OH  . TYR A 1 79  ? -6.718  13.223  -4.603  1.00 6.26  ? 77  TYR A OH  1 
ATOM   603 N  N   . CYS A 1 80  ? -8.709  6.551   -9.655  1.00 4.36  ? 78  CYS A N   1 
ATOM   604 C  CA  . CYS A 1 80  ? -8.990  5.742   -10.840 1.00 5.27  ? 78  CYS A CA  1 
ATOM   605 C  C   . CYS A 1 80  ? -9.924  4.575   -10.532 1.00 5.73  ? 78  CYS A C   1 
ATOM   606 O  O   . CYS A 1 80  ? -10.491 3.973   -11.448 1.00 6.30  ? 78  CYS A O   1 
ATOM   607 C  CB  . CYS A 1 80  ? -7.690  5.233   -11.468 1.00 5.22  ? 78  CYS A CB  1 
ATOM   608 S  SG  . CYS A 1 80  ? -6.599  6.573   -12.032 1.00 5.58  ? 78  CYS A SG  1 
ATOM   609 N  N   . GLN A 1 81  ? -10.069 4.257   -9.249  1.00 6.02  ? 79  GLN A N   1 
ATOM   610 C  CA  . GLN A 1 81  ? -10.907 3.131   -8.805  1.00 7.12  ? 79  GLN A CA  1 
ATOM   611 C  C   . GLN A 1 81  ? -10.472 1.848   -9.523  1.00 6.77  ? 79  GLN A C   1 
ATOM   612 O  O   . GLN A 1 81  ? -11.270 1.149   -10.153 1.00 6.92  ? 79  GLN A O   1 
ATOM   613 C  CB  . GLN A 1 81  ? -12.399 3.426   -9.002  1.00 7.29  ? 79  GLN A CB  1 
ATOM   614 C  CG  . GLN A 1 81  ? -12.873 4.675   -8.280  1.00 8.33  ? 79  GLN A CG  1 
ATOM   615 C  CD  . GLN A 1 81  ? -14.281 5.086   -8.671  1.00 9.63  ? 79  GLN A CD  1 
ATOM   616 O  OE1 . GLN A 1 81  ? -14.889 4.515   -9.590  1.00 12.89 ? 79  GLN A OE1 1 
ATOM   617 N  NE2 . GLN A 1 81  ? -14.810 6.077   -7.969  1.00 12.02 ? 79  GLN A NE2 1 
ATOM   618 N  N   . ALA A 1 82  ? -9.175  1.567   -9.437  1.00 6.05  ? 80  ALA A N   1 
ATOM   619 C  CA  . ALA A 1 82  ? -8.580  0.417   -10.105 1.00 6.21  ? 80  ALA A CA  1 
ATOM   620 C  C   . ALA A 1 82  ? -7.279  0.043   -9.425  1.00 5.80  ? 80  ALA A C   1 
ATOM   621 O  O   . ALA A 1 82  ? -6.643  0.877   -8.770  1.00 6.04  ? 80  ALA A O   1 
ATOM   622 C  CB  . ALA A 1 82  ? -8.338  0.719   -11.575 1.00 6.68  ? 80  ALA A CB  1 
ATOM   623 N  N   . TYR A 1 83  ? -6.895  -1.218  -9.580  1.00 5.72  ? 81  TYR A N   1 
ATOM   624 C  CA  . TYR A 1 83  ? -5.567  -1.651  -9.193  1.00 5.09  ? 81  TYR A CA  1 
ATOM   625 C  C   . TYR A 1 83  ? -4.586  -1.236  -10.271 1.00 4.94  ? 81  TYR A C   1 
ATOM   626 O  O   . TYR A 1 83  ? -4.926  -1.210  -11.454 1.00 5.44  ? 81  TYR A O   1 
ATOM   627 C  CB  . TYR A 1 83  ? -5.504  -3.165  -9.001  1.00 5.98  ? 81  TYR A CB  1 
ATOM   628 C  CG  . TYR A 1 83  ? -6.332  -3.642  -7.843  1.00 5.76  ? 81  TYR A CG  1 
ATOM   629 C  CD1 . TYR A 1 83  ? -5.890  -3.482  -6.525  1.00 6.45  ? 81  TYR A CD1 1 
ATOM   630 C  CD2 . TYR A 1 83  ? -7.565  -4.233  -8.059  1.00 7.21  ? 81  TYR A CD2 1 
ATOM   631 C  CE1 . TYR A 1 83  ? -6.672  -3.915  -5.441  1.00 6.20  ? 81  TYR A CE1 1 
ATOM   632 C  CE2 . TYR A 1 83  ? -8.349  -4.665  -6.990  1.00 7.59  ? 81  TYR A CE2 1 
ATOM   633 C  CZ  . TYR A 1 83  ? -7.889  -4.502  -5.690  1.00 6.96  ? 81  TYR A CZ  1 
ATOM   634 O  OH  . TYR A 1 83  ? -8.665  -4.925  -4.633  1.00 9.24  ? 81  TYR A OH  1 
ATOM   635 N  N   . VAL A 1 84  ? -3.376  -0.909  -9.846  1.00 4.39  ? 82  VAL A N   1 
ATOM   636 C  CA  . VAL A 1 84  ? -2.340  -0.446  -10.768 1.00 4.79  ? 82  VAL A CA  1 
ATOM   637 C  C   . VAL A 1 84  ? -1.074  -1.254  -10.520 1.00 5.56  ? 82  VAL A C   1 
ATOM   638 O  O   . VAL A 1 84  ? -0.740  -1.562  -9.373  1.00 5.31  ? 82  VAL A O   1 
ATOM   639 C  CB  . VAL A 1 84  ? -2.046  1.059   -10.583 1.00 4.77  ? 82  VAL A CB  1 
ATOM   640 C  CG1 . VAL A 1 84  ? -1.047  1.549   -11.618 1.00 3.94  ? 82  VAL A CG1 1 
ATOM   641 C  CG2 . VAL A 1 84  ? -3.339  1.871   -10.662 1.00 5.86  ? 82  VAL A CG2 1 
ATOM   642 N  N   . HIS A 1 85  ? -0.383  -1.622  -11.596 1.00 6.23  ? 83  HIS A N   1 
ATOM   643 C  CA  . HIS A 1 85  ? 0.977   -2.112  -11.464 1.00 6.65  ? 83  HIS A CA  1 
ATOM   644 C  C   . HIS A 1 85  ? 1.907   -1.468  -12.487 1.00 6.44  ? 83  HIS A C   1 
ATOM   645 O  O   . HIS A 1 85  ? 1.601   -1.417  -13.676 1.00 7.19  ? 83  HIS A O   1 
ATOM   646 C  CB  . HIS A 1 85  ? 1.077   -3.631  -11.540 1.00 6.95  ? 83  HIS A CB  1 
ATOM   647 C  CG  . HIS A 1 85  ? 2.477   -4.112  -11.363 1.00 8.53  ? 83  HIS A CG  1 
ATOM   648 N  ND1 . HIS A 1 85  ? 3.094   -4.144  -10.132 1.00 9.04  ? 83  HIS A ND1 1 
ATOM   649 C  CD2 . HIS A 1 85  ? 3.410   -4.489  -12.265 1.00 8.61  ? 83  HIS A CD2 1 
ATOM   650 C  CE1 . HIS A 1 85  ? 4.341   -4.550  -10.281 1.00 8.27  ? 83  HIS A CE1 1 
ATOM   651 N  NE2 . HIS A 1 85  ? 4.560   -4.761  -11.567 1.00 9.71  ? 83  HIS A NE2 1 
ATOM   652 N  N   . HIS A 1 86  ? 3.048   -0.993  -12.000 1.00 6.28  ? 84  HIS A N   1 
ATOM   653 C  CA  . HIS A 1 86  ? 3.998   -0.218  -12.797 1.00 6.91  ? 84  HIS A CA  1 
ATOM   654 C  C   . HIS A 1 86  ? 5.368   -0.269  -12.125 1.00 6.90  ? 84  HIS A C   1 
ATOM   655 O  O   . HIS A 1 86  ? 5.474   -0.590  -10.947 1.00 7.02  ? 84  HIS A O   1 
ATOM   656 C  CB  . HIS A 1 86  ? 3.472   1.222   -12.866 1.00 6.68  ? 84  HIS A CB  1 
ATOM   657 C  CG  . HIS A 1 86  ? 4.271   2.150   -13.736 1.00 7.39  ? 84  HIS A CG  1 
ATOM   658 N  ND1 . HIS A 1 86  ? 5.355   2.858   -13.265 1.00 9.11  ? 84  HIS A ND1 1 
ATOM   659 C  CD2 . HIS A 1 86  ? 4.106   2.536   -15.025 1.00 8.99  ? 84  HIS A CD2 1 
ATOM   660 C  CE1 . HIS A 1 86  ? 5.846   3.613   -14.233 1.00 9.55  ? 84  HIS A CE1 1 
ATOM   661 N  NE2 . HIS A 1 86  ? 5.104   3.435   -15.313 1.00 9.90  ? 84  HIS A NE2 1 
ATOM   662 N  N   . GLN A 1 87  ? 6.415   0.056   -12.884 1.00 7.36  ? 85  GLN A N   1 
ATOM   663 C  CA  . GLN A 1 87  ? 7.768   0.179   -12.350 1.00 7.96  ? 85  GLN A CA  1 
ATOM   664 C  C   . GLN A 1 87  ? 7.863   1.054   -11.088 1.00 7.79  ? 85  GLN A C   1 
ATOM   665 O  O   . GLN A 1 87  ? 8.653   0.770   -10.193 1.00 8.64  ? 85  GLN A O   1 
ATOM   666 C  CB  . GLN A 1 87  ? 8.700   0.723   -13.447 1.00 8.06  ? 85  GLN A CB  1 
ATOM   667 C  CG  . GLN A 1 87  ? 10.184  0.693   -13.108 1.00 9.55  ? 85  GLN A CG  1 
ATOM   668 N  N   . ALA A 1 88  ? 7.058   2.108   -11.011 1.00 8.10  ? 86  ALA A N   1 
ATOM   669 C  CA  . ALA A 1 88  ? 7.092   3.018   -9.865  1.00 8.20  ? 86  ALA A CA  1 
ATOM   670 C  C   . ALA A 1 88  ? 6.703   2.317   -8.561  1.00 8.47  ? 86  ALA A C   1 
ATOM   671 O  O   . ALA A 1 88  ? 7.008   2.812   -7.473  1.00 9.33  ? 86  ALA A O   1 
ATOM   672 C  CB  . ALA A 1 88  ? 6.183   4.226   -10.110 1.00 8.01  ? 86  ALA A CB  1 
ATOM   673 N  N   . LEU A 1 89  ? 6.044   1.169   -8.686  1.00 8.07  ? 87  LEU A N   1 
ATOM   674 C  CA  . LEU A 1 89  ? 5.529   0.423   -7.525  1.00 8.10  ? 87  LEU A CA  1 
ATOM   675 C  C   . LEU A 1 89  ? 6.377   -0.796  -7.175  1.00 8.74  ? 87  LEU A C   1 
ATOM   676 O  O   . LEU A 1 89  ? 6.070   -1.539  -6.225  1.00 8.78  ? 87  LEU A O   1 
ATOM   677 C  CB  . LEU A 1 89  ? 4.095   -0.035  -7.789  1.00 7.58  ? 87  LEU A CB  1 
ATOM   678 C  CG  . LEU A 1 89  ? 3.099   1.092   -8.074  1.00 7.66  ? 87  LEU A CG  1 
ATOM   679 C  CD1 . LEU A 1 89  ? 1.788   0.545   -8.593  1.00 6.45  ? 87  LEU A CD1 1 
ATOM   680 C  CD2 . LEU A 1 89  ? 2.886   1.937   -6.840  1.00 9.54  ? 87  LEU A CD2 1 
ATOM   681 N  N   . LEU A 1 90  ? 7.441   -1.013  -7.938  1.00 9.48  ? 88  LEU A N   1 
ATOM   682 C  CA  . LEU A 1 90  ? 8.227   -2.230  -7.790  1.00 10.68 ? 88  LEU A CA  1 
ATOM   683 C  C   . LEU A 1 90  ? 8.989   -2.262  -6.467  1.00 10.98 ? 88  LEU A C   1 
ATOM   684 O  O   . LEU A 1 90  ? 8.979   -3.282  -5.762  1.00 11.68 ? 88  LEU A O   1 
ATOM   685 C  CB  . LEU A 1 90  ? 9.178   -2.395  -8.981  1.00 10.68 ? 88  LEU A CB  1 
ATOM   686 C  CG  . LEU A 1 90  ? 9.436   -3.842  -9.379  1.00 13.09 ? 88  LEU A CG  1 
ATOM   687 C  CD1 . LEU A 1 90  ? 8.195   -4.431  -10.035 1.00 14.54 ? 88  LEU A CD1 1 
ATOM   688 C  CD2 . LEU A 1 90  ? 10.633  -3.873  -10.339 1.00 14.52 ? 88  LEU A CD2 1 
ATOM   689 N  N   . ASP A 1 91  ? 9.610   -1.138  -6.111  1.00 11.42 ? 89  ASP A N   1 
ATOM   690 C  CA  . ASP A 1 91  ? 10.371  -1.035  -4.862  1.00 12.38 ? 89  ASP A CA  1 
ATOM   691 C  C   . ASP A 1 91  ? 9.535   -1.372  -3.636  1.00 11.70 ? 89  ASP A C   1 
ATOM   692 O  O   . ASP A 1 91  ? 9.907   -2.253  -2.854  1.00 12.16 ? 89  ASP A O   1 
ATOM   693 C  CB  . ASP A 1 91  ? 10.990  0.360   -4.702  1.00 13.22 ? 89  ASP A CB  1 
ATOM   694 C  CG  . ASP A 1 91  ? 12.179  0.581   -5.610  1.00 16.50 ? 89  ASP A CG  1 
ATOM   695 O  OD1 . ASP A 1 91  ? 12.804  -0.416  -6.045  1.00 20.90 ? 89  ASP A OD1 1 
ATOM   696 O  OD2 . ASP A 1 91  ? 12.490  1.762   -5.891  1.00 21.17 ? 89  ASP A OD2 1 
ATOM   697 N  N   . VAL A 1 92  ? 8.406   -0.685  -3.469  1.00 10.91 ? 90  VAL A N   1 
ATOM   698 C  CA  . VAL A 1 92  ? 7.532   -0.922  -2.315  1.00 10.69 ? 90  VAL A CA  1 
ATOM   699 C  C   . VAL A 1 92  ? 6.969   -2.341  -2.283  1.00 9.83  ? 90  VAL A C   1 
ATOM   700 O  O   . VAL A 1 92  ? 6.900   -2.947  -1.210  1.00 9.56  ? 90  VAL A O   1 
ATOM   701 C  CB  . VAL A 1 92  ? 6.370   0.120   -2.174  1.00 10.60 ? 90  VAL A CB  1 
ATOM   702 C  CG1 . VAL A 1 92  ? 6.915   1.486   -1.841  1.00 12.74 ? 90  VAL A CG1 1 
ATOM   703 C  CG2 . VAL A 1 92  ? 5.476   0.168   -3.419  1.00 10.77 ? 90  VAL A CG2 1 
ATOM   704 N  N   . LYS A 1 93  ? 6.574   -2.871  -3.442  1.00 8.68  ? 91  LYS A N   1 
ATOM   705 C  CA  . LYS A 1 93  ? 5.981   -4.209  -3.481  1.00 8.51  ? 91  LYS A CA  1 
ATOM   706 C  C   . LYS A 1 93  ? 7.022   -5.255  -3.085  1.00 8.57  ? 91  LYS A C   1 
ATOM   707 O  O   . LYS A 1 93  ? 6.711   -6.219  -2.383  1.00 8.15  ? 91  LYS A O   1 
ATOM   708 C  CB  . LYS A 1 93  ? 5.403   -4.538  -4.856  1.00 8.07  ? 91  LYS A CB  1 
ATOM   709 C  CG  . LYS A 1 93  ? 4.065   -3.888  -5.132  1.00 7.28  ? 91  LYS A CG  1 
ATOM   710 C  CD  . LYS A 1 93  ? 3.465   -4.382  -6.437  1.00 7.45  ? 91  LYS A CD  1 
ATOM   711 C  CE  . LYS A 1 93  ? 2.073   -3.791  -6.641  1.00 7.60  ? 91  LYS A CE  1 
ATOM   712 N  NZ  . LYS A 1 93  ? 1.376   -4.429  -7.793  1.00 8.71  ? 91  LYS A NZ  1 
ATOM   713 N  N   . ASN A 1 94  ? 8.256   -5.038  -3.518  1.00 9.13  ? 92  ASN A N   1 
ATOM   714 C  CA  . ASN A 1 94  ? 9.341   -5.941  -3.194  1.00 9.63  ? 92  ASN A CA  1 
ATOM   715 C  C   . ASN A 1 94  ? 9.773   -5.933  -1.733  1.00 9.30  ? 92  ASN A C   1 
ATOM   716 O  O   . ASN A 1 94  ? 9.937   -7.004  -1.122  1.00 9.48  ? 92  ASN A O   1 
ATOM   717 C  CB  . ASN A 1 94  ? 10.523  -5.691  -4.126  1.00 10.49 ? 92  ASN A CB  1 
ATOM   718 C  CG  . ASN A 1 94  ? 10.735  -6.835  -5.075  1.00 14.28 ? 92  ASN A CG  1 
ATOM   719 O  OD1 . ASN A 1 94  ? 10.979  -7.970  -4.641  1.00 17.53 ? 92  ASN A OD1 1 
ATOM   720 N  ND2 . ASN A 1 94  ? 10.640  -6.563  -6.372  1.00 18.11 ? 92  ASN A ND2 1 
ATOM   721 N  N   . ILE A 1 95  ? 9.933   -4.736  -1.177  1.00 8.96  ? 93  ILE A N   1 
ATOM   722 C  CA  . ILE A 1 95  ? 10.274  -4.570  0.228   1.00 9.17  ? 93  ILE A CA  1 
ATOM   723 C  C   . ILE A 1 95  ? 9.160   -5.124  1.122   1.00 8.40  ? 93  ILE A C   1 
ATOM   724 O  O   . ILE A 1 95  ? 9.432   -5.786  2.124   1.00 8.80  ? 93  ILE A O   1 
ATOM   725 C  CB  . ILE A 1 95  ? 10.607  -3.105  0.565   1.00 9.25  ? 93  ILE A CB  1 
ATOM   726 C  CG1 . ILE A 1 95  ? 11.880  -2.667  -0.169  1.00 10.68 ? 93  ILE A CG1 1 
ATOM   727 C  CG2 . ILE A 1 95  ? 10.776  -2.911  2.070   1.00 10.87 ? 93  ILE A CG2 1 
ATOM   728 C  CD1 . ILE A 1 95  ? 13.111  -3.492  0.142   1.00 13.09 ? 93  ILE A CD1 1 
ATOM   729 N  N   . ALA A 1 96  ? 7.912   -4.882  0.731   1.00 8.25  ? 94  ALA A N   1 
ATOM   730 C  CA  . ALA A 1 96  ? 6.767   -5.428  1.453   1.00 7.52  ? 94  ALA A CA  1 
ATOM   731 C  C   . ALA A 1 96  ? 6.762   -6.960  1.422   1.00 8.19  ? 94  ALA A C   1 
ATOM   732 O  O   . ALA A 1 96  ? 6.579   -7.599  2.462   1.00 7.96  ? 94  ALA A O   1 
ATOM   733 C  CB  . ALA A 1 96  ? 5.455   -4.861  0.901   1.00 7.30  ? 94  ALA A CB  1 
ATOM   734 N  N   . HIS A 1 97  ? 6.971   -7.536  0.235   1.00 8.13  ? 95  HIS A N   1 
ATOM   735 C  CA  . HIS A 1 97  ? 7.066   -8.996  0.079   1.00 9.31  ? 95  HIS A CA  1 
ATOM   736 C  C   . HIS A 1 97  ? 8.178   -9.591  0.957   1.00 9.55  ? 95  HIS A C   1 
ATOM   737 O  O   . HIS A 1 97  ? 7.970   -10.619 1.609   1.00 9.28  ? 95  HIS A O   1 
ATOM   738 C  CB  . HIS A 1 97  ? 7.274   -9.382  -1.394  1.00 9.34  ? 95  HIS A CB  1 
ATOM   739 C  CG  . HIS A 1 97  ? 6.911   -10.806 -1.705  1.00 11.79 ? 95  HIS A CG  1 
ATOM   740 N  ND1 . HIS A 1 97  ? 7.799   -11.850 -1.542  1.00 12.68 ? 95  HIS A ND1 1 
ATOM   741 C  CD2 . HIS A 1 97  ? 5.770   -11.355 -2.185  1.00 12.53 ? 95  HIS A CD2 1 
ATOM   742 C  CE1 . HIS A 1 97  ? 7.216   -12.981 -1.900  1.00 13.05 ? 95  HIS A CE1 1 
ATOM   743 N  NE2 . HIS A 1 97  ? 5.986   -12.710 -2.296  1.00 14.55 ? 95  HIS A NE2 1 
ATOM   744 N  N   . GLN A 1 98  ? 9.337   -8.935  1.000   1.00 9.85  ? 96  GLN A N   1 
ATOM   745 C  CA  . GLN A 1 98  ? 10.451  -9.433  1.822   1.00 10.45 ? 96  GLN A CA  1 
ATOM   746 C  C   . GLN A 1 98  ? 10.110  -9.419  3.310   1.00 9.96  ? 96  GLN A C   1 
ATOM   747 O  O   . GLN A 1 98  ? 10.458  -10.351 4.051   1.00 9.64  ? 96  GLN A O   1 
ATOM   748 C  CB  . GLN A 1 98  ? 11.729  -8.642  1.569   1.00 11.33 ? 96  GLN A CB  1 
ATOM   749 C  CG  . GLN A 1 98  ? 12.320  -8.857  0.199   1.00 14.61 ? 96  GLN A CG  1 
ATOM   750 C  CD  . GLN A 1 98  ? 13.683  -8.226  0.075   1.00 18.92 ? 96  GLN A CD  1 
ATOM   751 O  OE1 . GLN A 1 98  ? 13.847  -7.197  -0.584  1.00 22.54 ? 96  GLN A OE1 1 
ATOM   752 N  NE2 . GLN A 1 98  ? 14.677  -8.833  0.724   1.00 22.33 ? 96  GLN A NE2 1 
ATOM   753 N  N   . ASN A 1 99  ? 9.412   -8.371  3.741   1.00 9.16  ? 97  ASN A N   1 
ATOM   754 C  CA  . ASN A 1 99  ? 9.010   -8.257  5.136   1.00 8.92  ? 97  ASN A CA  1 
ATOM   755 C  C   . ASN A 1 99  ? 7.927   -9.271  5.509   1.00 8.77  ? 97  ASN A C   1 
ATOM   756 O  O   . ASN A 1 99  ? 7.935   -9.815  6.620   1.00 8.26  ? 97  ASN A O   1 
ATOM   757 C  CB  . ASN A 1 99  ? 8.526   -6.836  5.443   1.00 9.28  ? 97  ASN A CB  1 
ATOM   758 C  CG  . ASN A 1 99  ? 8.230   -6.627  6.924   1.00 10.19 ? 97  ASN A CG  1 
ATOM   759 O  OD1 . ASN A 1 99  ? 7.073   -6.488  7.327   1.00 10.69 ? 97  ASN A OD1 1 
ATOM   760 N  ND2 . ASN A 1 99  ? 9.279   -6.606  7.740   1.00 13.09 ? 97  ASN A ND2 1 
ATOM   761 N  N   . LYS A 1 100 ? 7.021   -9.536  4.566   1.00 8.83  ? 98  LYS A N   1 
ATOM   762 C  CA  . LYS A 1 100 ? 5.873   -10.408 4.798   1.00 8.81  ? 98  LYS A CA  1 
ATOM   763 C  C   . LYS A 1 100 ? 6.237   -11.885 4.786   1.00 9.36  ? 98  LYS A C   1 
ATOM   764 O  O   . LYS A 1 100 ? 5.827   -12.626 5.671   1.00 8.89  ? 98  LYS A O   1 
ATOM   765 C  CB  . LYS A 1 100 ? 4.767   -10.157 3.768   1.00 8.93  ? 98  LYS A CB  1 
ATOM   766 C  CG  . LYS A 1 100 ? 3.432   -10.813 4.104   1.00 8.33  ? 98  LYS A CG  1 
ATOM   767 C  CD  . LYS A 1 100 ? 2.321   -10.369 3.151   1.00 8.06  ? 98  LYS A CD  1 
ATOM   768 C  CE  . LYS A 1 100 ? 1.018   -11.134 3.417   1.00 6.98  ? 98  LYS A CE  1 
ATOM   769 N  NZ  . LYS A 1 100 ? 0.231   -10.637 4.597   1.00 6.68  ? 98  LYS A NZ  1 
ATOM   770 N  N   . PHE A 1 101 ? 7.001   -12.298 3.777   1.00 10.62 ? 99  PHE A N   1 
ATOM   771 C  CA  . PHE A 1 101 ? 7.257   -13.716 3.534   1.00 11.93 ? 99  PHE A CA  1 
ATOM   772 C  C   . PHE A 1 101 ? 8.689   -14.147 3.848   1.00 12.88 ? 99  PHE A C   1 
ATOM   773 O  O   . PHE A 1 101 ? 8.992   -15.345 3.819   1.00 12.84 ? 99  PHE A O   1 
ATOM   774 C  CB  . PHE A 1 101 ? 6.904   -14.089 2.089   1.00 11.82 ? 99  PHE A CB  1 
ATOM   775 C  CG  . PHE A 1 101 ? 5.452   -13.907 1.744   1.00 12.20 ? 99  PHE A CG  1 
ATOM   776 C  CD1 . PHE A 1 101 ? 4.491   -14.822 2.184   1.00 12.55 ? 99  PHE A CD1 1 
ATOM   777 C  CD2 . PHE A 1 101 ? 5.041   -12.821 0.970   1.00 12.67 ? 99  PHE A CD2 1 
ATOM   778 C  CE1 . PHE A 1 101 ? 3.140   -14.654 1.864   1.00 13.08 ? 99  PHE A CE1 1 
ATOM   779 C  CE2 . PHE A 1 101 ? 3.694   -12.648 0.640   1.00 12.79 ? 99  PHE A CE2 1 
ATOM   780 C  CZ  . PHE A 1 101 ? 2.742   -13.567 1.090   1.00 12.66 ? 99  PHE A CZ  1 
ATOM   781 N  N   . GLY A 1 102 ? 9.560   -13.191 4.160   1.00 13.94 ? 100 GLY A N   1 
ATOM   782 C  CA  . GLY A 1 102 ? 10.972  -13.480 4.400   1.00 16.32 ? 100 GLY A CA  1 
ATOM   783 C  C   . GLY A 1 102 ? 11.763  -13.535 3.104   1.00 17.74 ? 100 GLY A C   1 
ATOM   784 O  O   . GLY A 1 102 ? 11.218  -13.294 2.025   1.00 18.07 ? 100 GLY A O   1 
ATOM   785 N  N   . GLU A 1 103 ? 13.047  -13.870 3.204   1.00 19.10 ? 101 GLU A N   1 
ATOM   786 C  CA  . GLU A 1 103 ? 13.926  -13.862 2.034   1.00 20.36 ? 101 GLU A CA  1 
ATOM   787 C  C   . GLU A 1 103 ? 13.960  -15.199 1.280   1.00 20.81 ? 101 GLU A C   1 
ATOM   788 O  O   . GLU A 1 103 ? 14.246  -15.221 0.077   1.00 21.32 ? 101 GLU A O   1 
ATOM   789 C  CB  . GLU A 1 103 ? 15.338  -13.399 2.417   1.00 20.42 ? 101 GLU A CB  1 
ATOM   790 C  CG  . GLU A 1 103 ? 15.447  -11.896 2.675   1.00 21.50 ? 101 GLU A CG  1 
ATOM   791 N  N   . ASP A 1 104 ? 13.645  -16.294 1.975   1.00 21.05 ? 102 ASP A N   1 
ATOM   792 C  CA  . ASP A 1 104 ? 13.699  -17.652 1.402   1.00 21.31 ? 102 ASP A CA  1 
ATOM   793 C  C   . ASP A 1 104 ? 12.465  -17.964 0.534   1.00 20.97 ? 102 ASP A C   1 
ATOM   794 O  O   . ASP A 1 104 ? 11.707  -18.897 0.815   1.00 21.43 ? 102 ASP A O   1 
ATOM   795 C  CB  . ASP A 1 104 ? 13.877  -18.689 2.530   1.00 21.77 ? 102 ASP A CB  1 
ATOM   796 C  CG  . ASP A 1 104 ? 13.988  -20.130 2.017   1.00 23.13 ? 102 ASP A CG  1 
ATOM   797 O  OD1 . ASP A 1 104 ? 14.394  -20.342 0.852   1.00 25.39 ? 102 ASP A OD1 1 
ATOM   798 O  OD2 . ASP A 1 104 ? 13.666  -21.061 2.791   1.00 25.11 ? 102 ASP A OD2 1 
ATOM   799 N  N   . MET A 1 105 ? 12.276  -17.174 -0.522  1.00 20.29 ? 103 MET A N   1 
ATOM   800 C  CA  . MET A 1 105 ? 11.101  -17.285 -1.395  1.00 19.61 ? 103 MET A CA  1 
ATOM   801 C  C   . MET A 1 105 ? 11.516  -17.421 -2.863  1.00 18.84 ? 103 MET A C   1 
ATOM   802 O  O   . MET A 1 105 ? 12.555  -16.894 -3.255  1.00 19.26 ? 103 MET A O   1 
ATOM   803 C  CB  . MET A 1 105 ? 10.193  -16.054 -1.231  1.00 19.40 ? 103 MET A CB  1 
ATOM   804 C  CG  . MET A 1 105 ? 9.551   -15.886 0.151   1.00 19.63 ? 103 MET A CG  1 
ATOM   805 S  SD  . MET A 1 105 ? 8.449   -17.226 0.702   1.00 19.85 ? 103 MET A SD  1 
ATOM   806 C  CE  . MET A 1 105 ? 7.061   -17.075 -0.425  1.00 20.50 ? 103 MET A CE  1 
ATOM   807 N  N   . PRO A 1 106 ? 10.698  -18.111 -3.687  1.00 18.19 ? 104 PRO A N   1 
ATOM   808 C  CA  . PRO A 1 106 ? 11.015  -18.260 -5.115  1.00 17.79 ? 104 PRO A CA  1 
ATOM   809 C  C   . PRO A 1 106 ? 10.726  -17.011 -5.957  1.00 17.54 ? 104 PRO A C   1 
ATOM   810 O  O   . PRO A 1 106 ? 11.119  -16.953 -7.123  1.00 16.79 ? 104 PRO A O   1 
ATOM   811 C  CB  . PRO A 1 106 ? 10.102  -19.411 -5.557  1.00 17.85 ? 104 PRO A CB  1 
ATOM   812 C  CG  . PRO A 1 106 ? 8.927   -19.325 -4.645  1.00 17.97 ? 104 PRO A CG  1 
ATOM   813 C  CD  . PRO A 1 106 ? 9.443   -18.800 -3.327  1.00 18.24 ? 104 PRO A CD  1 
ATOM   814 N  N   . HIS A 1 107 ? 10.048  -16.033 -5.359  1.00 17.31 ? 105 HIS A N   1 
ATOM   815 C  CA  . HIS A 1 107 ? 9.625   -14.815 -6.047  1.00 17.59 ? 105 HIS A CA  1 
ATOM   816 C  C   . HIS A 1 107 ? 10.804  -13.880 -6.358  1.00 17.48 ? 105 HIS A C   1 
ATOM   817 O  O   . HIS A 1 107 ? 11.546  -13.509 -5.443  1.00 17.46 ? 105 HIS A O   1 
ATOM   818 C  CB  . HIS A 1 107 ? 8.590   -14.089 -5.183  1.00 17.38 ? 105 HIS A CB  1 
ATOM   819 C  CG  . HIS A 1 107 ? 7.377   -14.914 -4.882  1.00 18.50 ? 105 HIS A CG  1 
ATOM   820 N  ND1 . HIS A 1 107 ? 7.386   -15.943 -3.963  1.00 18.09 ? 105 HIS A ND1 1 
ATOM   821 C  CD2 . HIS A 1 107 ? 6.122   -14.872 -5.389  1.00 19.33 ? 105 HIS A CD2 1 
ATOM   822 C  CE1 . HIS A 1 107 ? 6.186   -16.497 -3.916  1.00 19.11 ? 105 HIS A CE1 1 
ATOM   823 N  NE2 . HIS A 1 107 ? 5.401   -15.864 -4.769  1.00 18.79 ? 105 HIS A NE2 1 
ATOM   824 N  N   . PRO A 1 108 ? 10.986  -13.503 -7.648  1.00 17.68 ? 106 PRO A N   1 
ATOM   825 C  CA  . PRO A 1 108 ? 12.069  -12.599 -8.054  1.00 18.48 ? 106 PRO A CA  1 
ATOM   826 C  C   . PRO A 1 108 ? 12.082  -11.281 -7.290  1.00 19.66 ? 106 PRO A C   1 
ATOM   827 O  O   . PRO A 1 108 ? 11.082  -10.560 -7.278  1.00 19.91 ? 106 PRO A O   1 
ATOM   828 C  CB  . PRO A 1 108 ? 11.793  -12.353 -9.541  1.00 18.07 ? 106 PRO A CB  1 
ATOM   829 C  CG  . PRO A 1 108 ? 11.034  -13.528 -9.988  1.00 17.66 ? 106 PRO A CG  1 
ATOM   830 C  CD  . PRO A 1 108 ? 10.196  -13.952 -8.810  1.00 17.39 ? 106 PRO A CD  1 
ATOM   831 N  N   . HIS A 1 109 ? 13.207  -10.984 -6.647  1.00 20.83 ? 107 HIS A N   1 
ATOM   832 C  CA  . HIS A 1 109 ? 13.356  -9.741  -5.901  1.00 21.84 ? 107 HIS A CA  1 
ATOM   833 C  C   . HIS A 1 109 ? 13.986  -8.647  -6.762  1.00 21.93 ? 107 HIS A C   1 
ATOM   834 O  O   . HIS A 1 109 ? 14.088  -7.498  -6.336  1.00 22.63 ? 107 HIS A O   1 
ATOM   835 C  CB  . HIS A 1 109 ? 14.152  -9.956  -4.607  1.00 22.16 ? 107 HIS A CB  1 
ATOM   836 C  CG  . HIS A 1 109 ? 15.510  -10.554 -4.814  1.00 23.79 ? 107 HIS A CG  1 
ATOM   837 N  ND1 . HIS A 1 109 ? 16.541  -9.873  -5.425  1.00 25.03 ? 107 HIS A ND1 1 
ATOM   838 C  CD2 . HIS A 1 109 ? 16.012  -11.763 -4.468  1.00 25.15 ? 107 HIS A CD2 1 
ATOM   839 C  CE1 . HIS A 1 109 ? 17.616  -10.642 -5.462  1.00 25.84 ? 107 HIS A CE1 1 
ATOM   840 N  NE2 . HIS A 1 109 ? 17.321  -11.794 -4.886  1.00 26.45 ? 107 HIS A NE2 1 
HETATM 841 ZN ZN  . ZN  B 2 .   ? -1.091  9.344   2.865   1.00 7.72  ? 201 ZN  A ZN  1 
HETATM 842 ZN ZN  . ZN  C 2 .   ? -8.830  1.444   11.467  1.00 7.63  ? 202 ZN  A ZN  1 
HETATM 843 ZN ZN  . ZN  D 2 .   ? -4.912  6.845   -10.424 1.00 6.39  ? 203 ZN  A ZN  1 
HETATM 844 O  O   . HOH E 3 .   ? -10.487 1.958   4.106   1.00 6.89  ? 204 HOH A O   1 
HETATM 845 O  O   . HOH E 3 .   ? -9.748  1.064   1.550   1.00 8.65  ? 205 HOH A O   1 
HETATM 846 O  O   . HOH E 3 .   ? 6.174   0.086   -15.772 1.00 8.58  ? 206 HOH A O   1 
HETATM 847 O  O   . HOH E 3 .   ? -0.004  -8.348  8.552   1.00 7.17  ? 207 HOH A O   1 
HETATM 848 O  O   . HOH E 3 .   ? -5.738  -9.171  7.664   1.00 15.19 ? 208 HOH A O   1 
HETATM 849 O  O   . HOH E 3 .   ? -1.348  -3.786  -8.045  1.00 6.13  ? 209 HOH A O   1 
HETATM 850 O  O   . HOH E 3 .   ? -1.828  13.148  -10.203 1.00 9.59  ? 210 HOH A O   1 
HETATM 851 O  O   . HOH E 3 .   ? -0.316  7.577   -2.847  1.00 9.29  ? 211 HOH A O   1 
HETATM 852 O  O   . HOH E 3 .   ? -0.959  -4.742  9.090   1.00 8.30  ? 212 HOH A O   1 
HETATM 853 O  O   . HOH E 3 .   ? -3.162  -6.067  8.155   1.00 6.46  ? 213 HOH A O   1 
HETATM 854 O  O   . HOH E 3 .   ? 6.284   -9.730  8.709   1.00 10.80 ? 214 HOH A O   1 
HETATM 855 O  O   . HOH E 3 .   ? 3.496   -0.766  -16.225 1.00 7.67  ? 215 HOH A O   1 
HETATM 856 O  O   . HOH E 3 .   ? 4.516   -0.081  7.357   1.00 6.75  ? 216 HOH A O   1 
HETATM 857 O  O   . HOH E 3 .   ? -0.230  15.774  0.850   1.00 12.13 ? 217 HOH A O   1 
HETATM 858 O  O   . HOH E 3 .   ? 1.605   9.265   -13.102 1.00 7.21  ? 218 HOH A O   1 
HETATM 859 O  O   . HOH E 3 .   ? -1.991  -8.400  6.556   1.00 15.55 ? 219 HOH A O   1 
HETATM 860 O  O   . HOH E 3 .   ? -7.191  -6.118  15.967  1.00 10.73 ? 220 HOH A O   1 
HETATM 861 O  O   . HOH E 3 .   ? -1.272  -7.671  11.014  1.00 8.23  ? 221 HOH A O   1 
HETATM 862 O  O   . HOH E 3 .   ? -10.944 -4.182  3.665   1.00 15.04 ? 222 HOH A O   1 
HETATM 863 O  O   . HOH E 3 .   ? 6.473   8.508   -8.180  1.00 23.45 ? 223 HOH A O   1 
HETATM 864 O  O   . HOH E 3 .   ? -0.078  2.801   12.160  1.00 10.42 ? 224 HOH A O   1 
HETATM 865 O  O   . HOH E 3 .   ? 11.676  -5.665  3.897   1.00 14.19 ? 225 HOH A O   1 
HETATM 866 O  O   . HOH E 3 .   ? 5.536   5.161   -17.626 1.00 13.02 ? 226 HOH A O   1 
HETATM 867 O  O   . HOH E 3 .   ? -11.237 12.558  8.987   1.00 14.44 ? 227 HOH A O   1 
HETATM 868 O  O   . HOH E 3 .   ? 8.044   1.827   -5.155  1.00 11.78 ? 228 HOH A O   1 
HETATM 869 O  O   . HOH E 3 .   ? 9.201   8.146   -5.609  1.00 21.30 ? 229 HOH A O   1 
HETATM 870 O  O   . HOH E 3 .   ? -13.116 7.860   -6.395  1.00 16.32 ? 230 HOH A O   1 
HETATM 871 O  O   . HOH E 3 .   ? -7.973  7.911   8.624   1.00 15.24 ? 231 HOH A O   1 
HETATM 872 O  O   . HOH E 3 .   ? 5.438   -8.335  13.962  1.00 16.69 ? 232 HOH A O   1 
HETATM 873 O  O   . HOH E 3 .   ? -14.483 5.308   5.556   1.00 15.39 ? 233 HOH A O   1 
HETATM 874 O  O   . HOH E 3 .   ? 8.648   4.209   -3.842  1.00 18.58 ? 234 HOH A O   1 
HETATM 875 O  O   . HOH E 3 .   ? 6.928   -14.475 7.279   1.00 9.42  ? 235 HOH A O   1 
HETATM 876 O  O   . HOH E 3 .   ? -15.962 -4.717  10.582  1.00 17.52 ? 236 HOH A O   1 
HETATM 877 O  O   . HOH E 3 .   ? 3.695   10.533  7.256   1.00 15.20 ? 237 HOH A O   1 
HETATM 878 O  O   . HOH E 3 .   ? -13.041 9.111   1.471   1.00 18.48 ? 238 HOH A O   1 
HETATM 879 O  O   . HOH E 3 .   ? -8.380  -2.781  -11.404 1.00 19.61 ? 239 HOH A O   1 
HETATM 880 O  O   . HOH E 3 .   ? -1.379  7.144   11.666  1.00 14.75 ? 240 HOH A O   1 
HETATM 881 O  O   . HOH E 3 .   ? -8.392  16.164  1.414   1.00 8.60  ? 241 HOH A O   1 
HETATM 882 O  O   . HOH E 3 .   ? -7.029  13.115  -10.204 1.00 16.77 ? 242 HOH A O   1 
HETATM 883 O  O   . HOH E 3 .   ? -9.095  -4.319  17.166  1.00 20.60 ? 243 HOH A O   1 
HETATM 884 O  O   . HOH E 3 .   ? -3.296  15.137  -2.256  1.00 17.25 ? 244 HOH A O   1 
HETATM 885 O  O   . HOH E 3 .   ? -9.493  -10.531 8.438   1.00 15.27 ? 245 HOH A O   1 
HETATM 886 O  O   . HOH E 3 .   ? 13.529  -2.173  8.609   1.00 23.71 ? 246 HOH A O   1 
HETATM 887 O  O   . HOH E 3 .   ? -5.933  10.039  7.898   1.00 15.54 ? 247 HOH A O   1 
HETATM 888 O  O   . HOH E 3 .   ? -3.526  -4.148  17.603  1.00 14.16 ? 248 HOH A O   1 
HETATM 889 O  O   . HOH E 3 .   ? 5.133   2.508   6.794   1.00 13.67 ? 249 HOH A O   1 
HETATM 890 O  O   . HOH E 3 .   ? 0.142   5.042   10.511  1.00 13.97 ? 250 HOH A O   1 
HETATM 891 O  O   . HOH E 3 .   ? -2.995  -5.846  -8.647  1.00 10.92 ? 251 HOH A O   1 
HETATM 892 O  O   . HOH E 3 .   ? 4.082   14.265  -7.098  1.00 16.58 ? 252 HOH A O   1 
HETATM 893 O  O   . HOH E 3 .   ? 10.395  -12.348 -0.589  1.00 19.01 ? 253 HOH A O   1 
HETATM 894 O  O   . HOH E 3 .   ? 10.449  -8.248  -8.366  1.00 22.44 ? 254 HOH A O   1 
HETATM 895 O  O   . HOH E 3 .   ? -2.123  -12.069 4.604   1.00 18.26 ? 255 HOH A O   1 
HETATM 896 O  O   . HOH E 3 .   ? 13.331  5.966   6.808   1.00 30.80 ? 256 HOH A O   1 
HETATM 897 O  O   . HOH E 3 .   ? -3.008  11.723  8.704   1.00 21.32 ? 257 HOH A O   1 
HETATM 898 O  O   . HOH E 3 .   ? 10.178  1.152   -7.975  1.00 17.17 ? 258 HOH A O   1 
HETATM 899 O  O   . HOH E 3 .   ? -10.685 -3.432  0.999   1.00 21.21 ? 259 HOH A O   1 
HETATM 900 O  O   . HOH E 3 .   ? 10.818  -17.087 3.560   1.00 21.55 ? 260 HOH A O   1 
HETATM 901 O  O   . HOH E 3 .   ? 11.290  -3.350  5.370   1.00 21.38 ? 261 HOH A O   1 
HETATM 902 O  O   . HOH E 3 .   ? 0.766   -7.063  -7.368  1.00 23.13 ? 262 HOH A O   1 
HETATM 903 O  O   . HOH E 3 .   ? -7.889  -5.840  -2.207  1.00 22.83 ? 263 HOH A O   1 
HETATM 904 O  O   . HOH E 3 .   ? 3.282   -4.380  14.318  1.00 23.85 ? 264 HOH A O   1 
HETATM 905 O  O   . HOH E 3 .   ? -6.353  -6.531  -0.063  1.00 24.98 ? 265 HOH A O   1 
HETATM 906 O  O   . HOH E 3 .   ? 7.557   -2.224  -16.334 1.00 14.15 ? 266 HOH A O   1 
HETATM 907 O  O   . HOH E 3 .   ? -5.112  -5.148  3.046   1.00 18.14 ? 267 HOH A O   1 
HETATM 908 O  O   . HOH E 3 .   ? 6.836   -7.302  10.016  1.00 20.69 ? 268 HOH A O   1 
HETATM 909 O  O   . HOH E 3 .   ? 5.621   -5.786  15.569  1.00 22.71 ? 269 HOH A O   1 
HETATM 910 O  O   . HOH E 3 .   ? 18.014  1.307   5.542   1.00 19.58 ? 270 HOH A O   1 
HETATM 911 O  O   . HOH E 3 .   ? -15.135 -3.286  12.446  1.00 21.46 ? 271 HOH A O   1 
HETATM 912 O  O   . HOH E 3 .   ? 3.878   4.691   9.527   1.00 15.57 ? 272 HOH A O   1 
HETATM 913 O  O   . HOH E 3 .   ? 8.570   5.029   -7.146  1.00 23.91 ? 273 HOH A O   1 
HETATM 914 O  O   . HOH E 3 .   ? 3.639   -14.645 -2.079  1.00 28.85 ? 274 HOH A O   1 
HETATM 915 O  O   . HOH E 3 .   ? 7.581   2.055   -17.261 1.00 18.66 ? 275 HOH A O   1 
HETATM 916 O  O   . HOH E 3 .   ? -11.257 -1.089  -11.507 1.00 25.41 ? 276 HOH A O   1 
HETATM 917 O  O   . HOH E 3 .   ? -8.374  -8.360  15.148  1.00 15.90 ? 277 HOH A O   1 
HETATM 918 O  O   . HOH E 3 .   ? -13.654 11.233  -0.113  1.00 16.80 ? 278 HOH A O   1 
HETATM 919 O  O   . HOH E 3 .   ? 4.152   8.458   -14.216 1.00 20.43 ? 279 HOH A O   1 
HETATM 920 O  O   . HOH E 3 .   ? 7.039   12.051  -8.945  1.00 26.22 ? 280 HOH A O   1 
HETATM 921 O  O   . HOH E 3 .   ? -10.292 10.463  -11.389 1.00 21.90 ? 281 HOH A O   1 
HETATM 922 O  O   . HOH E 3 .   ? 0.982   11.732  -14.295 1.00 25.87 ? 282 HOH A O   1 
HETATM 923 O  O   . HOH E 3 .   ? 5.477   7.669   7.526   1.00 23.34 ? 283 HOH A O   1 
HETATM 924 O  O   . HOH E 3 .   ? 9.887   -5.365  10.780  1.00 32.83 ? 284 HOH A O   1 
HETATM 925 O  O   . HOH E 3 .   ? -14.033 5.505   12.202  1.00 29.93 ? 285 HOH A O   1 
HETATM 926 O  O   . HOH E 3 .   ? -5.730  16.146  6.666   1.00 27.55 ? 286 HOH A O   1 
HETATM 927 O  O   . HOH E 3 .   ? 10.691  3.392   -11.341 1.00 32.70 ? 287 HOH A O   1 
HETATM 928 O  O   . HOH E 3 .   ? -2.071  7.801   15.774  1.00 27.85 ? 288 HOH A O   1 
HETATM 929 O  O   . HOH E 3 .   ? 7.235   -6.043  12.675  1.00 27.04 ? 289 HOH A O   1 
HETATM 930 O  O   . HOH E 3 .   ? -8.591  8.994   -12.817 1.00 8.61  ? 290 HOH A O   1 
HETATM 931 O  O   . HOH E 3 .   ? 9.991   -8.885  -10.761 1.00 24.31 ? 291 HOH A O   1 
HETATM 932 O  O   . HOH E 3 .   ? 13.596  -14.367 -3.314  1.00 25.59 ? 292 HOH A O   1 
HETATM 933 O  O   . HOH E 3 .   ? -5.819  9.658   11.093  1.00 29.71 ? 293 HOH A O   1 
HETATM 934 O  O   . HOH E 3 .   ? 2.521   -7.614  -5.438  1.00 28.55 ? 294 HOH A O   1 
HETATM 935 O  O   . HOH E 3 .   ? -13.176 2.900   14.640  1.00 27.10 ? 295 HOH A O   1 
HETATM 936 O  O   . HOH E 3 .   ? 13.090  -3.288  -5.896  1.00 27.96 ? 296 HOH A O   1 
HETATM 937 O  O   . HOH E 3 .   ? -17.042 -2.237  7.033   1.00 22.08 ? 297 HOH A O   1 
HETATM 938 O  O   . HOH E 3 .   ? 15.622  -6.943  -9.007  1.00 34.64 ? 298 HOH A O   1 
HETATM 939 O  O   . HOH E 3 .   ? -1.074  -12.671 -0.307  1.00 34.58 ? 299 HOH A O   1 
HETATM 940 O  O   . HOH E 3 .   ? 13.550  -20.169 5.571   1.00 39.67 ? 300 HOH A O   1 
HETATM 941 O  O   . HOH E 3 .   ? -9.466  -0.806  -14.841 1.00 26.39 ? 301 HOH A O   1 
HETATM 942 O  O   . HOH E 3 .   ? 9.321   4.703   -13.076 1.00 37.49 ? 302 HOH A O   1 
HETATM 943 O  O   . HOH E 3 .   ? 0.268   3.104   14.843  1.00 31.40 ? 303 HOH A O   1 
HETATM 944 O  O   . HOH E 3 .   ? 14.562  6.374   1.325   1.00 23.42 ? 304 HOH A O   1 
HETATM 945 O  O   . HOH E 3 .   ? -16.910 0.467   11.097  1.00 28.50 ? 305 HOH A O   1 
HETATM 946 O  O   . HOH E 3 .   ? 12.378  -6.711  9.428   1.00 31.94 ? 306 HOH A O   1 
HETATM 947 O  O   . HOH E 3 .   ? 8.879   -2.632  -13.941 1.00 28.49 ? 307 HOH A O   1 
HETATM 948 O  O   . HOH E 3 .   ? 12.704  -9.951  5.823   1.00 27.47 ? 308 HOH A O   1 
HETATM 949 O  O   . HOH E 3 .   ? -7.163  -11.523 -0.641  1.00 21.78 ? 309 HOH A O   1 
HETATM 950 O  O   . HOH E 3 .   ? -5.219  -6.675  -9.724  1.00 34.70 ? 310 HOH A O   1 
HETATM 951 O  O   . HOH E 3 .   ? -7.758  -5.238  2.356   1.00 23.75 ? 311 HOH A O   1 
HETATM 952 O  O   . HOH E 3 .   ? -4.627  7.418   0.735   1.00 21.31 ? 312 HOH A O   1 
HETATM 953 O  O   . HOH E 3 .   ? 5.982   2.860   9.862   1.00 27.02 ? 313 HOH A O   1 
HETATM 954 O  O   . HOH E 3 .   ? 8.280   6.904   -11.992 1.00 35.36 ? 314 HOH A O   1 
HETATM 955 O  O   . HOH E 3 .   ? -7.635  -8.955  -0.112  1.00 24.88 ? 315 HOH A O   1 
HETATM 956 O  O   . HOH E 3 .   ? 16.219  -4.394  -8.271  1.00 27.58 ? 316 HOH A O   1 
HETATM 957 O  O   . HOH E 3 .   ? 11.982  -7.120  6.162   1.00 26.61 ? 317 HOH A O   1 
HETATM 958 O  O   . HOH E 3 .   ? 3.868   10.681  -16.742 1.00 43.73 ? 318 HOH A O   1 
HETATM 959 O  O   . HOH E 3 .   ? -11.970 10.163  -9.289  1.00 33.34 ? 319 HOH A O   1 
HETATM 960 O  O   . HOH E 3 .   ? 8.993   4.383   -15.831 1.00 33.28 ? 320 HOH A O   1 
HETATM 961 O  O   . HOH E 3 .   ? -0.885  -11.910 -4.741  1.00 38.90 ? 321 HOH A O   1 
HETATM 962 O  O   . HOH E 3 .   ? -4.030  17.476  1.022   1.00 22.53 ? 322 HOH A O   1 
HETATM 963 O  O   . HOH E 3 .   ? -17.413 -1.972  10.042  1.00 39.48 ? 323 HOH A O   1 
HETATM 964 O  O   . HOH E 3 .   ? -14.439 7.783   4.025   1.00 36.07 ? 324 HOH A O   1 
HETATM 965 O  O   . HOH E 3 .   ? -9.901  1.995   -15.305 1.00 29.35 ? 325 HOH A O   1 
HETATM 966 O  O   . HOH E 3 .   ? 5.931   3.541   12.396  1.00 40.82 ? 326 HOH A O   1 
HETATM 967 O  O   . HOH E 3 .   ? 13.688  0.426   2.209   1.00 31.54 ? 327 HOH A O   1 
HETATM 968 O  O   . HOH E 3 .   ? 17.649  -7.717  -6.844  1.00 29.14 ? 328 HOH A O   1 
HETATM 969 O  O   . HOH E 3 .   ? 8.730   -5.255  15.075  1.00 35.02 ? 329 HOH A O   1 
HETATM 970 O  O   . HOH E 3 .   ? -11.011 8.189   -13.848 1.00 32.17 ? 330 HOH A O   1 
HETATM 971 O  O   . HOH E 3 .   ? 9.869   -3.455  9.019   1.00 25.67 ? 331 HOH A O   1 
HETATM 972 O  O   . HOH E 3 .   ? 6.536   6.555   10.809  1.00 33.85 ? 332 HOH A O   1 
HETATM 973 O  O   . HOH E 3 .   ? -12.757 7.096   -11.495 1.00 33.90 ? 333 HOH A O   1 
HETATM 974 O  O   . HOH E 3 .   ? 3.567   4.637   13.172  1.00 36.59 ? 334 HOH A O   1 
HETATM 975 O  O   . HOH E 3 .   ? -9.381  -7.360  1.216   1.00 29.18 ? 335 HOH A O   1 
HETATM 976 O  O   . HOH E 3 .   ? 7.811   2.757   7.642   1.00 31.77 ? 336 HOH A O   1 
HETATM 977 O  O   . HOH E 3 .   ? 9.446   -14.376 8.075   1.00 28.90 ? 337 HOH A O   1 
HETATM 978 O  O   . HOH E 3 .   ? 13.954  -14.112 5.836   1.00 43.03 ? 338 HOH A O   1 
HETATM 979 O  O   . HOH E 3 .   ? 10.980  3.662   -7.921  1.00 31.17 ? 339 HOH A O   1 
HETATM 980 O  O   . HOH E 3 .   ? -12.649 6.806   14.001  1.00 32.81 ? 340 HOH A O   1 
HETATM 981 O  O   . HOH E 3 .   ? 9.870   -11.674 7.152   1.00 39.65 ? 341 HOH A O   1 
HETATM 982 O  O   . HOH E 3 .   ? 2.535   6.249   11.366  1.00 28.85 ? 342 HOH A O   1 
HETATM 983 O  O   . HOH E 3 .   ? 15.017  7.165   3.881   1.00 29.36 ? 343 HOH A O   1 
HETATM 984 O  O   . HOH E 3 .   ? 7.500   -8.455  12.416  1.00 21.55 ? 344 HOH A O   1 
HETATM 985 O  O   . HOH E 3 .   ? -10.810 8.193   12.174  1.00 33.45 ? 345 HOH A O   1 
HETATM 986 O  O   . HOH E 3 .   ? 4.124   7.503   9.780   1.00 26.14 ? 346 HOH A O   1 
HETATM 987 O  O   . HOH E 3 .   ? -12.538 1.759   -13.385 1.00 35.20 ? 347 HOH A O   1 
HETATM 988 O  O   . HOH E 3 .   ? 11.851  4.164   -3.375  1.00 28.24 ? 348 HOH A O   1 
HETATM 989 O  O   . HOH E 3 .   ? -9.428  13.028  -10.273 1.00 20.14 ? 349 HOH A O   1 
HETATM 990 O  O   . HOH E 3 .   ? -5.747  -10.656 10.177  1.00 23.29 ? 350 HOH A O   1 
HETATM 991 O  O   . HOH E 3 .   ? 12.849  -7.520  -2.890  1.00 41.55 ? 351 HOH A O   1 
HETATM 992 O  O   . HOH E 3 .   ? -15.078 2.619   -11.361 1.00 36.73 ? 352 HOH A O   1 
HETATM 993 O  O   . HOH E 3 .   ? 5.830   8.084   -12.040 1.00 37.90 ? 353 HOH A O   1 
HETATM 994 O  O   . HOH E 3 .   ? -2.133  -9.541  -5.276  1.00 35.66 ? 354 HOH A O   1 
HETATM 995 O  O   . HOH E 3 .   ? 13.403  -3.236  -8.551  1.00 37.83 ? 355 HOH A O   1 
HETATM 996 O  O   . HOH E 3 .   ? 14.044  -1.934  4.202   1.00 33.49 ? 356 HOH A O   1 
HETATM 997 O  O   . HOH E 3 .   ? 2.746   -13.565 -4.901  1.00 42.69 ? 357 HOH A O   1 
HETATM 998 O  O   . HOH E 3 .   ? 5.075   2.775   -18.885 1.00 34.44 ? 358 HOH A O   1 
HETATM 999 O  O   . HOH E 3 .   ? 12.398  -0.090  -8.782  1.00 41.25 ? 359 HOH A O   1 
# 
